data_7Q1U
#
_entry.id   7Q1U
#
_cell.length_a   1.00
_cell.length_b   1.00
_cell.length_c   1.00
_cell.angle_alpha   90.00
_cell.angle_beta   90.00
_cell.angle_gamma   90.00
#
_symmetry.space_group_name_H-M   'P 1'
#
loop_
_entity.id
_entity.type
_entity.pdbx_description
1 polymer 'Protein-cysteine N-palmitoyltransferase HHAT'
2 polymer 'Megabody 177'
3 non-polymer CHOLESTEROL
4 non-polymer 'PROTOPORPHYRIN IX CONTAINING FE'
5 non-polymer '[[(2~{R},3~{S},4~{R},5~{R})-5-(6-aminopurin-9-yl)-4-oxidanyl-3-phosphonooxy-oxolan-2-yl]methoxy-oxidanyl-phosphoryl] [(3~{S})-4-[[3-(2-hexadecylsulfanylethylamino)-3-oxidanylidene-propyl]amino]-2,2-dimethyl-3-oxidanyl-4-oxidanylidene-butyl] hydrogen phosphate'
6 non-polymer 'MAGNESIUM ION'
7 non-polymer 'PALMITIC ACID'
#
loop_
_entity_poly.entity_id
_entity_poly.type
_entity_poly.pdbx_seq_one_letter_code
_entity_poly.pdbx_strand_id
1 'polypeptide(L)'
;MLPRWELALYLLASLGFHFYSFYEVYKVSREHEEELDQEFELETDTLFGGLKKDATDFEWSFWMEWGKQWLVWLLLGHMV
VSQMATLLARKHRPWILMLYGMWACWCVLGTPGVAMVLLHTTISFCVAQFRSQLLTWLCSLLLLSTLRLQGVEEVKRRWY
KTENEYYLLQFTLTVRCLYYTNFSLELCWQQLPAASTSYSFPWMLAYVFYYPVLHNGPILSFSEFIKQMQQQEHDSLKAS
LCVLALGLGRLLCWWWLAELMAHLMYMHAIYSSIPLLETVSCWTLGGLALAQVLFFYVKYLVLFGVPALLMRLDGLTPPA
LPRCVSTMFSFTGMWRYFDVGLHNFLIRYVYIPVGGSQHGLLGTLFSTAMTFAFVSYWHGGYDYLW(P1L)WAALNWLGV
TVENGVRRLVETPCIQDSLARYFSPQARRRFHAALASCSTSMLILSNLVFLGGNEVGKTYWNRIFIQGWPWVTLSVLGFL
YCYSHVGIAWAQTYATDGTETSQVAPA
;
A
2 'polypeptide(L)'
;MKYLLPTAAAGLLLLAAQPAMAQVQLVESGGGLVKEETQSGLNNYARVVEKGQYDSLEIPAQVAASWESGRDDAAVFGFI
DKEQLDKYVANGGKRSDWTVKFAENRSQDGTLLGYSLLQESVDQASYMYSDNHYLAEMATILGKPEEAKRYRQLAQQLAD
YINTCMFDPTTQFYYDVRIEDKPLANGCAGKPIVERGKGPEGWSPLFNGAATQANADAVVKVMLDPKEFNTFVPLGTAAL
TNPAFGADIYWRGRVWVDQFWFGLKGMERYGYRDDALKLADTFFRHAKGLTADGPIQENYNPLTGAQQGAPNFSWSAAHL
YMLYNDFFRKQASGGGSGGGGSGGGGSGNADNYKNVINRTGAPQYMKDYDYDDHQRFNPFFDLGAWHGHLLPDGPNTMGG
FPGVALLTEEYINFMASNFDRLTVWQDGKKVDFTLEAYSIPGALVQKLTAKDVQVEMTLRFATPRTSLLETKITSNKPLD
LVWDGELLEKLEAKEGKPLSDKTIAGEYPDYQRKISATRDGLKVTFGKVRATWDLLTSGESEYQVHKSLPVQTEINGNRF
TSKAHINGSTTLYTTYSHLLTAQEVSKEQMQIRDILARPAFYLTASQQRWEEYLKKGLTNPDATPEQTRVAVKAIETLNG
NWRSPGGAVKFNTVTPSVTGRWFSGNQTWPWDTWKQAFAMAHFNPDIAKENIRAVFSWQIQPGDSVRPQDVGFVPDLIAW
NLSPERGGDGGNWNERNTKPSLAAWSVMEVYNVTQDKTWVAEMYPKLVAYHDWWLRNRDHNGNGVPEYGATRDKAHNTES
GEMLFTVKKSLRLSCTASGAIFSTYDVSWYRQAPEKPRELVAIITRGGNTHYADTVKGRFTISRDNAKKTVNLQMNSLKP
EDTAVYYCHAGVQGAMLGPRNYWGQGTQVTVSSHHHHHH
;
B
#
# COMPACT_ATOMS: atom_id res chain seq x y z
N MET A 1 25.51 56.11 -4.84
CA MET A 1 26.22 55.16 -5.74
C MET A 1 25.68 55.25 -7.16
N LEU A 2 24.52 55.88 -7.32
CA LEU A 2 23.85 56.04 -8.59
C LEU A 2 23.51 57.51 -8.79
N PRO A 3 23.33 57.94 -10.04
CA PRO A 3 22.88 59.32 -10.27
C PRO A 3 21.53 59.57 -9.60
N ARG A 4 21.37 60.79 -9.09
CA ARG A 4 20.13 61.14 -8.42
C ARG A 4 18.93 60.97 -9.34
N TRP A 5 19.09 61.35 -10.61
CA TRP A 5 17.99 61.21 -11.56
C TRP A 5 17.62 59.75 -11.77
N GLU A 6 18.62 58.86 -11.83
CA GLU A 6 18.32 57.46 -12.05
C GLU A 6 17.57 56.85 -10.86
N LEU A 7 18.01 57.16 -9.64
CA LEU A 7 17.31 56.65 -8.47
C LEU A 7 15.92 57.24 -8.36
N ALA A 8 15.76 58.51 -8.73
CA ALA A 8 14.44 59.12 -8.76
C ALA A 8 13.55 58.40 -9.76
N LEU A 9 14.10 58.04 -10.92
CA LEU A 9 13.33 57.30 -11.92
C LEU A 9 12.90 55.94 -11.39
N TYR A 10 13.82 55.24 -10.70
CA TYR A 10 13.46 53.94 -10.13
C TYR A 10 12.37 54.08 -9.08
N LEU A 11 12.48 55.08 -8.22
CA LEU A 11 11.45 55.30 -7.20
C LEU A 11 10.11 55.63 -7.86
N LEU A 12 10.14 56.46 -8.90
CA LEU A 12 8.91 56.79 -9.61
C LEU A 12 8.28 55.54 -10.21
N ALA A 13 9.09 54.68 -10.82
CA ALA A 13 8.56 53.45 -11.39
C ALA A 13 8.00 52.53 -10.32
N SER A 14 8.67 52.45 -9.17
CA SER A 14 8.19 51.60 -8.09
C SER A 14 6.82 52.06 -7.59
N LEU A 15 6.72 53.35 -7.24
CA LEU A 15 5.42 53.89 -6.85
C LEU A 15 4.41 53.72 -7.97
N GLY A 16 4.85 53.84 -9.21
CA GLY A 16 3.94 53.72 -10.33
C GLY A 16 3.29 52.36 -10.39
N PHE A 17 4.09 51.29 -10.31
CA PHE A 17 3.46 49.98 -10.46
C PHE A 17 2.69 49.63 -9.21
N HIS A 18 3.20 50.01 -8.03
CA HIS A 18 2.40 49.86 -6.81
C HIS A 18 1.00 50.42 -7.01
N PHE A 19 0.91 51.72 -7.32
CA PHE A 19 -0.40 52.37 -7.32
C PHE A 19 -1.25 51.94 -8.51
N TYR A 20 -0.64 51.70 -9.66
CA TYR A 20 -1.42 51.26 -10.81
C TYR A 20 -1.99 49.87 -10.58
N SER A 21 -1.21 48.96 -9.99
CA SER A 21 -1.73 47.64 -9.68
C SER A 21 -2.79 47.70 -8.60
N PHE A 22 -2.64 48.61 -7.63
CA PHE A 22 -3.70 48.82 -6.66
C PHE A 22 -4.97 49.30 -7.34
N TYR A 23 -4.85 50.20 -8.31
CA TYR A 23 -6.01 50.68 -9.04
C TYR A 23 -6.67 49.54 -9.80
N GLU A 24 -5.87 48.67 -10.41
CA GLU A 24 -6.43 47.53 -11.13
C GLU A 24 -7.17 46.60 -10.18
N VAL A 25 -6.61 46.35 -9.01
CA VAL A 25 -7.29 45.51 -8.03
C VAL A 25 -8.59 46.16 -7.58
N TYR A 26 -8.58 47.48 -7.40
CA TYR A 26 -9.79 48.20 -7.04
C TYR A 26 -10.86 48.05 -8.12
N LYS A 27 -10.45 48.18 -9.38
CA LYS A 27 -11.40 48.01 -10.48
C LYS A 27 -11.99 46.61 -10.49
N VAL A 28 -11.15 45.59 -10.30
CA VAL A 28 -11.64 44.21 -10.30
C VAL A 28 -12.58 43.99 -9.12
N SER A 29 -12.27 44.59 -7.96
CA SER A 29 -13.15 44.48 -6.81
C SER A 29 -14.50 45.12 -7.09
N ARG A 30 -14.50 46.28 -7.75
CA ARG A 30 -15.75 46.93 -8.10
C ARG A 30 -16.56 46.09 -9.08
N GLU A 31 -15.87 45.44 -10.03
CA GLU A 31 -16.57 44.60 -11.00
C GLU A 31 -17.30 43.46 -10.32
N HIS A 32 -16.63 42.78 -9.39
CA HIS A 32 -17.15 41.57 -8.78
C HIS A 32 -17.64 41.80 -7.35
N GLU A 33 -18.14 43.00 -7.06
CA GLU A 33 -18.65 43.27 -5.72
C GLU A 33 -19.83 42.36 -5.40
N GLU A 34 -20.75 42.19 -6.34
CA GLU A 34 -21.94 41.38 -6.09
C GLU A 34 -21.57 39.91 -5.90
N GLU A 35 -20.72 39.38 -6.78
CA GLU A 35 -20.34 37.97 -6.68
C GLU A 35 -19.63 37.69 -5.37
N LEU A 36 -18.65 38.54 -5.02
CA LEU A 36 -17.90 38.33 -3.79
C LEU A 36 -18.81 38.49 -2.58
N ASP A 37 -19.70 39.48 -2.60
CA ASP A 37 -20.63 39.66 -1.47
C ASP A 37 -21.51 38.44 -1.30
N GLN A 38 -22.04 37.88 -2.40
CA GLN A 38 -22.84 36.67 -2.31
C GLN A 38 -22.03 35.51 -1.77
N GLU A 39 -20.77 35.41 -2.20
CA GLU A 39 -19.93 34.26 -1.85
C GLU A 39 -19.17 34.43 -0.54
N PHE A 40 -18.88 35.66 -0.12
CA PHE A 40 -18.06 35.89 1.06
C PHE A 40 -18.62 36.94 2.01
N GLU A 41 -19.78 37.53 1.72
CA GLU A 41 -20.49 38.39 2.66
C GLU A 41 -19.63 39.59 3.09
N LEU A 42 -19.36 40.44 2.10
CA LEU A 42 -18.68 41.70 2.39
C LEU A 42 -19.50 42.51 3.38
N GLU A 43 -18.81 43.10 4.36
CA GLU A 43 -19.48 43.85 5.41
C GLU A 43 -19.81 45.27 4.95
N THR A 44 -20.89 45.80 5.49
CA THR A 44 -21.36 47.14 5.17
C THR A 44 -21.13 48.07 6.36
N ASP A 45 -20.53 49.23 6.10
CA ASP A 45 -20.30 50.22 7.13
C ASP A 45 -20.18 51.59 6.48
N THR A 46 -20.29 52.63 7.30
CA THR A 46 -20.28 54.00 6.84
C THR A 46 -18.92 54.66 6.91
N LEU A 47 -17.86 53.90 7.21
CA LEU A 47 -16.53 54.49 7.35
C LEU A 47 -16.08 55.16 6.05
N PHE A 48 -16.27 54.49 4.92
CA PHE A 48 -15.83 54.99 3.62
C PHE A 48 -17.02 54.99 2.68
N GLY A 49 -17.81 56.07 2.72
CA GLY A 49 -18.92 56.21 1.80
C GLY A 49 -19.80 54.98 1.77
N GLY A 50 -20.18 54.57 0.57
CA GLY A 50 -20.95 53.37 0.37
C GLY A 50 -20.14 52.12 0.11
N LEU A 51 -18.81 52.21 0.20
CA LEU A 51 -17.97 51.05 -0.04
C LEU A 51 -18.20 50.00 1.04
N LYS A 52 -18.00 48.74 0.67
CA LYS A 52 -18.23 47.61 1.56
C LYS A 52 -16.89 46.98 1.92
N LYS A 53 -16.70 46.68 3.19
CA LYS A 53 -15.45 46.12 3.65
C LYS A 53 -15.32 44.65 3.24
N ASP A 54 -14.08 44.19 3.17
CA ASP A 54 -13.75 42.78 2.94
C ASP A 54 -13.27 42.21 4.27
N ALA A 55 -14.17 41.49 4.96
CA ALA A 55 -13.88 40.93 6.26
C ALA A 55 -13.40 39.48 6.17
N THR A 56 -12.92 39.05 5.01
CA THR A 56 -12.52 37.66 4.83
C THR A 56 -11.20 37.36 5.53
N ASP A 57 -10.41 38.36 5.89
CA ASP A 57 -9.18 38.15 6.65
C ASP A 57 -9.55 37.81 8.08
N PHE A 58 -9.18 36.61 8.52
CA PHE A 58 -9.60 36.16 9.84
C PHE A 58 -8.95 36.97 10.94
N GLU A 59 -7.63 37.16 10.89
CA GLU A 59 -6.92 37.79 11.99
C GLU A 59 -7.40 39.22 12.19
N TRP A 60 -7.53 39.98 11.11
CA TRP A 60 -7.91 41.39 11.23
C TRP A 60 -9.30 41.53 11.85
N SER A 61 -10.28 40.82 11.30
CA SER A 61 -11.64 40.92 11.83
C SER A 61 -11.71 40.40 13.25
N PHE A 62 -11.02 39.30 13.53
CA PHE A 62 -11.03 38.71 14.86
C PHE A 62 -10.50 39.70 15.89
N TRP A 63 -9.32 40.28 15.64
CA TRP A 63 -8.74 41.19 16.61
C TRP A 63 -9.50 42.51 16.68
N MET A 64 -10.06 42.98 15.56
CA MET A 64 -10.85 44.19 15.61
C MET A 64 -12.10 44.00 16.45
N GLU A 65 -12.78 42.86 16.27
CA GLU A 65 -13.96 42.58 17.10
C GLU A 65 -13.58 42.48 18.56
N TRP A 66 -12.49 41.77 18.87
CA TRP A 66 -12.08 41.65 20.25
C TRP A 66 -11.73 43.02 20.85
N GLY A 67 -11.03 43.86 20.08
CA GLY A 67 -10.68 45.17 20.58
C GLY A 67 -11.89 46.06 20.81
N LYS A 68 -12.85 46.04 19.87
CA LYS A 68 -14.09 46.74 20.09
C LYS A 68 -14.74 46.28 21.39
N GLN A 69 -14.76 44.97 21.62
CA GLN A 69 -15.51 44.44 22.75
C GLN A 69 -14.76 44.62 24.07
N TRP A 70 -13.61 43.98 24.20
CA TRP A 70 -12.97 43.90 25.51
C TRP A 70 -11.53 44.39 25.53
N LEU A 71 -10.72 44.04 24.52
CA LEU A 71 -9.28 44.18 24.67
C LEU A 71 -8.84 45.63 24.77
N VAL A 72 -9.53 46.55 24.09
CA VAL A 72 -9.13 47.95 24.19
C VAL A 72 -9.28 48.46 25.63
N TRP A 73 -10.39 48.09 26.27
CA TRP A 73 -10.61 48.52 27.66
C TRP A 73 -9.57 47.92 28.58
N LEU A 74 -9.23 46.65 28.38
CA LEU A 74 -8.24 46.01 29.24
C LEU A 74 -6.86 46.61 29.04
N LEU A 75 -6.52 46.97 27.80
CA LEU A 75 -5.24 47.62 27.54
C LEU A 75 -5.19 49.00 28.18
N LEU A 76 -6.28 49.77 28.08
CA LEU A 76 -6.32 51.06 28.76
C LEU A 76 -6.20 50.88 30.27
N GLY A 77 -6.86 49.86 30.81
CA GLY A 77 -6.74 49.58 32.23
C GLY A 77 -5.33 49.23 32.63
N HIS A 78 -4.64 48.43 31.81
CA HIS A 78 -3.25 48.13 32.08
C HIS A 78 -2.41 49.39 32.08
N MET A 79 -2.65 50.27 31.11
CA MET A 79 -1.90 51.52 31.05
C MET A 79 -2.10 52.33 32.33
N VAL A 80 -3.37 52.48 32.75
CA VAL A 80 -3.67 53.27 33.93
C VAL A 80 -3.07 52.64 35.17
N VAL A 81 -3.17 51.31 35.29
CA VAL A 81 -2.64 50.63 36.46
C VAL A 81 -1.12 50.74 36.52
N SER A 82 -0.47 50.64 35.36
CA SER A 82 0.98 50.79 35.33
C SER A 82 1.39 52.18 35.77
N GLN A 83 0.69 53.21 35.28
CA GLN A 83 1.02 54.57 35.71
C GLN A 83 0.77 54.74 37.21
N MET A 84 -0.34 54.21 37.71
CA MET A 84 -0.63 54.34 39.13
C MET A 84 0.41 53.63 39.98
N ALA A 85 0.84 52.43 39.56
CA ALA A 85 1.88 51.71 40.28
C ALA A 85 3.18 52.48 40.26
N THR A 86 3.54 53.04 39.12
CA THR A 86 4.77 53.85 39.04
C THR A 86 4.69 55.02 40.00
N LEU A 87 3.53 55.69 40.07
CA LEU A 87 3.41 56.85 40.95
C LEU A 87 3.44 56.45 42.42
N LEU A 88 2.78 55.35 42.77
CA LEU A 88 2.56 55.00 44.18
C LEU A 88 3.56 53.97 44.69
N ALA A 89 3.63 52.80 44.06
CA ALA A 89 4.50 51.71 44.48
C ALA A 89 5.36 51.28 43.30
N ARG A 90 6.49 51.98 43.10
CA ARG A 90 7.35 51.65 41.98
C ARG A 90 8.04 50.30 42.17
N LYS A 91 8.52 50.02 43.38
CA LYS A 91 9.26 48.78 43.61
C LYS A 91 8.38 47.56 43.47
N HIS A 92 7.07 47.69 43.61
CA HIS A 92 6.15 46.58 43.48
C HIS A 92 5.41 46.57 42.15
N ARG A 93 5.76 47.47 41.23
CA ARG A 93 5.04 47.54 39.96
C ARG A 93 5.05 46.22 39.20
N PRO A 94 6.14 45.47 39.14
CA PRO A 94 6.08 44.19 38.40
C PRO A 94 5.00 43.26 38.91
N TRP A 95 4.81 43.19 40.22
CA TRP A 95 3.81 42.29 40.78
C TRP A 95 2.39 42.82 40.60
N ILE A 96 2.20 44.14 40.67
CA ILE A 96 0.89 44.71 40.37
C ILE A 96 0.51 44.44 38.93
N LEU A 97 1.48 44.56 38.01
CA LEU A 97 1.20 44.28 36.61
C LEU A 97 0.97 42.79 36.37
N MET A 98 1.67 41.92 37.11
CA MET A 98 1.35 40.49 37.04
C MET A 98 -0.08 40.22 37.48
N LEU A 99 -0.49 40.84 38.60
CA LEU A 99 -1.85 40.65 39.07
C LEU A 99 -2.86 41.14 38.06
N TYR A 100 -2.60 42.31 37.45
CA TYR A 100 -3.51 42.83 36.45
C TYR A 100 -3.56 41.93 35.22
N GLY A 101 -2.41 41.39 34.81
CA GLY A 101 -2.41 40.48 33.68
C GLY A 101 -3.25 39.25 33.94
N MET A 102 -3.09 38.66 35.12
CA MET A 102 -3.90 37.50 35.47
C MET A 102 -5.39 37.86 35.51
N TRP A 103 -5.71 39.03 36.06
CA TRP A 103 -7.12 39.41 36.14
C TRP A 103 -7.71 39.63 34.75
N ALA A 104 -6.96 40.27 33.85
CA ALA A 104 -7.47 40.49 32.50
C ALA A 104 -7.62 39.17 31.75
N CYS A 105 -6.66 38.26 31.91
CA CYS A 105 -6.80 36.94 31.33
C CYS A 105 -8.05 36.25 31.85
N TRP A 106 -8.31 36.39 33.16
CA TRP A 106 -9.54 35.83 33.71
C TRP A 106 -10.77 36.49 33.11
N CYS A 107 -10.73 37.81 32.92
CA CYS A 107 -11.90 38.52 32.42
C CYS A 107 -12.26 38.07 31.02
N VAL A 108 -11.27 37.89 30.14
CA VAL A 108 -11.59 37.53 28.77
C VAL A 108 -11.76 36.02 28.62
N LEU A 109 -10.84 35.24 29.16
CA LEU A 109 -10.83 33.80 28.99
C LEU A 109 -11.37 33.05 30.19
N GLY A 110 -11.87 33.75 31.21
CA GLY A 110 -12.45 33.06 32.35
C GLY A 110 -11.40 32.29 33.14
N THR A 111 -11.90 31.54 34.11
CA THR A 111 -11.02 30.71 34.92
C THR A 111 -10.24 29.69 34.09
N PRO A 112 -10.84 28.99 33.13
CA PRO A 112 -10.07 27.99 32.39
C PRO A 112 -8.86 28.56 31.66
N GLY A 113 -8.96 29.76 31.11
CA GLY A 113 -7.82 30.34 30.40
C GLY A 113 -6.65 30.62 31.33
N VAL A 114 -6.93 31.24 32.47
CA VAL A 114 -5.86 31.51 33.45
C VAL A 114 -5.29 30.19 33.95
N ALA A 115 -6.15 29.21 34.21
CA ALA A 115 -5.68 27.92 34.69
C ALA A 115 -4.76 27.26 33.67
N MET A 116 -5.11 27.33 32.39
CA MET A 116 -4.26 26.73 31.35
C MET A 116 -2.94 27.45 31.23
N VAL A 117 -2.95 28.78 31.27
CA VAL A 117 -1.70 29.53 31.19
C VAL A 117 -0.81 29.18 32.37
N LEU A 118 -1.39 29.11 33.57
CA LEU A 118 -0.61 28.76 34.76
C LEU A 118 -0.09 27.34 34.67
N LEU A 119 -0.89 26.41 34.15
CA LEU A 119 -0.45 25.02 34.03
C LEU A 119 0.75 24.93 33.09
N HIS A 120 0.66 25.58 31.93
CA HIS A 120 1.77 25.57 30.99
C HIS A 120 3.01 26.19 31.61
N THR A 121 2.84 27.33 32.28
CA THR A 121 3.98 28.00 32.90
C THR A 121 4.64 27.13 33.96
N THR A 122 3.83 26.50 34.80
CA THR A 122 4.36 25.67 35.88
C THR A 122 5.07 24.43 35.33
N ILE A 123 4.48 23.79 34.32
CA ILE A 123 5.13 22.63 33.72
C ILE A 123 6.47 23.04 33.11
N SER A 124 6.49 24.15 32.39
CA SER A 124 7.73 24.62 31.78
C SER A 124 8.77 24.95 32.85
N PHE A 125 8.35 25.59 33.94
CA PHE A 125 9.29 25.92 35.01
C PHE A 125 9.87 24.66 35.62
N CYS A 126 9.02 23.69 35.96
CA CYS A 126 9.49 22.47 36.59
C CYS A 126 10.45 21.72 35.68
N VAL A 127 10.15 21.66 34.38
CA VAL A 127 11.06 20.98 33.46
C VAL A 127 12.36 21.77 33.33
N ALA A 128 12.28 23.10 33.35
CA ALA A 128 13.47 23.92 33.27
C ALA A 128 14.36 23.77 34.49
N GLN A 129 13.81 23.35 35.63
CA GLN A 129 14.66 23.10 36.78
C GLN A 129 15.74 22.08 36.46
N PHE A 130 15.46 21.13 35.58
CA PHE A 130 16.51 20.30 34.98
C PHE A 130 17.18 21.15 33.92
N ARG A 131 18.35 21.70 34.23
CA ARG A 131 18.96 22.70 33.38
C ARG A 131 19.50 22.06 32.10
N SER A 132 18.59 21.59 31.25
CA SER A 132 18.95 20.99 29.97
C SER A 132 18.15 21.67 28.87
N GLN A 133 18.85 22.14 27.83
CA GLN A 133 18.18 22.79 26.72
C GLN A 133 17.25 21.82 26.00
N LEU A 134 17.70 20.59 25.80
CA LEU A 134 16.89 19.61 25.08
C LEU A 134 15.58 19.32 25.81
N LEU A 135 15.65 19.15 27.13
CA LEU A 135 14.42 18.88 27.88
C LEU A 135 13.46 20.06 27.82
N THR A 136 13.99 21.28 27.95
CA THR A 136 13.12 22.45 27.89
C THR A 136 12.45 22.57 26.52
N TRP A 137 13.22 22.37 25.45
CA TRP A 137 12.64 22.46 24.12
C TRP A 137 11.63 21.35 23.89
N LEU A 138 11.90 20.15 24.37
CA LEU A 138 10.95 19.05 24.24
C LEU A 138 9.65 19.36 24.99
N CYS A 139 9.77 19.91 26.20
CA CYS A 139 8.58 20.28 26.97
C CYS A 139 7.77 21.35 26.25
N SER A 140 8.45 22.38 25.72
CA SER A 140 7.76 23.44 25.01
C SER A 140 7.06 22.89 23.77
N LEU A 141 7.74 22.02 23.02
CA LEU A 141 7.13 21.47 21.82
C LEU A 141 5.94 20.57 22.16
N LEU A 142 6.03 19.79 23.23
CA LEU A 142 4.90 18.96 23.62
C LEU A 142 3.72 19.81 24.07
N LEU A 143 3.98 20.86 24.84
CA LEU A 143 2.89 21.76 25.23
C LEU A 143 2.26 22.41 24.02
N LEU A 144 3.08 22.82 23.06
CA LEU A 144 2.55 23.40 21.83
C LEU A 144 1.71 22.39 21.06
N SER A 145 2.16 21.14 21.01
CA SER A 145 1.42 20.10 20.29
C SER A 145 0.08 19.83 20.95
N THR A 146 0.04 19.87 22.28
CA THR A 146 -1.22 19.59 22.97
C THR A 146 -2.34 20.51 22.50
N LEU A 147 -2.00 21.72 22.06
CA LEU A 147 -3.01 22.65 21.57
C LEU A 147 -3.69 22.14 20.31
N ARG A 148 -3.05 21.25 19.55
CA ARG A 148 -3.57 20.76 18.30
C ARG A 148 -4.23 19.39 18.42
N LEU A 149 -4.38 18.87 19.63
CA LEU A 149 -5.03 17.57 19.82
C LEU A 149 -6.53 17.73 19.78
N GLN A 150 -7.19 16.83 19.06
CA GLN A 150 -8.63 16.95 18.85
C GLN A 150 -9.40 16.86 20.16
N GLY A 151 -9.03 15.92 21.03
CA GLY A 151 -9.73 15.80 22.30
C GLY A 151 -9.53 17.01 23.19
N VAL A 152 -8.30 17.50 23.27
CA VAL A 152 -8.03 18.71 24.03
C VAL A 152 -8.80 19.88 23.45
N GLU A 153 -8.87 19.96 22.13
CA GLU A 153 -9.63 21.04 21.49
C GLU A 153 -11.11 20.95 21.84
N GLU A 154 -11.67 19.74 21.85
CA GLU A 154 -13.08 19.60 22.22
C GLU A 154 -13.31 20.02 23.67
N VAL A 155 -12.43 19.58 24.57
CA VAL A 155 -12.58 19.96 25.97
C VAL A 155 -12.51 21.48 26.12
N LYS A 156 -11.55 22.11 25.44
CA LYS A 156 -11.42 23.56 25.53
C LYS A 156 -12.64 24.26 24.95
N ARG A 157 -13.15 23.78 23.83
CA ARG A 157 -14.31 24.40 23.20
C ARG A 157 -15.54 24.28 24.09
N ARG A 158 -15.64 23.21 24.87
CA ARG A 158 -16.77 23.07 25.78
C ARG A 158 -16.76 24.14 26.85
N TRP A 159 -15.63 24.82 27.08
CA TRP A 159 -15.55 25.82 28.13
C TRP A 159 -16.23 27.13 27.75
N TYR A 160 -16.23 27.49 26.48
CA TYR A 160 -16.63 28.82 26.04
C TYR A 160 -17.89 28.75 25.19
N LYS A 161 -18.78 29.71 25.40
CA LYS A 161 -20.02 29.76 24.62
C LYS A 161 -19.73 29.99 23.14
N THR A 162 -18.79 30.89 22.84
CA THR A 162 -18.49 31.29 21.48
C THR A 162 -17.13 30.74 21.05
N GLU A 163 -16.95 30.66 19.73
CA GLU A 163 -15.70 30.16 19.17
C GLU A 163 -14.59 31.19 19.25
N ASN A 164 -14.94 32.47 19.30
CA ASN A 164 -13.92 33.52 19.38
C ASN A 164 -13.13 33.41 20.67
N GLU A 165 -13.81 33.10 21.78
CA GLU A 165 -13.10 32.93 23.05
C GLU A 165 -12.12 31.76 22.97
N TYR A 166 -12.53 30.67 22.35
CA TYR A 166 -11.63 29.53 22.20
C TYR A 166 -10.42 29.90 21.34
N TYR A 167 -10.65 30.63 20.25
CA TYR A 167 -9.52 31.03 19.41
C TYR A 167 -8.60 31.99 20.16
N LEU A 168 -9.16 32.87 20.98
CA LEU A 168 -8.34 33.76 21.79
C LEU A 168 -7.49 32.96 22.77
N LEU A 169 -8.08 31.94 23.41
CA LEU A 169 -7.30 31.09 24.30
C LEU A 169 -6.18 30.39 23.54
N GLN A 170 -6.49 29.89 22.35
CA GLN A 170 -5.47 29.18 21.57
C GLN A 170 -4.31 30.10 21.21
N PHE A 171 -4.62 31.32 20.75
CA PHE A 171 -3.57 32.27 20.43
C PHE A 171 -2.76 32.64 21.67
N THR A 172 -3.44 32.87 22.78
CA THR A 172 -2.75 33.23 24.02
C THR A 172 -1.76 32.14 24.40
N LEU A 173 -2.21 30.88 24.37
CA LEU A 173 -1.31 29.79 24.73
C LEU A 173 -0.18 29.63 23.72
N THR A 174 -0.45 29.87 22.44
CA THR A 174 0.60 29.79 21.43
C THR A 174 1.71 30.80 21.72
N VAL A 175 1.34 32.03 22.09
CA VAL A 175 2.36 33.02 22.41
C VAL A 175 3.03 32.71 23.77
N ARG A 176 2.24 32.27 24.76
CA ARG A 176 2.85 31.86 26.02
C ARG A 176 3.91 30.79 25.79
N CYS A 177 3.73 29.96 24.77
CA CYS A 177 4.76 28.97 24.47
C CYS A 177 6.11 29.65 24.27
N LEU A 178 6.16 30.65 23.39
CA LEU A 178 7.41 31.36 23.18
C LEU A 178 7.89 32.03 24.45
N TYR A 179 6.96 32.62 25.21
CA TYR A 179 7.38 33.39 26.39
C TYR A 179 8.03 32.49 27.43
N TYR A 180 7.37 31.41 27.82
CA TYR A 180 7.96 30.57 28.86
C TYR A 180 9.10 29.72 28.32
N THR A 181 9.13 29.43 27.03
CA THR A 181 10.34 28.81 26.46
C THR A 181 11.53 29.76 26.58
N ASN A 182 11.32 31.04 26.29
CA ASN A 182 12.39 32.02 26.46
C ASN A 182 12.86 32.05 27.91
N PHE A 183 11.93 32.12 28.85
CA PHE A 183 12.32 32.16 30.25
C PHE A 183 13.10 30.90 30.64
N SER A 184 12.58 29.72 30.28
CA SER A 184 13.24 28.48 30.66
C SER A 184 14.63 28.36 30.04
N LEU A 185 14.79 28.75 28.78
CA LEU A 185 16.09 28.65 28.14
C LEU A 185 17.08 29.65 28.72
N GLU A 186 16.62 30.84 29.10
CA GLU A 186 17.51 31.77 29.78
C GLU A 186 17.89 31.25 31.16
N LEU A 187 16.98 30.53 31.82
CA LEU A 187 17.25 30.00 33.15
C LEU A 187 18.45 29.06 33.16
N CYS A 188 18.80 28.48 32.02
CA CYS A 188 19.95 27.58 31.94
C CYS A 188 21.25 28.38 31.86
N THR A 197 17.83 34.12 42.64
CA THR A 197 16.84 35.15 42.33
C THR A 197 16.94 35.58 40.88
N SER A 198 16.01 36.43 40.46
CA SER A 198 15.97 36.99 39.11
C SER A 198 15.50 35.96 38.09
N TYR A 199 15.31 34.70 38.52
CA TYR A 199 14.76 33.66 37.68
C TYR A 199 13.82 32.78 38.48
N SER A 200 13.10 33.38 39.43
CA SER A 200 12.20 32.67 40.32
C SER A 200 10.82 32.59 39.70
N PHE A 201 9.97 31.79 40.34
CA PHE A 201 8.60 31.64 39.84
C PHE A 201 7.83 32.95 39.78
N PRO A 202 7.90 33.83 40.79
CA PRO A 202 7.19 35.11 40.65
C PRO A 202 7.62 35.91 39.44
N TRP A 203 8.91 35.91 39.12
CA TRP A 203 9.37 36.62 37.93
C TRP A 203 8.85 35.96 36.66
N MET A 204 8.79 34.63 36.64
CA MET A 204 8.23 33.95 35.48
C MET A 204 6.76 34.29 35.30
N LEU A 205 6.00 34.35 36.39
CA LEU A 205 4.59 34.72 36.30
C LEU A 205 4.44 36.16 35.83
N ALA A 206 5.29 37.06 36.33
CA ALA A 206 5.24 38.44 35.86
C ALA A 206 5.53 38.52 34.37
N TYR A 207 6.52 37.77 33.90
CA TYR A 207 6.87 37.76 32.49
C TYR A 207 5.72 37.21 31.64
N VAL A 208 5.15 36.08 32.06
CA VAL A 208 4.09 35.44 31.29
C VAL A 208 2.83 36.28 31.32
N PHE A 209 2.43 36.73 32.51
CA PHE A 209 1.19 37.50 32.66
C PHE A 209 1.44 38.99 32.57
N TYR A 210 2.12 39.38 31.49
CA TYR A 210 2.32 40.78 31.14
C TYR A 210 1.33 41.11 30.03
N TYR A 211 0.26 41.82 30.38
CA TYR A 211 -0.91 41.87 29.52
C TYR A 211 -0.63 42.41 28.13
N PRO A 212 0.12 43.50 27.97
CA PRO A 212 0.33 44.07 26.63
C PRO A 212 0.71 43.02 25.59
N VAL A 213 1.32 41.91 26.03
CA VAL A 213 1.75 40.86 25.13
C VAL A 213 1.07 39.53 25.43
N LEU A 214 -0.01 39.54 26.20
CA LEU A 214 -0.65 38.28 26.57
C LEU A 214 -1.25 37.59 25.36
N HIS A 215 -2.02 38.31 24.56
CA HIS A 215 -2.64 37.78 23.36
C HIS A 215 -1.89 38.32 22.15
N ASN A 216 -1.30 37.43 21.36
CA ASN A 216 -0.69 37.74 20.08
C ASN A 216 0.57 38.59 20.20
N GLY A 217 0.95 39.02 21.39
CA GLY A 217 2.00 40.00 21.54
C GLY A 217 3.33 39.48 21.04
N PRO A 218 4.19 40.38 20.57
CA PRO A 218 5.52 39.97 20.13
C PRO A 218 6.34 39.44 21.29
N ILE A 219 7.20 38.48 20.98
CA ILE A 219 8.09 37.93 22.00
C ILE A 219 9.05 39.01 22.46
N LEU A 220 8.98 39.35 23.74
CA LEU A 220 9.87 40.30 24.38
C LEU A 220 10.85 39.52 25.25
N SER A 221 12.13 39.74 25.03
CA SER A 221 13.15 38.96 25.72
C SER A 221 13.01 39.11 27.23
N PHE A 222 13.17 38.00 27.94
CA PHE A 222 13.07 38.03 29.39
C PHE A 222 14.17 38.90 29.99
N SER A 223 15.36 38.86 29.41
CA SER A 223 16.46 39.68 29.93
C SER A 223 16.06 41.15 29.94
N GLU A 224 15.60 41.67 28.81
CA GLU A 224 15.17 43.07 28.76
C GLU A 224 14.01 43.33 29.69
N PHE A 225 13.05 42.41 29.75
CA PHE A 225 11.88 42.60 30.59
C PHE A 225 12.28 42.78 32.05
N ILE A 226 13.10 41.86 32.58
CA ILE A 226 13.49 41.93 33.98
C ILE A 226 14.41 43.12 34.21
N LYS A 227 15.29 43.42 33.25
CA LYS A 227 16.19 44.55 33.42
C LYS A 227 15.42 45.86 33.52
N GLN A 228 14.40 46.04 32.68
CA GLN A 228 13.68 47.30 32.58
C GLN A 228 12.46 47.37 33.50
N MET A 229 12.09 46.27 34.15
CA MET A 229 11.09 46.32 35.20
C MET A 229 11.69 46.62 36.57
N GLN A 230 13.01 46.57 36.70
CA GLN A 230 13.70 46.86 37.95
C GLN A 230 14.47 48.18 37.89
N GLN A 231 14.22 49.00 36.87
CA GLN A 231 15.04 50.19 36.66
C GLN A 231 14.93 51.16 37.83
N GLN A 232 13.70 51.51 38.22
CA GLN A 232 13.41 52.50 39.25
C GLN A 232 13.56 53.93 38.77
N GLU A 233 13.91 54.15 37.50
CA GLU A 233 13.90 55.48 36.89
C GLU A 233 12.84 55.49 35.80
N HIS A 234 11.98 56.50 35.83
CA HIS A 234 10.84 56.59 34.92
C HIS A 234 10.74 58.00 34.37
N ASP A 235 10.02 58.13 33.26
CA ASP A 235 9.80 59.42 32.64
C ASP A 235 8.62 60.12 33.31
N SER A 236 8.67 61.45 33.30
CA SER A 236 7.61 62.24 33.92
C SER A 236 6.26 61.88 33.31
N LEU A 237 5.20 62.22 34.05
CA LEU A 237 3.85 61.91 33.59
C LEU A 237 3.54 62.62 32.28
N LYS A 238 3.92 63.89 32.16
CA LYS A 238 3.61 64.64 30.94
C LYS A 238 4.30 64.01 29.73
N ALA A 239 5.54 63.54 29.91
CA ALA A 239 6.21 62.85 28.81
C ALA A 239 5.45 61.59 28.42
N SER A 240 4.93 60.87 29.42
CA SER A 240 4.14 59.68 29.13
C SER A 240 2.90 60.02 28.33
N LEU A 241 2.20 61.11 28.70
CA LEU A 241 1.03 61.52 27.93
C LEU A 241 1.40 61.92 26.51
N CYS A 242 2.52 62.63 26.35
CA CYS A 242 2.94 63.02 24.99
C CYS A 242 3.22 61.78 24.14
N VAL A 243 3.95 60.81 24.71
CA VAL A 243 4.25 59.59 23.98
C VAL A 243 2.96 58.85 23.64
N LEU A 244 2.03 58.77 24.59
CA LEU A 244 0.76 58.11 24.33
C LEU A 244 0.00 58.81 23.21
N ALA A 245 0.02 60.14 23.20
CA ALA A 245 -0.70 60.89 22.17
C ALA A 245 -0.13 60.61 20.79
N LEU A 246 1.19 60.70 20.65
CA LEU A 246 1.79 60.43 19.35
C LEU A 246 1.56 58.98 18.93
N GLY A 247 1.71 58.04 19.86
CA GLY A 247 1.49 56.64 19.52
C GLY A 247 0.06 56.37 19.10
N LEU A 248 -0.90 56.97 19.79
CA LEU A 248 -2.30 56.82 19.41
C LEU A 248 -2.58 57.43 18.05
N GLY A 249 -1.99 58.59 17.75
CA GLY A 249 -2.15 59.17 16.44
C GLY A 249 -1.66 58.24 15.34
N ARG A 250 -0.45 57.70 15.51
CA ARG A 250 0.08 56.79 14.50
C ARG A 250 -0.74 55.51 14.41
N LEU A 251 -1.21 54.98 15.54
CA LEU A 251 -2.02 53.78 15.53
C LEU A 251 -3.34 54.00 14.81
N LEU A 252 -3.99 55.12 15.06
CA LEU A 252 -5.23 55.42 14.34
C LEU A 252 -4.96 55.60 12.86
N CYS A 253 -3.85 56.23 12.50
CA CYS A 253 -3.51 56.36 11.08
C CYS A 253 -3.34 54.98 10.44
N TRP A 254 -2.62 54.09 11.11
CA TRP A 254 -2.39 52.75 10.56
C TRP A 254 -3.70 51.97 10.45
N TRP A 255 -4.54 52.05 11.48
CA TRP A 255 -5.82 51.36 11.44
C TRP A 255 -6.70 51.88 10.32
N TRP A 256 -6.72 53.20 10.13
CA TRP A 256 -7.47 53.78 9.03
C TRP A 256 -6.91 53.32 7.69
N LEU A 257 -5.59 53.23 7.58
CA LEU A 257 -5.00 52.75 6.33
C LEU A 257 -5.40 51.31 6.04
N ALA A 258 -5.36 50.45 7.05
CA ALA A 258 -5.79 49.06 6.86
C ALA A 258 -7.26 48.97 6.47
N GLU A 259 -8.12 49.75 7.12
CA GLU A 259 -9.53 49.75 6.76
C GLU A 259 -9.73 50.25 5.33
N LEU A 260 -9.00 51.29 4.94
CA LEU A 260 -9.11 51.80 3.57
C LEU A 260 -8.67 50.73 2.58
N MET A 261 -7.59 50.01 2.87
CA MET A 261 -7.17 48.94 1.98
C MET A 261 -8.22 47.86 1.87
N ALA A 262 -8.82 47.46 3.00
CA ALA A 262 -9.87 46.44 2.97
C ALA A 262 -11.12 46.91 2.24
N HIS A 263 -11.40 48.22 2.24
CA HIS A 263 -12.58 48.73 1.55
C HIS A 263 -12.33 48.87 0.05
N LEU A 264 -11.23 49.52 -0.33
CA LEU A 264 -10.95 49.74 -1.75
C LEU A 264 -10.72 48.42 -2.47
N MET A 265 -9.95 47.52 -1.87
CA MET A 265 -9.60 46.26 -2.50
C MET A 265 -10.13 45.09 -1.66
N TYR A 266 -10.51 44.02 -2.35
CA TYR A 266 -11.05 42.83 -1.70
C TYR A 266 -10.07 41.69 -1.87
N MET A 267 -8.79 41.96 -1.64
CA MET A 267 -7.74 40.98 -1.93
C MET A 267 -8.03 39.65 -1.26
N HIS A 268 -8.56 39.68 -0.04
CA HIS A 268 -8.80 38.43 0.69
C HIS A 268 -9.91 37.62 0.03
N ALA A 269 -11.02 38.28 -0.34
CA ALA A 269 -12.09 37.56 -1.01
C ALA A 269 -11.64 37.02 -2.35
N ILE A 270 -10.87 37.81 -3.10
CA ILE A 270 -10.40 37.35 -4.41
C ILE A 270 -9.47 36.15 -4.25
N TYR A 271 -8.57 36.20 -3.27
CA TYR A 271 -7.70 35.06 -3.03
C TYR A 271 -8.48 33.84 -2.57
N SER A 272 -9.59 34.05 -1.86
CA SER A 272 -10.42 32.92 -1.46
C SER A 272 -11.04 32.24 -2.67
N SER A 273 -11.49 33.02 -3.66
CA SER A 273 -12.05 32.46 -4.88
C SER A 273 -10.92 32.22 -5.87
N ILE A 274 -10.35 31.03 -5.82
CA ILE A 274 -9.30 30.67 -6.77
C ILE A 274 -9.80 30.81 -8.21
N PRO A 275 -11.02 30.37 -8.56
CA PRO A 275 -11.46 30.55 -9.94
C PRO A 275 -11.40 31.98 -10.42
N LEU A 276 -11.71 32.94 -9.55
CA LEU A 276 -11.58 34.35 -9.93
C LEU A 276 -10.12 34.75 -10.07
N LEU A 277 -9.29 34.34 -9.11
CA LEU A 277 -7.87 34.70 -9.16
C LEU A 277 -7.19 34.14 -10.40
N GLU A 278 -7.76 33.11 -11.02
CA GLU A 278 -7.17 32.50 -12.19
C GLU A 278 -7.58 33.16 -13.50
N THR A 279 -8.47 34.16 -13.45
CA THR A 279 -8.94 34.83 -14.65
C THR A 279 -8.74 36.34 -14.62
N VAL A 280 -8.18 36.87 -13.53
CA VAL A 280 -7.89 38.30 -13.46
C VAL A 280 -6.64 38.59 -14.28
N SER A 281 -6.45 39.86 -14.65
CA SER A 281 -5.32 40.23 -15.48
C SER A 281 -4.02 40.14 -14.68
N CYS A 282 -2.90 40.17 -15.41
CA CYS A 282 -1.59 40.09 -14.76
C CYS A 282 -1.36 41.29 -13.85
N TRP A 283 -1.76 42.49 -14.28
CA TRP A 283 -1.66 43.65 -13.41
C TRP A 283 -2.50 43.45 -12.15
N THR A 284 -3.68 42.86 -12.29
CA THR A 284 -4.48 42.56 -11.11
C THR A 284 -3.79 41.55 -10.20
N LEU A 285 -3.11 40.56 -10.77
CA LEU A 285 -2.37 39.61 -9.94
C LEU A 285 -1.25 40.30 -9.17
N GLY A 286 -0.47 41.14 -9.84
CA GLY A 286 0.60 41.85 -9.15
C GLY A 286 0.05 42.77 -8.07
N GLY A 287 -1.03 43.48 -8.38
CA GLY A 287 -1.64 44.35 -7.39
C GLY A 287 -2.21 43.58 -6.22
N LEU A 288 -2.78 42.41 -6.48
CA LEU A 288 -3.29 41.57 -5.40
C LEU A 288 -2.17 41.11 -4.50
N ALA A 289 -1.04 40.70 -5.08
CA ALA A 289 0.10 40.29 -4.25
C ALA A 289 0.62 41.46 -3.41
N LEU A 290 0.79 42.63 -4.03
CA LEU A 290 1.25 43.79 -3.28
C LEU A 290 0.28 44.17 -2.19
N ALA A 291 -1.02 44.19 -2.49
CA ALA A 291 -2.02 44.55 -1.50
C ALA A 291 -2.07 43.54 -0.37
N GLN A 292 -1.92 42.25 -0.66
CA GLN A 292 -1.92 41.25 0.39
C GLN A 292 -0.72 41.44 1.32
N VAL A 293 0.47 41.58 0.76
CA VAL A 293 1.64 41.73 1.62
C VAL A 293 1.57 43.02 2.41
N LEU A 294 1.12 44.11 1.79
CA LEU A 294 1.06 45.38 2.51
C LEU A 294 -0.06 45.41 3.54
N PHE A 295 -1.17 44.72 3.27
CA PHE A 295 -2.22 44.63 4.29
C PHE A 295 -1.74 43.81 5.48
N PHE A 296 -1.04 42.71 5.23
CA PHE A 296 -0.45 41.98 6.34
C PHE A 296 0.53 42.84 7.12
N TYR A 297 1.35 43.61 6.40
CA TYR A 297 2.31 44.48 7.06
C TYR A 297 1.61 45.50 7.95
N VAL A 298 0.58 46.17 7.43
CA VAL A 298 -0.13 47.17 8.21
C VAL A 298 -0.90 46.53 9.34
N LYS A 299 -1.45 45.33 9.11
CA LYS A 299 -2.17 44.63 10.16
C LYS A 299 -1.27 44.36 11.35
N TYR A 300 -0.11 43.77 11.12
CA TYR A 300 0.82 43.53 12.22
C TYR A 300 1.49 44.79 12.72
N LEU A 301 1.58 45.84 11.92
CA LEU A 301 1.92 47.15 12.41
C LEU A 301 0.95 47.62 13.47
N VAL A 302 -0.36 47.49 13.24
CA VAL A 302 -1.39 47.86 14.20
C VAL A 302 -1.36 46.92 15.40
N LEU A 303 -1.21 45.63 15.13
CA LEU A 303 -1.26 44.62 16.19
C LEU A 303 -0.02 44.61 17.08
N PHE A 304 1.07 45.21 16.63
CA PHE A 304 2.27 45.35 17.46
C PHE A 304 2.49 46.77 17.95
N GLY A 305 1.83 47.77 17.35
CA GLY A 305 1.96 49.13 17.84
C GLY A 305 1.19 49.40 19.10
N VAL A 306 0.15 48.63 19.37
CA VAL A 306 -0.59 48.76 20.62
C VAL A 306 0.26 48.14 21.73
N PRO A 307 0.67 46.87 21.62
CA PRO A 307 1.64 46.35 22.58
C PRO A 307 2.90 47.20 22.66
N ALA A 308 3.44 47.63 21.51
CA ALA A 308 4.66 48.43 21.54
C ALA A 308 4.43 49.75 22.25
N LEU A 309 3.30 50.40 22.00
CA LEU A 309 3.01 51.66 22.67
C LEU A 309 2.89 51.44 24.18
N LEU A 310 2.21 50.36 24.59
CA LEU A 310 2.06 50.11 26.02
C LEU A 310 3.41 49.82 26.68
N MET A 311 4.27 49.05 26.01
CA MET A 311 5.60 48.80 26.57
C MET A 311 6.41 50.08 26.66
N ARG A 312 6.32 50.94 25.63
CA ARG A 312 7.06 52.20 25.67
C ARG A 312 6.58 53.08 26.82
N LEU A 313 5.27 53.12 27.05
CA LEU A 313 4.75 53.86 28.20
C LEU A 313 5.19 53.23 29.51
N ASP A 314 5.35 51.90 29.53
CA ASP A 314 5.81 51.21 30.74
C ASP A 314 7.30 51.40 30.98
N GLY A 315 8.02 51.99 30.03
CA GLY A 315 9.45 52.16 30.15
C GLY A 315 10.28 51.07 29.53
N LEU A 316 9.65 50.05 28.95
CA LEU A 316 10.35 49.00 28.24
C LEU A 316 10.70 49.47 26.83
N THR A 317 11.64 48.77 26.21
CA THR A 317 11.95 49.01 24.81
C THR A 317 11.42 47.85 23.98
N PRO A 318 10.29 48.01 23.30
CA PRO A 318 9.69 46.88 22.58
C PRO A 318 10.47 46.54 21.34
N PRO A 319 10.36 45.32 20.83
CA PRO A 319 11.01 45.00 19.55
C PRO A 319 10.52 45.93 18.45
N ALA A 320 11.44 46.31 17.56
CA ALA A 320 11.10 47.29 16.54
C ALA A 320 9.96 46.77 15.67
N LEU A 321 9.07 47.69 15.28
CA LEU A 321 7.95 47.33 14.45
C LEU A 321 8.44 46.89 13.08
N PRO A 322 7.64 46.11 12.35
CA PRO A 322 8.04 45.68 11.02
C PRO A 322 8.34 46.86 10.10
N ARG A 323 9.34 46.71 9.25
CA ARG A 323 9.66 47.71 8.25
C ARG A 323 8.78 47.53 7.02
N CYS A 324 8.52 48.63 6.33
CA CYS A 324 7.65 48.59 5.16
C CYS A 324 8.07 47.45 4.24
N VAL A 325 7.12 46.57 3.93
CA VAL A 325 7.41 45.45 3.05
C VAL A 325 7.82 45.94 1.67
N SER A 326 7.41 47.14 1.29
CA SER A 326 7.84 47.75 0.04
C SER A 326 9.24 48.33 0.11
N THR A 327 10.00 47.99 1.14
CA THR A 327 11.42 48.28 1.20
C THR A 327 12.25 47.01 1.36
N MET A 328 11.62 45.84 1.40
CA MET A 328 12.30 44.57 1.57
C MET A 328 12.60 43.97 0.19
N PHE A 329 13.86 43.62 -0.02
CA PHE A 329 14.30 43.08 -1.30
C PHE A 329 15.02 41.75 -1.18
N SER A 330 15.16 41.21 0.02
CA SER A 330 15.89 39.97 0.22
C SER A 330 15.25 39.18 1.36
N PHE A 331 15.47 37.87 1.34
CA PHE A 331 14.97 37.02 2.42
C PHE A 331 15.60 37.40 3.75
N THR A 332 16.91 37.63 3.75
CA THR A 332 17.61 37.92 5.01
C THR A 332 17.09 39.20 5.64
N GLY A 333 17.00 40.27 4.86
CA GLY A 333 16.46 41.51 5.39
C GLY A 333 15.01 41.36 5.80
N MET A 334 14.22 40.67 4.99
CA MET A 334 12.81 40.46 5.30
C MET A 334 12.64 39.82 6.67
N TRP A 335 13.43 38.79 6.95
CA TRP A 335 13.30 38.06 8.19
C TRP A 335 14.13 38.63 9.33
N ARG A 336 14.97 39.61 9.06
CA ARG A 336 15.62 40.37 10.12
C ARG A 336 14.76 41.52 10.61
N TYR A 337 14.01 42.18 9.73
CA TYR A 337 13.38 43.45 10.07
C TYR A 337 11.86 43.40 10.12
N PHE A 338 11.23 42.28 9.76
CA PHE A 338 9.78 42.23 9.81
C PHE A 338 9.28 41.93 11.23
N ASP A 339 9.61 40.75 11.74
CA ASP A 339 9.26 40.36 13.10
C ASP A 339 10.57 40.34 13.89
N VAL A 340 10.94 41.50 14.43
CA VAL A 340 12.24 41.63 15.07
C VAL A 340 12.28 40.83 16.37
N GLY A 341 11.17 40.82 17.12
CA GLY A 341 11.14 40.07 18.35
C GLY A 341 11.28 38.59 18.13
N LEU A 342 10.47 38.03 17.23
CA LEU A 342 10.58 36.60 16.94
C LEU A 342 11.89 36.28 16.24
N HIS A 343 12.39 37.19 15.41
CA HIS A 343 13.70 36.96 14.80
C HIS A 343 14.78 36.86 15.86
N ASN A 344 14.75 37.75 16.86
CA ASN A 344 15.75 37.69 17.92
C ASN A 344 15.59 36.43 18.75
N PHE A 345 14.35 36.04 19.04
CA PHE A 345 14.12 34.80 19.78
C PHE A 345 14.71 33.61 19.03
N LEU A 346 14.45 33.53 17.72
CA LEU A 346 14.98 32.43 16.93
C LEU A 346 16.50 32.47 16.84
N ILE A 347 17.07 33.66 16.72
CA ILE A 347 18.53 33.79 16.68
C ILE A 347 19.14 33.27 17.97
N ARG A 348 18.60 33.68 19.12
CA ARG A 348 19.25 33.34 20.37
C ARG A 348 18.99 31.89 20.79
N TYR A 349 17.81 31.35 20.50
CA TYR A 349 17.40 30.08 21.08
C TYR A 349 17.22 28.95 20.08
N VAL A 350 17.28 29.21 18.78
CA VAL A 350 17.15 28.14 17.79
C VAL A 350 18.32 28.17 16.82
N TYR A 351 18.59 29.34 16.24
CA TYR A 351 19.58 29.44 15.18
C TYR A 351 20.98 29.16 15.70
N ILE A 352 21.38 29.81 16.79
CA ILE A 352 22.76 29.77 17.27
C ILE A 352 23.03 28.46 18.01
N PRO A 353 22.13 28.00 18.88
CA PRO A 353 22.40 26.73 19.57
C PRO A 353 22.70 25.57 18.64
N VAL A 354 22.25 25.63 17.39
CA VAL A 354 22.47 24.54 16.44
C VAL A 354 23.56 24.95 15.46
N GLY A 355 24.42 25.87 15.88
CA GLY A 355 25.58 26.26 15.10
C GLY A 355 25.43 27.57 14.35
N GLY A 356 24.22 28.05 14.16
CA GLY A 356 24.05 29.29 13.43
C GLY A 356 24.63 29.19 12.04
N SER A 357 25.49 30.15 11.69
CA SER A 357 26.15 30.20 10.39
C SER A 357 27.67 30.24 10.54
N GLN A 358 28.18 29.69 11.63
CA GLN A 358 29.62 29.71 11.91
C GLN A 358 30.22 28.31 11.88
N HIS A 359 29.54 27.34 11.27
CA HIS A 359 30.03 25.98 11.16
C HIS A 359 29.96 25.50 9.71
N GLY A 360 30.38 26.35 8.79
CA GLY A 360 30.40 25.99 7.40
C GLY A 360 29.04 26.12 6.74
N LEU A 361 28.98 25.68 5.48
CA LEU A 361 27.74 25.76 4.73
C LEU A 361 26.68 24.83 5.32
N LEU A 362 27.05 23.56 5.53
CA LEU A 362 26.06 22.58 5.98
C LEU A 362 25.47 22.98 7.32
N GLY A 363 26.29 23.50 8.23
CA GLY A 363 25.77 23.99 9.49
C GLY A 363 24.76 25.11 9.30
N THR A 364 25.05 26.03 8.38
CA THR A 364 24.10 27.11 8.11
C THR A 364 22.80 26.58 7.55
N LEU A 365 22.87 25.63 6.62
CA LEU A 365 21.65 25.04 6.09
C LEU A 365 20.84 24.37 7.19
N PHE A 366 21.50 23.59 8.05
CA PHE A 366 20.77 22.91 9.11
C PHE A 366 20.14 23.90 10.08
N SER A 367 20.88 24.95 10.45
CA SER A 367 20.36 25.92 11.39
C SER A 367 19.15 26.65 10.82
N THR A 368 19.25 27.08 9.55
CA THR A 368 18.13 27.75 8.92
C THR A 368 16.93 26.81 8.81
N ALA A 369 17.18 25.53 8.48
CA ALA A 369 16.09 24.57 8.38
C ALA A 369 15.41 24.39 9.73
N MET A 370 16.18 24.26 10.81
CA MET A 370 15.57 24.11 12.12
C MET A 370 14.77 25.34 12.49
N THR A 371 15.31 26.53 12.24
CA THR A 371 14.60 27.76 12.58
C THR A 371 13.27 27.84 11.85
N PHE A 372 13.29 27.62 10.53
CA PHE A 372 12.06 27.76 9.77
C PHE A 372 11.08 26.64 10.07
N ALA A 373 11.58 25.43 10.33
CA ALA A 373 10.69 24.35 10.74
C ALA A 373 9.99 24.67 12.04
N PHE A 374 10.73 25.20 13.02
CA PHE A 374 10.10 25.59 14.28
C PHE A 374 9.08 26.70 14.05
N VAL A 375 9.40 27.68 13.21
CA VAL A 375 8.47 28.77 12.96
C VAL A 375 7.19 28.23 12.34
N SER A 376 7.31 27.34 11.35
CA SER A 376 6.13 26.78 10.71
C SER A 376 5.31 25.94 11.69
N TYR A 377 5.98 25.15 12.53
CA TYR A 377 5.26 24.36 13.52
C TYR A 377 4.53 25.25 14.50
N TRP A 378 5.17 26.34 14.92
CA TRP A 378 4.55 27.28 15.85
C TRP A 378 3.31 27.91 15.24
N HIS A 379 3.35 28.18 13.94
CA HIS A 379 2.21 28.80 13.25
C HIS A 379 1.08 27.83 12.97
N GLY A 380 1.26 26.54 13.23
CA GLY A 380 0.19 25.58 13.02
C GLY A 380 0.67 24.27 12.43
N GLY A 381 1.74 24.31 11.65
CA GLY A 381 2.27 23.09 11.06
C GLY A 381 1.46 22.54 9.91
N TYR A 382 0.68 23.38 9.23
CA TYR A 382 -0.09 22.94 8.09
C TYR A 382 0.82 22.75 6.88
N ASP A 383 0.29 22.09 5.85
CA ASP A 383 1.09 21.79 4.67
C ASP A 383 1.57 23.06 3.98
N TYR A 384 0.69 24.05 3.85
CA TYR A 384 1.10 25.31 3.23
C TYR A 384 2.15 26.01 4.08
N LEU A 385 2.06 25.90 5.40
CA LEU A 385 3.10 26.47 6.27
C LEU A 385 4.44 25.79 6.04
N TRP A 386 4.44 24.47 5.88
CA TRP A 386 5.67 23.74 5.63
C TRP A 386 6.24 24.11 4.27
N TRP A 388 5.84 27.08 2.78
CA TRP A 388 6.39 28.41 2.99
C TRP A 388 7.75 28.31 3.66
N ALA A 389 7.84 27.45 4.67
CA ALA A 389 9.09 27.26 5.38
C ALA A 389 10.17 26.73 4.46
N ALA A 390 9.84 25.74 3.62
CA ALA A 390 10.82 25.20 2.69
C ALA A 390 11.29 26.29 1.72
N LEU A 391 10.35 27.04 1.16
CA LEU A 391 10.73 28.09 0.20
C LEU A 391 11.61 29.14 0.84
N ASN A 392 11.25 29.58 2.05
CA ASN A 392 12.03 30.65 2.68
C ASN A 392 13.37 30.15 3.19
N TRP A 393 13.44 28.90 3.65
CA TRP A 393 14.73 28.31 4.00
C TRP A 393 15.62 28.26 2.77
N LEU A 394 15.09 27.82 1.64
CA LEU A 394 15.87 27.79 0.42
C LEU A 394 16.34 29.19 0.02
N GLY A 395 15.44 30.17 0.13
CA GLY A 395 15.82 31.53 -0.24
C GLY A 395 16.92 32.09 0.64
N VAL A 396 16.78 31.92 1.96
CA VAL A 396 17.79 32.41 2.88
C VAL A 396 19.11 31.69 2.65
N THR A 397 19.07 30.38 2.44
CA THR A 397 20.29 29.62 2.19
C THR A 397 20.98 30.09 0.92
N VAL A 398 20.22 30.29 -0.15
CA VAL A 398 20.80 30.74 -1.40
C VAL A 398 21.41 32.13 -1.24
N GLU A 399 20.71 33.01 -0.52
CA GLU A 399 21.23 34.35 -0.31
C GLU A 399 22.54 34.32 0.49
N ASN A 400 22.59 33.50 1.54
CA ASN A 400 23.84 33.37 2.30
C ASN A 400 24.96 32.81 1.43
N GLY A 401 24.64 31.80 0.62
CA GLY A 401 25.66 31.24 -0.24
C GLY A 401 26.22 32.25 -1.23
N VAL A 402 25.33 33.01 -1.86
CA VAL A 402 25.78 34.02 -2.82
C VAL A 402 26.57 35.10 -2.11
N ARG A 403 26.14 35.51 -0.92
CA ARG A 403 26.88 36.53 -0.18
C ARG A 403 28.29 36.05 0.15
N ARG A 404 28.41 34.81 0.62
CA ARG A 404 29.74 34.28 0.91
C ARG A 404 30.58 34.18 -0.35
N LEU A 405 29.98 33.72 -1.45
CA LEU A 405 30.72 33.57 -2.70
C LEU A 405 31.26 34.92 -3.17
N VAL A 406 30.43 35.96 -3.12
CA VAL A 406 30.89 37.29 -3.50
C VAL A 406 31.94 37.80 -2.53
N GLU A 407 31.81 37.46 -1.24
CA GLU A 407 32.75 37.94 -0.24
C GLU A 407 34.13 37.30 -0.35
N THR A 408 34.27 36.25 -1.15
CA THR A 408 35.59 35.65 -1.33
C THR A 408 36.53 36.67 -1.98
N PRO A 409 37.80 36.71 -1.57
CA PRO A 409 38.70 37.72 -2.14
C PRO A 409 38.82 37.63 -3.65
N CYS A 410 38.87 36.41 -4.20
CA CYS A 410 39.03 36.26 -5.64
C CYS A 410 37.84 36.85 -6.39
N ILE A 411 36.61 36.50 -5.97
CA ILE A 411 35.42 36.99 -6.65
C ILE A 411 35.32 38.50 -6.50
N GLN A 412 35.59 39.03 -5.30
CA GLN A 412 35.53 40.47 -5.09
C GLN A 412 36.52 41.20 -5.98
N ASP A 413 37.76 40.69 -6.06
CA ASP A 413 38.76 41.32 -6.90
C ASP A 413 38.35 41.27 -8.38
N SER A 414 37.82 40.14 -8.83
CA SER A 414 37.38 40.03 -10.22
C SER A 414 36.26 41.03 -10.50
N LEU A 415 35.30 41.14 -9.59
CA LEU A 415 34.20 42.08 -9.79
C LEU A 415 34.70 43.51 -9.84
N ALA A 416 35.61 43.87 -8.93
CA ALA A 416 36.15 45.23 -8.94
C ALA A 416 36.91 45.51 -10.22
N ARG A 417 37.69 44.55 -10.70
CA ARG A 417 38.48 44.75 -11.91
C ARG A 417 37.59 44.88 -13.14
N TYR A 418 36.55 44.06 -13.24
CA TYR A 418 35.77 43.98 -14.46
C TYR A 418 34.63 44.99 -14.52
N PHE A 419 33.91 45.18 -13.42
CA PHE A 419 32.68 45.95 -13.41
C PHE A 419 32.83 47.23 -12.61
N SER A 420 32.29 48.32 -13.16
CA SER A 420 32.24 49.60 -12.46
C SER A 420 31.31 49.50 -11.26
N PRO A 421 31.51 50.35 -10.25
CA PRO A 421 30.61 50.30 -9.08
C PRO A 421 29.14 50.45 -9.46
N GLN A 422 28.83 51.29 -10.44
CA GLN A 422 27.46 51.37 -10.92
C GLN A 422 27.01 50.05 -11.52
N ALA A 423 27.89 49.40 -12.28
CA ALA A 423 27.55 48.09 -12.83
C ALA A 423 27.36 47.07 -11.72
N ARG A 424 28.19 47.12 -10.68
CA ARG A 424 28.03 46.20 -9.56
C ARG A 424 26.69 46.42 -8.87
N ARG A 425 26.30 47.68 -8.66
CA ARG A 425 25.02 47.95 -8.03
C ARG A 425 23.86 47.49 -8.91
N ARG A 426 24.00 47.67 -10.23
CA ARG A 426 22.96 47.20 -11.14
C ARG A 426 22.83 45.69 -11.10
N PHE A 427 23.97 44.98 -11.04
CA PHE A 427 23.93 43.53 -10.92
C PHE A 427 23.30 43.10 -9.60
N HIS A 428 23.62 43.80 -8.52
CA HIS A 428 23.00 43.50 -7.23
C HIS A 428 21.50 43.70 -7.30
N ALA A 429 21.05 44.78 -7.93
CA ALA A 429 19.62 45.00 -8.08
C ALA A 429 18.96 43.92 -8.93
N ALA A 430 19.64 43.49 -9.98
CA ALA A 430 19.10 42.43 -10.82
C ALA A 430 18.92 41.14 -10.03
N LEU A 431 19.91 40.78 -9.21
CA LEU A 431 19.77 39.59 -8.38
C LEU A 431 18.67 39.76 -7.33
N ALA A 432 18.62 40.93 -6.70
CA ALA A 432 17.59 41.19 -5.70
C ALA A 432 16.21 41.18 -6.31
N SER A 433 16.08 41.43 -7.62
CA SER A 433 14.79 41.34 -8.27
C SER A 433 14.24 39.91 -8.21
N CYS A 434 15.06 38.93 -8.61
CA CYS A 434 14.65 37.54 -8.52
C CYS A 434 14.44 37.11 -7.08
N SER A 435 15.32 37.57 -6.19
CA SER A 435 15.15 37.27 -4.77
C SER A 435 13.80 37.77 -4.26
N THR A 436 13.43 39.01 -4.63
CA THR A 436 12.17 39.58 -4.20
C THR A 436 10.98 38.84 -4.80
N SER A 437 11.09 38.43 -6.06
CA SER A 437 10.00 37.69 -6.68
C SER A 437 9.76 36.38 -5.94
N MET A 438 10.83 35.65 -5.63
CA MET A 438 10.67 34.39 -4.90
C MET A 438 10.16 34.63 -3.48
N LEU A 439 10.63 35.70 -2.83
CA LEU A 439 10.14 36.03 -1.50
C LEU A 439 8.65 36.33 -1.51
N ILE A 440 8.20 37.10 -2.49
CA ILE A 440 6.78 37.40 -2.61
C ILE A 440 5.99 36.13 -2.86
N LEU A 441 6.50 35.24 -3.71
CA LEU A 441 5.77 34.00 -3.99
C LEU A 441 5.65 33.15 -2.73
N SER A 442 6.73 33.02 -1.96
CA SER A 442 6.66 32.21 -0.75
C SER A 442 5.70 32.82 0.27
N ASN A 443 5.73 34.15 0.40
CA ASN A 443 4.83 34.79 1.36
C ASN A 443 3.38 34.74 0.90
N LEU A 444 3.15 34.73 -0.42
CA LEU A 444 1.80 34.49 -0.91
C LEU A 444 1.35 33.07 -0.60
N VAL A 445 2.25 32.11 -0.69
CA VAL A 445 1.92 30.76 -0.24
C VAL A 445 1.52 30.78 1.22
N PHE A 446 2.25 31.54 2.04
CA PHE A 446 1.89 31.65 3.45
C PHE A 446 0.50 32.23 3.63
N LEU A 447 0.23 33.37 2.99
CA LEU A 447 -1.01 34.10 3.25
C LEU A 447 -2.21 33.38 2.67
N GLY A 448 -2.12 32.95 1.42
CA GLY A 448 -3.24 32.36 0.72
C GLY A 448 -3.20 30.85 0.56
N GLY A 449 -2.15 30.19 1.00
CA GLY A 449 -2.08 28.76 0.90
C GLY A 449 -1.47 28.29 -0.40
N ASN A 450 -1.60 26.98 -0.65
CA ASN A 450 -0.93 26.38 -1.80
C ASN A 450 -1.65 26.71 -3.10
N GLU A 451 -2.98 26.86 -3.08
CA GLU A 451 -3.69 27.17 -4.31
C GLU A 451 -3.24 28.51 -4.88
N VAL A 452 -3.10 29.52 -4.02
CA VAL A 452 -2.64 30.82 -4.48
C VAL A 452 -1.23 30.72 -5.03
N GLY A 453 -0.36 29.96 -4.35
CA GLY A 453 0.99 29.78 -4.84
C GLY A 453 1.03 29.13 -6.21
N LYS A 454 0.24 28.06 -6.39
CA LYS A 454 0.18 27.41 -7.70
C LYS A 454 -0.32 28.37 -8.76
N THR A 455 -1.36 29.14 -8.45
CA THR A 455 -1.90 30.07 -9.43
C THR A 455 -0.85 31.09 -9.84
N TYR A 456 -0.16 31.68 -8.86
CA TYR A 456 0.85 32.68 -9.17
C TYR A 456 2.01 32.08 -9.94
N TRP A 457 2.47 30.90 -9.51
CA TRP A 457 3.58 30.26 -10.20
C TRP A 457 3.24 29.95 -11.65
N ASN A 458 2.01 29.49 -11.90
CA ASN A 458 1.63 29.12 -13.25
C ASN A 458 1.40 30.35 -14.12
N ARG A 459 0.76 31.39 -13.57
CA ARG A 459 0.39 32.53 -14.38
C ARG A 459 1.50 33.55 -14.54
N ILE A 460 2.55 33.48 -13.72
CA ILE A 460 3.64 34.43 -13.76
C ILE A 460 4.93 33.80 -14.27
N PHE A 461 5.19 32.54 -13.93
CA PHE A 461 6.45 31.90 -14.21
C PHE A 461 6.38 30.77 -15.21
N ILE A 462 5.19 30.25 -15.51
CA ILE A 462 5.06 29.13 -16.43
C ILE A 462 4.26 29.56 -17.65
N GLN A 463 3.00 29.96 -17.44
CA GLN A 463 2.15 30.36 -18.54
C GLN A 463 2.51 31.74 -19.09
N GLY A 464 3.36 32.49 -18.40
CA GLY A 464 3.76 33.80 -18.87
C GLY A 464 5.27 33.97 -18.85
N TRP A 465 6.01 32.90 -19.09
CA TRP A 465 7.47 32.98 -19.07
C TRP A 465 8.01 34.05 -20.01
N PRO A 466 7.56 34.15 -21.27
CA PRO A 466 8.22 35.07 -22.20
C PRO A 466 8.26 36.50 -21.72
N TRP A 467 7.10 37.08 -21.43
CA TRP A 467 6.99 38.52 -21.22
C TRP A 467 6.41 38.92 -19.88
N VAL A 468 5.44 38.15 -19.35
CA VAL A 468 4.90 38.47 -18.03
C VAL A 468 6.00 38.38 -16.98
N THR A 469 6.80 37.30 -17.05
CA THR A 469 7.88 37.13 -16.09
C THR A 469 8.90 38.24 -16.21
N LEU A 470 9.27 38.61 -17.44
CA LEU A 470 10.28 39.66 -17.61
C LEU A 470 9.75 41.01 -17.16
N SER A 471 8.46 41.30 -17.39
CA SER A 471 7.89 42.54 -16.90
C SER A 471 7.89 42.59 -15.38
N VAL A 472 7.49 41.49 -14.74
CA VAL A 472 7.52 41.44 -13.29
C VAL A 472 8.93 41.63 -12.78
N LEU A 473 9.91 40.99 -13.43
CA LEU A 473 11.29 41.08 -12.97
C LEU A 473 11.87 42.47 -13.20
N GLY A 474 11.50 43.15 -14.28
CA GLY A 474 11.93 44.53 -14.47
C GLY A 474 11.35 45.49 -13.45
N PHE A 475 10.06 45.35 -13.16
CA PHE A 475 9.47 46.19 -12.12
C PHE A 475 10.12 45.91 -10.78
N LEU A 476 10.37 44.63 -10.46
CA LEU A 476 11.06 44.29 -9.23
C LEU A 476 12.51 44.73 -9.25
N TYR A 477 13.11 44.89 -10.43
CA TYR A 477 14.47 45.42 -10.51
C TYR A 477 14.51 46.89 -10.13
N CYS A 478 13.57 47.68 -10.65
CA CYS A 478 13.45 49.06 -10.20
C CYS A 478 13.17 49.11 -8.70
N TYR A 479 12.25 48.26 -8.23
CA TYR A 479 11.93 48.21 -6.81
C TYR A 479 13.15 47.88 -5.98
N SER A 480 13.98 46.94 -6.43
CA SER A 480 15.16 46.53 -5.67
C SER A 480 16.23 47.60 -5.68
N HIS A 481 16.39 48.32 -6.78
CA HIS A 481 17.28 49.48 -6.74
C HIS A 481 16.84 50.46 -5.67
N VAL A 482 15.55 50.80 -5.65
CA VAL A 482 15.04 51.72 -4.63
C VAL A 482 15.14 51.14 -3.22
N GLY A 483 15.00 49.84 -3.06
CA GLY A 483 15.09 49.22 -1.74
C GLY A 483 16.51 49.17 -1.22
N ILE A 484 17.48 48.89 -2.10
CA ILE A 484 18.88 48.87 -1.69
C ILE A 484 19.35 50.27 -1.36
N ALA A 485 18.92 51.26 -2.15
CA ALA A 485 19.29 52.65 -1.84
C ALA A 485 18.84 53.02 -0.44
N TRP A 486 17.61 52.63 -0.06
CA TRP A 486 17.13 52.92 1.27
C TRP A 486 17.86 52.08 2.33
N ALA A 487 18.11 50.81 2.03
CA ALA A 487 18.78 49.94 2.98
C ALA A 487 20.19 50.41 3.29
N GLN A 488 20.79 51.21 2.40
CA GLN A 488 22.09 51.80 2.73
C GLN A 488 22.03 52.62 4.01
N THR A 489 20.85 53.12 4.38
CA THR A 489 20.74 53.96 5.57
C THR A 489 20.84 53.13 6.86
N TYR A 490 20.22 51.95 6.88
CA TYR A 490 20.19 51.14 8.09
C TYR A 490 20.92 49.81 7.96
N ALA A 491 20.93 49.19 6.78
CA ALA A 491 21.53 47.86 6.66
C ALA A 491 23.04 47.90 6.87
N THR A 492 23.67 49.04 6.60
CA THR A 492 25.12 49.13 6.76
C THR A 492 25.54 48.87 8.20
N ASP A 493 24.82 49.44 9.16
CA ASP A 493 25.12 49.26 10.57
C ASP A 493 24.16 48.27 11.20
N GLN B 23 -21.06 29.28 14.63
CA GLN B 23 -20.13 28.19 14.82
C GLN B 23 -20.26 27.17 13.70
N VAL B 24 -19.12 26.81 13.10
CA VAL B 24 -19.13 25.85 11.99
C VAL B 24 -19.47 24.47 12.51
N GLN B 25 -20.44 23.83 11.86
CA GLN B 25 -20.88 22.49 12.25
C GLN B 25 -20.96 21.63 11.00
N LEU B 26 -20.41 20.42 11.08
CA LEU B 26 -20.41 19.46 9.98
C LEU B 26 -21.25 18.26 10.38
N VAL B 27 -22.20 17.89 9.52
CA VAL B 27 -23.12 16.79 9.78
C VAL B 27 -22.96 15.76 8.67
N GLU B 28 -22.55 14.55 9.04
CA GLU B 28 -22.43 13.45 8.08
C GLU B 28 -23.78 12.79 7.86
N SER B 29 -23.95 12.19 6.69
CA SER B 29 -25.17 11.48 6.35
C SER B 29 -24.89 10.60 5.14
N GLY B 30 -25.83 9.72 4.84
CA GLY B 30 -25.73 8.84 3.71
C GLY B 30 -24.93 7.58 3.95
N GLY B 31 -24.34 7.42 5.13
CA GLY B 31 -23.60 6.22 5.43
C GLY B 31 -24.47 5.12 6.02
N GLY B 32 -23.97 3.90 5.95
CA GLY B 32 -24.71 2.78 6.49
C GLY B 32 -24.04 1.47 6.12
N LEU B 33 -24.82 0.40 6.20
CA LEU B 33 -24.34 -0.94 5.87
C LEU B 33 -24.82 -1.29 4.47
N VAL B 34 -23.87 -1.47 3.55
CA VAL B 34 -24.17 -1.81 2.17
C VAL B 34 -24.04 -3.33 2.02
N LYS B 35 -25.14 -3.99 1.72
CA LYS B 35 -25.17 -5.43 1.53
C LYS B 35 -25.76 -5.74 0.16
N GLU B 36 -25.06 -6.59 -0.60
CA GLU B 36 -25.55 -6.96 -1.92
C GLU B 36 -26.81 -7.79 -1.80
N GLU B 37 -27.81 -7.48 -2.61
CA GLU B 37 -29.06 -8.22 -2.65
C GLU B 37 -29.02 -9.22 -3.80
N THR B 38 -29.46 -10.44 -3.53
CA THR B 38 -29.42 -11.53 -4.50
C THR B 38 -30.82 -11.75 -5.05
N GLN B 39 -30.95 -11.68 -6.37
CA GLN B 39 -32.20 -11.95 -7.06
C GLN B 39 -32.06 -13.25 -7.86
N SER B 40 -33.09 -13.56 -8.63
CA SER B 40 -33.15 -14.81 -9.38
C SER B 40 -33.82 -14.58 -10.72
N GLY B 41 -33.52 -15.46 -11.66
CA GLY B 41 -34.16 -15.42 -12.97
C GLY B 41 -33.31 -14.80 -14.05
N LEU B 42 -33.07 -15.55 -15.13
CA LEU B 42 -32.31 -15.00 -16.25
C LEU B 42 -33.05 -13.82 -16.87
N ASN B 43 -34.37 -13.92 -17.01
CA ASN B 43 -35.15 -12.82 -17.57
C ASN B 43 -35.04 -11.57 -16.70
N ASN B 44 -35.08 -11.73 -15.38
CA ASN B 44 -34.95 -10.58 -14.49
C ASN B 44 -33.58 -9.93 -14.65
N TYR B 45 -32.54 -10.74 -14.81
CA TYR B 45 -31.20 -10.17 -14.99
C TYR B 45 -31.16 -9.26 -16.21
N ALA B 46 -31.73 -9.71 -17.33
CA ALA B 46 -31.80 -8.87 -18.51
C ALA B 46 -32.65 -7.63 -18.23
N ARG B 47 -33.76 -7.80 -17.53
CA ARG B 47 -34.62 -6.67 -17.20
C ARG B 47 -33.88 -5.67 -16.31
N VAL B 48 -33.15 -6.17 -15.31
CA VAL B 48 -32.41 -5.28 -14.42
C VAL B 48 -31.35 -4.50 -15.20
N VAL B 49 -30.64 -5.17 -16.10
CA VAL B 49 -29.60 -4.51 -16.86
C VAL B 49 -30.18 -3.35 -17.66
N GLU B 50 -31.32 -3.58 -18.32
CA GLU B 50 -31.98 -2.50 -19.04
C GLU B 50 -32.41 -1.40 -18.08
N LYS B 51 -32.93 -1.76 -16.91
CA LYS B 51 -33.36 -0.76 -15.94
C LYS B 51 -32.17 0.06 -15.44
N GLY B 52 -30.98 -0.52 -15.41
CA GLY B 52 -29.80 0.22 -15.04
C GLY B 52 -29.78 0.59 -13.56
N GLN B 53 -29.15 1.73 -13.27
CA GLN B 53 -29.04 2.28 -11.92
C GLN B 53 -28.63 1.20 -10.91
N TYR B 54 -27.43 0.65 -11.12
CA TYR B 54 -26.82 -0.28 -10.21
C TYR B 54 -25.32 -0.07 -10.21
N ASP B 55 -24.69 -0.26 -9.05
CA ASP B 55 -23.24 -0.14 -8.99
C ASP B 55 -22.58 -1.22 -9.84
N SER B 56 -23.06 -2.45 -9.75
CA SER B 56 -22.53 -3.55 -10.54
C SER B 56 -23.40 -4.77 -10.35
N LEU B 57 -23.51 -5.58 -11.40
CA LEU B 57 -24.18 -6.86 -11.35
C LEU B 57 -23.14 -7.97 -11.38
N GLU B 58 -23.46 -9.09 -10.73
CA GLU B 58 -22.47 -10.14 -10.51
C GLU B 58 -23.21 -11.47 -10.52
N ILE B 59 -22.96 -12.31 -11.52
CA ILE B 59 -23.56 -13.62 -11.61
C ILE B 59 -22.56 -14.65 -11.07
N PRO B 60 -22.89 -15.35 -9.98
CA PRO B 60 -21.97 -16.39 -9.50
C PRO B 60 -21.67 -17.45 -10.55
N ALA B 61 -22.65 -17.79 -11.38
CA ALA B 61 -22.43 -18.76 -12.45
C ALA B 61 -21.39 -18.25 -13.43
N GLN B 62 -21.42 -16.95 -13.75
CA GLN B 62 -20.42 -16.41 -14.67
C GLN B 62 -19.04 -16.38 -14.03
N VAL B 63 -18.97 -16.17 -12.72
CA VAL B 63 -17.70 -16.26 -12.02
C VAL B 63 -17.16 -17.68 -12.12
N ALA B 64 -18.01 -18.68 -11.89
CA ALA B 64 -17.58 -20.05 -12.04
C ALA B 64 -17.17 -20.36 -13.47
N ALA B 65 -17.85 -19.75 -14.44
CA ALA B 65 -17.46 -19.92 -15.83
C ALA B 65 -16.06 -19.37 -16.10
N SER B 66 -15.77 -18.18 -15.54
CA SER B 66 -14.44 -17.62 -15.67
C SER B 66 -13.40 -18.51 -15.01
N TRP B 67 -13.74 -19.09 -13.86
CA TRP B 67 -12.84 -20.03 -13.20
C TRP B 67 -12.60 -21.26 -14.07
N GLU B 68 -13.64 -21.75 -14.74
CA GLU B 68 -13.53 -22.97 -15.54
C GLU B 68 -12.56 -22.78 -16.69
N SER B 69 -12.39 -21.55 -17.17
CA SER B 69 -11.47 -21.29 -18.27
C SER B 69 -10.02 -21.43 -17.83
N GLY B 70 -9.75 -21.45 -16.53
CA GLY B 70 -8.40 -21.52 -16.02
C GLY B 70 -7.67 -20.19 -16.04
N ARG B 71 -8.30 -19.13 -16.51
CA ARG B 71 -7.70 -17.80 -16.60
C ARG B 71 -8.78 -16.82 -16.12
N ASP B 72 -8.79 -16.55 -14.82
CA ASP B 72 -9.93 -15.89 -14.20
C ASP B 72 -10.04 -14.41 -14.55
N ASP B 73 -8.99 -13.82 -15.11
CA ASP B 73 -9.02 -12.40 -15.47
C ASP B 73 -8.36 -12.19 -16.83
N ALA B 74 -8.62 -13.09 -17.78
CA ALA B 74 -8.07 -12.95 -19.12
C ALA B 74 -8.85 -11.92 -19.92
N ALA B 75 -8.16 -11.29 -20.86
CA ALA B 75 -8.80 -10.25 -21.67
C ALA B 75 -9.88 -10.83 -22.57
N VAL B 76 -9.66 -12.04 -23.10
CA VAL B 76 -10.60 -12.61 -24.06
C VAL B 76 -11.96 -12.82 -23.41
N PHE B 77 -12.02 -13.00 -22.09
CA PHE B 77 -13.27 -13.19 -21.39
C PHE B 77 -13.84 -11.88 -20.85
N GLY B 78 -13.45 -10.75 -21.42
CA GLY B 78 -14.06 -9.48 -21.07
C GLY B 78 -13.54 -8.84 -19.80
N PHE B 79 -12.34 -9.19 -19.36
CA PHE B 79 -11.76 -8.62 -18.16
C PHE B 79 -10.77 -7.54 -18.56
N ILE B 80 -11.16 -6.29 -18.40
CA ILE B 80 -10.32 -5.15 -18.73
C ILE B 80 -10.48 -4.10 -17.62
N ASP B 81 -9.37 -3.47 -17.24
CA ASP B 81 -9.41 -2.47 -16.19
C ASP B 81 -10.14 -1.22 -16.68
N LYS B 82 -10.65 -0.45 -15.72
CA LYS B 82 -11.43 0.74 -16.06
C LYS B 82 -10.58 1.73 -16.87
N GLU B 83 -9.34 1.96 -16.45
CA GLU B 83 -8.46 2.85 -17.20
C GLU B 83 -8.16 2.30 -18.59
N GLN B 84 -7.95 0.99 -18.69
CA GLN B 84 -7.74 0.38 -20.00
C GLN B 84 -9.00 0.47 -20.85
N LEU B 85 -10.16 0.23 -20.26
CA LEU B 85 -11.41 0.32 -21.01
C LEU B 85 -11.67 1.75 -21.47
N ASP B 86 -11.38 2.74 -20.61
CA ASP B 86 -11.58 4.13 -21.01
C ASP B 86 -10.70 4.48 -22.19
N LYS B 87 -9.44 4.07 -22.16
CA LYS B 87 -8.55 4.32 -23.30
C LYS B 87 -9.01 3.55 -24.53
N TYR B 88 -9.54 2.33 -24.34
CA TYR B 88 -10.05 1.56 -25.46
C TYR B 88 -11.21 2.27 -26.14
N VAL B 89 -12.12 2.85 -25.36
CA VAL B 89 -13.23 3.59 -25.94
C VAL B 89 -12.73 4.88 -26.58
N ALA B 90 -11.80 5.56 -25.94
CA ALA B 90 -11.26 6.80 -26.50
C ALA B 90 -10.61 6.56 -27.86
N ASN B 91 -10.01 5.39 -28.06
CA ASN B 91 -9.40 5.05 -29.33
C ASN B 91 -10.41 4.51 -30.34
N GLY B 92 -11.68 4.39 -29.94
CA GLY B 92 -12.70 3.87 -30.83
C GLY B 92 -13.07 2.44 -30.53
N GLY B 93 -14.16 2.25 -29.80
CA GLY B 93 -14.62 0.92 -29.46
C GLY B 93 -15.73 0.95 -28.44
N LYS B 94 -16.78 0.17 -28.65
CA LYS B 94 -17.90 0.15 -27.72
C LYS B 94 -17.50 -0.56 -26.44
N ARG B 95 -18.08 -0.10 -25.32
CA ARG B 95 -17.87 -0.79 -24.06
C ARG B 95 -18.51 -2.17 -24.06
N SER B 96 -19.49 -2.40 -24.94
CA SER B 96 -20.11 -3.71 -25.04
C SER B 96 -19.20 -4.74 -25.68
N ASP B 97 -18.09 -4.32 -26.28
CA ASP B 97 -17.15 -5.28 -26.87
C ASP B 97 -16.52 -6.17 -25.81
N TRP B 98 -16.55 -5.76 -24.55
CA TRP B 98 -15.91 -6.50 -23.47
C TRP B 98 -16.93 -7.14 -22.53
N THR B 99 -18.19 -7.19 -22.90
CA THR B 99 -19.22 -7.85 -22.11
C THR B 99 -19.51 -9.21 -22.74
N VAL B 100 -19.37 -10.27 -21.94
CA VAL B 100 -19.62 -11.63 -22.39
C VAL B 100 -21.01 -12.03 -21.94
N LYS B 101 -21.90 -12.27 -22.90
CA LYS B 101 -23.26 -12.67 -22.56
C LYS B 101 -23.26 -14.08 -21.96
N PHE B 102 -24.19 -14.30 -21.04
CA PHE B 102 -24.28 -15.54 -20.27
C PHE B 102 -25.59 -16.23 -20.60
N ALA B 103 -25.53 -17.54 -20.84
CA ALA B 103 -26.70 -18.32 -21.18
C ALA B 103 -26.73 -19.58 -20.32
N GLU B 104 -27.92 -20.16 -20.21
CA GLU B 104 -28.14 -21.36 -19.42
C GLU B 104 -28.50 -22.52 -20.34
N ASN B 105 -27.83 -23.65 -20.16
CA ASN B 105 -28.05 -24.83 -20.99
C ASN B 105 -29.18 -25.66 -20.39
N ARG B 106 -30.27 -25.79 -21.14
CA ARG B 106 -31.43 -26.56 -20.72
C ARG B 106 -31.65 -27.70 -21.70
N SER B 107 -31.88 -28.90 -21.18
CA SER B 107 -32.14 -30.05 -22.02
C SER B 107 -33.49 -29.90 -22.72
N GLN B 108 -33.81 -30.89 -23.57
CA GLN B 108 -35.09 -30.86 -24.26
C GLN B 108 -36.25 -30.89 -23.27
N ASP B 109 -36.14 -31.71 -22.23
CA ASP B 109 -37.18 -31.76 -21.20
C ASP B 109 -37.31 -30.44 -20.46
N GLY B 110 -36.33 -29.57 -20.55
CA GLY B 110 -36.32 -28.31 -19.83
C GLY B 110 -35.48 -28.31 -18.57
N THR B 111 -34.91 -29.45 -18.20
CA THR B 111 -34.05 -29.50 -17.02
C THR B 111 -32.80 -28.68 -17.27
N LEU B 112 -32.33 -28.01 -16.21
CA LEU B 112 -31.17 -27.13 -16.31
C LEU B 112 -29.91 -27.98 -16.21
N LEU B 113 -29.19 -28.12 -17.33
CA LEU B 113 -27.93 -28.85 -17.32
C LEU B 113 -26.81 -28.01 -16.73
N GLY B 114 -26.86 -26.69 -16.90
CA GLY B 114 -25.80 -25.82 -16.43
C GLY B 114 -25.84 -24.51 -17.20
N TYR B 115 -24.73 -23.79 -17.12
CA TYR B 115 -24.58 -22.52 -17.80
C TYR B 115 -23.33 -22.54 -18.64
N SER B 116 -23.29 -21.66 -19.64
CA SER B 116 -22.14 -21.54 -20.52
C SER B 116 -22.07 -20.11 -21.03
N LEU B 117 -20.85 -19.58 -21.11
CA LEU B 117 -20.66 -18.28 -21.72
C LEU B 117 -21.09 -18.33 -23.19
N LEU B 118 -21.73 -17.26 -23.65
CA LEU B 118 -22.12 -17.17 -25.05
C LEU B 118 -20.89 -16.79 -25.89
N GLN B 119 -19.90 -17.69 -25.82
CA GLN B 119 -18.61 -17.47 -26.45
C GLN B 119 -17.87 -18.80 -26.52
N GLU B 120 -17.40 -19.17 -27.70
CA GLU B 120 -16.68 -20.42 -27.90
C GLU B 120 -15.18 -20.13 -27.89
N SER B 121 -14.47 -20.76 -26.97
CA SER B 121 -13.06 -20.46 -26.78
C SER B 121 -12.21 -21.28 -27.74
N VAL B 122 -11.22 -20.62 -28.36
CA VAL B 122 -10.34 -21.31 -29.29
C VAL B 122 -9.46 -22.31 -28.55
N ASP B 123 -9.01 -21.96 -27.34
CA ASP B 123 -8.22 -22.90 -26.55
C ASP B 123 -9.04 -24.12 -26.16
N GLN B 124 -10.30 -23.91 -25.77
CA GLN B 124 -11.16 -25.04 -25.41
C GLN B 124 -11.44 -25.91 -26.63
N ALA B 125 -11.67 -25.30 -27.79
CA ALA B 125 -11.89 -26.08 -29.00
C ALA B 125 -10.66 -26.89 -29.36
N SER B 126 -9.48 -26.29 -29.24
CA SER B 126 -8.25 -27.01 -29.54
C SER B 126 -8.02 -28.15 -28.55
N TYR B 127 -8.32 -27.92 -27.27
CA TYR B 127 -8.20 -28.99 -26.29
C TYR B 127 -9.16 -30.14 -26.60
N MET B 128 -10.38 -29.81 -27.02
CA MET B 128 -11.33 -30.85 -27.42
C MET B 128 -10.81 -31.61 -28.63
N TYR B 129 -10.21 -30.90 -29.59
CA TYR B 129 -9.58 -31.55 -30.74
C TYR B 129 -8.47 -32.54 -30.35
N SER B 130 -7.54 -32.09 -29.50
CA SER B 130 -6.47 -32.97 -29.03
C SER B 130 -7.05 -34.14 -28.26
N ASP B 131 -8.08 -33.89 -27.44
CA ASP B 131 -8.76 -34.95 -26.73
C ASP B 131 -9.36 -35.96 -27.70
N ASN B 132 -9.92 -35.49 -28.80
CA ASN B 132 -10.54 -36.41 -29.76
C ASN B 132 -9.51 -37.32 -30.40
N HIS B 133 -8.38 -36.76 -30.86
CA HIS B 133 -7.34 -37.66 -31.38
C HIS B 133 -6.74 -38.57 -30.32
N TYR B 134 -6.56 -38.09 -29.09
CA TYR B 134 -6.01 -39.00 -28.08
C TYR B 134 -6.99 -40.10 -27.74
N LEU B 135 -8.30 -39.79 -27.72
CA LEU B 135 -9.30 -40.83 -27.52
C LEU B 135 -9.31 -41.81 -28.69
N ALA B 136 -9.14 -41.30 -29.90
CA ALA B 136 -9.07 -42.20 -31.06
C ALA B 136 -7.88 -43.13 -30.97
N GLU B 137 -6.72 -42.60 -30.55
CA GLU B 137 -5.54 -43.44 -30.38
C GLU B 137 -5.78 -44.49 -29.30
N MET B 138 -6.41 -44.09 -28.20
CA MET B 138 -6.71 -45.05 -27.14
C MET B 138 -7.66 -46.14 -27.63
N ALA B 139 -8.67 -45.75 -28.41
CA ALA B 139 -9.60 -46.73 -28.95
C ALA B 139 -8.89 -47.70 -29.89
N THR B 140 -7.98 -47.18 -30.73
CA THR B 140 -7.20 -48.05 -31.58
C THR B 140 -6.37 -49.02 -30.76
N ILE B 141 -5.77 -48.54 -29.66
CA ILE B 141 -5.01 -49.41 -28.78
C ILE B 141 -5.92 -50.49 -28.19
N LEU B 142 -7.16 -50.13 -27.88
CA LEU B 142 -8.11 -51.03 -27.25
C LEU B 142 -8.92 -51.84 -28.25
N GLY B 143 -8.57 -51.80 -29.54
CA GLY B 143 -9.27 -52.58 -30.53
C GLY B 143 -10.72 -52.17 -30.73
N LYS B 144 -10.96 -50.87 -30.85
CA LYS B 144 -12.30 -50.32 -31.07
C LYS B 144 -12.24 -49.42 -32.31
N PRO B 145 -12.15 -50.02 -33.50
CA PRO B 145 -11.97 -49.20 -34.71
C PRO B 145 -13.10 -48.24 -34.97
N GLU B 146 -14.35 -48.61 -34.67
CA GLU B 146 -15.47 -47.73 -34.95
C GLU B 146 -15.42 -46.48 -34.09
N GLU B 147 -15.15 -46.64 -32.79
CA GLU B 147 -15.03 -45.49 -31.91
C GLU B 147 -13.87 -44.60 -32.34
N ALA B 148 -12.74 -45.21 -32.71
CA ALA B 148 -11.59 -44.42 -33.16
C ALA B 148 -11.92 -43.62 -34.41
N LYS B 149 -12.62 -44.25 -35.36
CA LYS B 149 -13.00 -43.54 -36.58
C LYS B 149 -13.95 -42.40 -36.27
N ARG B 150 -14.91 -42.62 -35.39
CA ARG B 150 -15.83 -41.55 -35.01
C ARG B 150 -15.09 -40.40 -34.36
N TYR B 151 -14.13 -40.71 -33.47
CA TYR B 151 -13.38 -39.66 -32.81
C TYR B 151 -12.51 -38.89 -33.79
N ARG B 152 -11.91 -39.58 -34.76
CA ARG B 152 -11.14 -38.87 -35.78
C ARG B 152 -12.04 -37.97 -36.61
N GLN B 153 -13.25 -38.43 -36.95
CA GLN B 153 -14.17 -37.58 -37.69
C GLN B 153 -14.54 -36.34 -36.89
N LEU B 154 -14.82 -36.52 -35.60
CA LEU B 154 -15.15 -35.37 -34.76
C LEU B 154 -13.98 -34.40 -34.68
N ALA B 155 -12.76 -34.93 -34.54
CA ALA B 155 -11.58 -34.06 -34.49
C ALA B 155 -11.41 -33.32 -35.81
N GLN B 156 -11.65 -33.99 -36.93
CA GLN B 156 -11.50 -33.34 -38.22
C GLN B 156 -12.49 -32.19 -38.38
N GLN B 157 -13.75 -32.43 -38.03
CA GLN B 157 -14.74 -31.36 -38.17
C GLN B 157 -14.45 -30.22 -37.19
N LEU B 158 -13.96 -30.55 -35.99
CA LEU B 158 -13.62 -29.51 -35.03
C LEU B 158 -12.45 -28.68 -35.51
N ALA B 159 -11.45 -29.31 -36.13
CA ALA B 159 -10.34 -28.57 -36.69
C ALA B 159 -10.80 -27.68 -37.84
N ASP B 160 -11.69 -28.20 -38.68
CA ASP B 160 -12.27 -27.37 -39.73
C ASP B 160 -12.94 -26.14 -39.14
N TYR B 161 -13.74 -26.34 -38.09
CA TYR B 161 -14.41 -25.21 -37.45
C TYR B 161 -13.40 -24.22 -36.88
N ILE B 162 -12.34 -24.72 -36.24
CA ILE B 162 -11.34 -23.83 -35.65
C ILE B 162 -10.68 -22.98 -36.73
N ASN B 163 -10.31 -23.62 -37.84
CA ASN B 163 -9.57 -22.91 -38.89
C ASN B 163 -10.48 -22.03 -39.75
N THR B 164 -11.79 -22.27 -39.74
CA THR B 164 -12.71 -21.47 -40.54
C THR B 164 -13.35 -20.33 -39.77
N CYS B 165 -13.56 -20.49 -38.47
CA CYS B 165 -14.30 -19.51 -37.67
C CYS B 165 -13.41 -18.72 -36.73
N MET B 166 -12.48 -19.37 -36.05
CA MET B 166 -11.69 -18.75 -35.00
C MET B 166 -10.41 -18.12 -35.50
N PHE B 167 -10.12 -18.21 -36.79
CA PHE B 167 -8.95 -17.58 -37.39
C PHE B 167 -9.37 -16.32 -38.12
N ASP B 168 -8.68 -15.22 -37.85
CA ASP B 168 -8.96 -13.95 -38.50
C ASP B 168 -7.96 -13.71 -39.60
N PRO B 169 -8.34 -13.84 -40.89
CA PRO B 169 -7.37 -13.57 -41.95
C PRO B 169 -6.83 -12.15 -41.93
N THR B 170 -7.66 -11.17 -41.52
CA THR B 170 -7.20 -9.78 -41.49
C THR B 170 -6.05 -9.61 -40.50
N THR B 171 -6.17 -10.18 -39.31
CA THR B 171 -5.14 -10.09 -38.29
C THR B 171 -4.21 -11.29 -38.27
N GLN B 172 -4.58 -12.39 -38.93
CA GLN B 172 -3.72 -13.57 -39.03
C GLN B 172 -3.41 -14.15 -37.65
N PHE B 173 -4.46 -14.42 -36.90
CA PHE B 173 -4.33 -14.98 -35.56
C PHE B 173 -5.63 -15.67 -35.19
N TYR B 174 -5.56 -16.49 -34.14
CA TYR B 174 -6.71 -17.25 -33.66
C TYR B 174 -7.37 -16.52 -32.50
N TYR B 175 -8.69 -16.39 -32.58
CA TYR B 175 -9.46 -15.66 -31.58
C TYR B 175 -10.68 -16.47 -31.18
N ASP B 176 -11.25 -16.10 -30.03
CA ASP B 176 -12.54 -16.62 -29.63
C ASP B 176 -13.64 -16.04 -30.50
N VAL B 177 -14.77 -16.75 -30.56
CA VAL B 177 -15.92 -16.33 -31.36
C VAL B 177 -17.14 -16.22 -30.44
N ARG B 178 -17.81 -15.08 -30.51
CA ARG B 178 -19.06 -14.91 -29.78
C ARG B 178 -20.14 -15.81 -30.37
N ILE B 179 -21.01 -16.31 -29.50
CA ILE B 179 -22.21 -17.03 -29.94
C ILE B 179 -23.28 -15.96 -30.17
N GLU B 180 -23.36 -15.48 -31.40
CA GLU B 180 -24.28 -14.41 -31.73
C GLU B 180 -25.70 -14.94 -31.84
N ASP B 181 -26.67 -14.02 -31.84
CA ASP B 181 -28.06 -14.40 -31.86
C ASP B 181 -28.38 -15.32 -33.04
N LYS B 182 -27.68 -15.12 -34.16
CA LYS B 182 -27.81 -16.01 -35.31
C LYS B 182 -26.42 -16.38 -35.82
N PRO B 183 -26.21 -17.62 -36.24
CA PRO B 183 -24.90 -18.01 -36.76
C PRO B 183 -24.64 -17.42 -38.14
N LEU B 184 -23.37 -17.36 -38.49
CA LEU B 184 -22.97 -16.80 -39.77
C LEU B 184 -23.34 -17.76 -40.91
N ALA B 185 -23.17 -17.26 -42.14
CA ALA B 185 -23.57 -18.03 -43.31
C ALA B 185 -22.76 -19.32 -43.42
N ASN B 186 -21.45 -19.25 -43.14
CA ASN B 186 -20.60 -20.42 -43.25
C ASN B 186 -20.87 -21.46 -42.17
N GLY B 187 -21.73 -21.15 -41.20
CA GLY B 187 -22.02 -22.05 -40.11
C GLY B 187 -21.28 -21.77 -38.83
N CYS B 188 -20.55 -20.66 -38.77
CA CYS B 188 -19.80 -20.28 -37.58
C CYS B 188 -20.67 -19.47 -36.64
N ALA B 189 -20.38 -19.59 -35.34
CA ALA B 189 -21.07 -18.81 -34.31
C ALA B 189 -20.32 -17.50 -34.15
N GLY B 190 -20.80 -16.46 -34.82
CA GLY B 190 -20.22 -15.13 -34.69
C GLY B 190 -18.80 -15.02 -35.21
N LYS B 191 -18.33 -13.78 -35.36
CA LYS B 191 -16.99 -13.51 -35.85
C LYS B 191 -15.97 -13.62 -34.73
N PRO B 192 -14.70 -13.83 -35.07
CA PRO B 192 -13.66 -13.84 -34.03
C PRO B 192 -13.62 -12.51 -33.28
N ILE B 193 -13.30 -12.61 -31.99
CA ILE B 193 -13.27 -11.42 -31.12
C ILE B 193 -11.88 -10.83 -31.25
N VAL B 194 -11.68 -10.03 -32.30
CA VAL B 194 -10.40 -9.38 -32.51
C VAL B 194 -10.24 -8.14 -31.65
N GLU B 195 -11.34 -7.59 -31.14
CA GLU B 195 -11.27 -6.34 -30.40
C GLU B 195 -10.49 -6.52 -29.10
N ARG B 196 -10.67 -7.66 -28.44
CA ARG B 196 -10.08 -7.90 -27.13
C ARG B 196 -8.61 -8.27 -27.20
N GLY B 197 -7.99 -8.19 -28.37
CA GLY B 197 -6.56 -8.38 -28.49
C GLY B 197 -6.16 -9.83 -28.60
N LYS B 198 -4.85 -10.04 -28.64
CA LYS B 198 -4.25 -11.36 -28.83
C LYS B 198 -3.83 -11.92 -27.48
N GLY B 199 -4.02 -13.23 -27.31
CA GLY B 199 -3.64 -13.91 -26.10
C GLY B 199 -3.03 -15.26 -26.38
N PRO B 200 -2.61 -15.96 -25.33
CA PRO B 200 -1.99 -17.28 -25.52
C PRO B 200 -2.92 -18.30 -26.13
N GLU B 201 -4.24 -18.08 -26.07
CA GLU B 201 -5.17 -19.00 -26.70
C GLU B 201 -5.01 -19.00 -28.22
N GLY B 202 -4.32 -18.01 -28.77
CA GLY B 202 -4.18 -17.93 -30.22
C GLY B 202 -3.24 -18.97 -30.79
N TRP B 203 -2.27 -19.43 -30.00
CA TRP B 203 -1.38 -20.50 -30.43
C TRP B 203 -1.75 -21.84 -29.80
N SER B 204 -2.89 -21.92 -29.12
CA SER B 204 -3.37 -23.23 -28.66
C SER B 204 -3.64 -24.18 -29.81
N PRO B 205 -4.24 -23.77 -30.93
CA PRO B 205 -4.38 -24.69 -32.06
C PRO B 205 -3.05 -25.24 -32.54
N LEU B 206 -1.99 -24.42 -32.50
CA LEU B 206 -0.68 -24.91 -32.88
C LEU B 206 -0.20 -26.00 -31.94
N PHE B 207 -0.37 -25.80 -30.63
CA PHE B 207 0.03 -26.81 -29.66
C PHE B 207 -0.77 -28.10 -29.86
N ASN B 208 -2.07 -27.98 -30.07
CA ASN B 208 -2.95 -29.13 -30.20
C ASN B 208 -2.99 -29.68 -31.61
N GLY B 209 -2.34 -29.04 -32.57
CA GLY B 209 -2.28 -29.55 -33.92
C GLY B 209 -3.48 -29.27 -34.78
N ALA B 210 -4.44 -28.47 -34.30
CA ALA B 210 -5.62 -28.17 -35.09
C ALA B 210 -5.31 -27.19 -36.22
N ALA B 211 -4.29 -26.35 -36.03
CA ALA B 211 -3.97 -25.32 -37.01
C ALA B 211 -3.45 -25.94 -38.31
N THR B 212 -3.77 -25.30 -39.42
CA THR B 212 -3.18 -25.65 -40.70
C THR B 212 -1.77 -25.05 -40.79
N GLN B 213 -1.03 -25.48 -41.82
CA GLN B 213 0.34 -25.02 -41.96
C GLN B 213 0.40 -23.51 -42.18
N ALA B 214 -0.49 -22.98 -43.02
CA ALA B 214 -0.49 -21.53 -43.28
C ALA B 214 -0.85 -20.76 -42.01
N ASN B 215 -1.91 -21.19 -41.32
CA ASN B 215 -2.31 -20.52 -40.09
C ASN B 215 -1.25 -20.69 -39.02
N ALA B 216 -0.59 -21.85 -38.98
CA ALA B 216 0.50 -22.04 -38.03
C ALA B 216 1.64 -21.08 -38.31
N ASP B 217 2.00 -20.90 -39.58
CA ASP B 217 3.06 -19.95 -39.92
C ASP B 217 2.65 -18.54 -39.53
N ALA B 218 1.41 -18.16 -39.78
CA ALA B 218 0.94 -16.83 -39.40
C ALA B 218 1.03 -16.63 -37.89
N VAL B 219 0.59 -17.63 -37.12
CA VAL B 219 0.62 -17.51 -35.67
C VAL B 219 2.05 -17.41 -35.17
N VAL B 220 2.95 -18.22 -35.73
CA VAL B 220 4.34 -18.17 -35.29
C VAL B 220 4.97 -16.82 -35.63
N LYS B 221 4.64 -16.27 -36.80
CA LYS B 221 5.12 -14.94 -37.13
C LYS B 221 4.61 -13.91 -36.13
N VAL B 222 3.34 -14.00 -35.75
CA VAL B 222 2.79 -13.04 -34.79
C VAL B 222 3.47 -13.17 -33.44
N MET B 223 3.68 -14.39 -32.97
CA MET B 223 4.20 -14.60 -31.62
C MET B 223 5.72 -14.50 -31.55
N LEU B 224 6.41 -14.39 -32.69
CA LEU B 224 7.83 -14.09 -32.70
C LEU B 224 8.11 -12.62 -32.88
N ASP B 225 7.07 -11.80 -32.99
CA ASP B 225 7.24 -10.35 -33.14
C ASP B 225 7.52 -9.72 -31.78
N PRO B 226 8.63 -9.00 -31.60
CA PRO B 226 8.87 -8.37 -30.30
C PRO B 226 7.80 -7.36 -29.91
N LYS B 227 7.05 -6.83 -30.87
CA LYS B 227 5.96 -5.92 -30.56
C LYS B 227 4.71 -6.64 -30.08
N GLU B 228 4.65 -7.97 -30.19
CA GLU B 228 3.48 -8.74 -29.77
C GLU B 228 3.79 -9.67 -28.61
N PHE B 229 4.73 -10.61 -28.77
CA PHE B 229 4.97 -11.62 -27.75
C PHE B 229 6.43 -11.88 -27.46
N ASN B 230 7.37 -11.46 -28.32
CA ASN B 230 8.79 -11.74 -28.10
C ASN B 230 9.38 -10.67 -27.17
N THR B 231 8.93 -10.71 -25.93
CA THR B 231 9.31 -9.74 -24.92
C THR B 231 10.56 -10.23 -24.18
N PHE B 232 10.91 -9.55 -23.09
CA PHE B 232 12.04 -9.98 -22.27
C PHE B 232 11.89 -11.44 -21.88
N VAL B 233 10.72 -11.81 -21.37
CA VAL B 233 10.30 -13.19 -21.18
C VAL B 233 9.20 -13.46 -22.22
N PRO B 234 9.46 -14.26 -23.25
CA PRO B 234 8.50 -14.35 -24.35
C PRO B 234 7.23 -15.09 -23.97
N LEU B 235 6.21 -14.93 -24.82
CA LEU B 235 4.97 -15.69 -24.76
C LEU B 235 4.24 -15.47 -23.43
N GLY B 236 3.83 -14.22 -23.21
CA GLY B 236 3.00 -13.88 -22.08
C GLY B 236 1.54 -14.16 -22.35
N THR B 237 0.72 -13.95 -21.31
CA THR B 237 -0.71 -14.19 -21.40
C THR B 237 -1.46 -13.07 -22.10
N ALA B 238 -0.77 -12.12 -22.72
CA ALA B 238 -1.42 -11.09 -23.51
C ALA B 238 -0.35 -10.36 -24.30
N ALA B 239 -0.64 -10.09 -25.57
CA ALA B 239 0.29 -9.34 -26.39
C ALA B 239 0.41 -7.90 -25.90
N LEU B 240 1.56 -7.29 -26.19
CA LEU B 240 1.75 -5.89 -25.82
C LEU B 240 0.69 -5.00 -26.44
N THR B 241 0.17 -5.38 -27.60
CA THR B 241 -0.86 -4.60 -28.28
C THR B 241 -2.27 -4.87 -27.75
N ASN B 242 -2.43 -5.81 -26.84
CA ASN B 242 -3.75 -6.11 -26.30
C ASN B 242 -4.30 -4.88 -25.57
N PRO B 243 -5.53 -4.46 -25.85
CA PRO B 243 -6.07 -3.29 -25.14
C PRO B 243 -6.06 -3.44 -23.63
N ALA B 244 -6.22 -4.66 -23.13
CA ALA B 244 -6.23 -4.94 -21.70
C ALA B 244 -4.89 -5.44 -21.19
N PHE B 245 -3.83 -5.37 -22.00
CA PHE B 245 -2.54 -5.85 -21.55
C PHE B 245 -2.04 -5.03 -20.37
N GLY B 246 -1.53 -5.72 -19.37
CA GLY B 246 -0.78 -5.06 -18.32
C GLY B 246 0.21 -6.01 -17.69
N ALA B 247 1.49 -5.62 -17.66
CA ALA B 247 2.45 -6.40 -16.90
C ALA B 247 2.08 -6.35 -15.43
N ASP B 248 2.32 -7.45 -14.73
CA ASP B 248 1.92 -7.70 -13.35
C ASP B 248 0.47 -8.12 -13.26
N ILE B 249 -0.27 -8.16 -14.36
CA ILE B 249 -1.59 -8.78 -14.38
C ILE B 249 -1.42 -10.26 -14.68
N TYR B 250 -2.02 -11.11 -13.86
CA TYR B 250 -1.71 -12.53 -13.90
C TYR B 250 -2.04 -13.14 -15.26
N TRP B 251 -3.18 -12.77 -15.83
CA TRP B 251 -3.66 -13.37 -17.08
C TRP B 251 -3.83 -12.33 -18.18
N ARG B 252 -3.17 -11.18 -18.06
CA ARG B 252 -3.20 -10.15 -19.09
C ARG B 252 -1.80 -9.61 -19.32
N GLY B 253 -0.83 -10.51 -19.46
CA GLY B 253 0.52 -10.10 -19.78
C GLY B 253 1.61 -10.88 -19.06
N ARG B 254 1.34 -11.35 -17.85
CA ARG B 254 2.35 -12.10 -17.12
C ARG B 254 2.61 -13.44 -17.79
N VAL B 255 3.87 -13.84 -17.81
CA VAL B 255 4.28 -15.06 -18.50
C VAL B 255 4.12 -16.24 -17.56
N TRP B 256 3.33 -17.22 -17.96
CA TRP B 256 3.17 -18.47 -17.24
C TRP B 256 3.94 -19.56 -17.97
N VAL B 257 4.68 -20.37 -17.23
CA VAL B 257 5.57 -21.34 -17.85
C VAL B 257 4.78 -22.29 -18.74
N ASP B 258 3.52 -22.56 -18.41
CA ASP B 258 2.75 -23.55 -19.16
C ASP B 258 2.36 -23.02 -20.53
N GLN B 259 1.89 -21.77 -20.61
CA GLN B 259 1.58 -21.19 -21.91
C GLN B 259 2.84 -21.04 -22.74
N PHE B 260 3.97 -20.72 -22.09
CA PHE B 260 5.24 -20.65 -22.80
C PHE B 260 5.62 -22.00 -23.40
N TRP B 261 5.46 -23.08 -22.63
CA TRP B 261 5.78 -24.41 -23.14
C TRP B 261 4.80 -24.82 -24.23
N PHE B 262 3.52 -24.47 -24.09
CA PHE B 262 2.56 -24.75 -25.14
C PHE B 262 2.94 -24.05 -26.44
N GLY B 263 3.35 -22.78 -26.34
CA GLY B 263 3.78 -22.07 -27.52
C GLY B 263 4.99 -22.72 -28.18
N LEU B 264 5.99 -23.08 -27.37
CA LEU B 264 7.17 -23.72 -27.92
C LEU B 264 6.82 -25.05 -28.57
N LYS B 265 5.95 -25.83 -27.91
CA LYS B 265 5.58 -27.14 -28.43
C LYS B 265 4.82 -27.02 -29.74
N GLY B 266 3.93 -26.04 -29.85
CA GLY B 266 3.25 -25.81 -31.12
C GLY B 266 4.22 -25.36 -32.21
N MET B 267 5.12 -24.44 -31.87
CA MET B 267 6.12 -24.00 -32.83
C MET B 267 6.90 -25.19 -33.37
N GLU B 268 7.38 -26.06 -32.47
CA GLU B 268 8.11 -27.24 -32.90
C GLU B 268 7.23 -28.16 -33.74
N ARG B 269 5.97 -28.32 -33.33
CA ARG B 269 5.05 -29.18 -34.06
C ARG B 269 4.87 -28.71 -35.49
N TYR B 270 5.01 -27.40 -35.74
CA TYR B 270 4.83 -26.84 -37.07
C TYR B 270 6.14 -26.36 -37.68
N GLY B 271 7.23 -27.10 -37.43
CA GLY B 271 8.47 -26.89 -38.15
C GLY B 271 9.23 -25.65 -37.76
N TYR B 272 9.04 -25.14 -36.55
CA TYR B 272 9.76 -23.97 -36.06
C TYR B 272 10.55 -24.31 -34.80
N ARG B 273 11.22 -25.46 -34.81
CA ARG B 273 11.94 -25.89 -33.63
C ARG B 273 13.13 -25.00 -33.31
N ASP B 274 13.78 -24.44 -34.32
CA ASP B 274 14.91 -23.54 -34.07
C ASP B 274 14.47 -22.29 -33.34
N ASP B 275 13.36 -21.68 -33.78
CA ASP B 275 12.83 -20.51 -33.09
C ASP B 275 12.38 -20.87 -31.68
N ALA B 276 11.80 -22.07 -31.51
CA ALA B 276 11.40 -22.51 -30.18
C ALA B 276 12.61 -22.65 -29.27
N LEU B 277 13.71 -23.19 -29.78
CA LEU B 277 14.93 -23.30 -28.98
C LEU B 277 15.49 -21.93 -28.64
N LYS B 278 15.44 -21.00 -29.59
CA LYS B 278 15.90 -19.63 -29.30
C LYS B 278 15.06 -19.00 -28.19
N LEU B 279 13.74 -19.18 -28.26
CA LEU B 279 12.87 -18.62 -27.23
C LEU B 279 13.11 -19.29 -25.88
N ALA B 280 13.37 -20.60 -25.89
CA ALA B 280 13.68 -21.30 -24.64
C ALA B 280 14.97 -20.77 -24.03
N ASP B 281 15.98 -20.53 -24.86
CA ASP B 281 17.23 -19.95 -24.35
C ASP B 281 16.99 -18.55 -23.80
N THR B 282 16.19 -17.75 -24.50
CA THR B 282 15.87 -16.41 -23.99
C THR B 282 15.18 -16.49 -22.64
N PHE B 283 14.20 -17.40 -22.51
CA PHE B 283 13.50 -17.56 -21.25
C PHE B 283 14.46 -18.00 -20.14
N PHE B 284 15.34 -18.95 -20.44
CA PHE B 284 16.27 -19.42 -19.42
C PHE B 284 17.21 -18.30 -18.97
N ARG B 285 17.68 -17.49 -19.92
CA ARG B 285 18.61 -16.43 -19.56
C ARG B 285 17.92 -15.29 -18.83
N HIS B 286 16.65 -15.01 -19.16
CA HIS B 286 15.98 -13.81 -18.66
C HIS B 286 15.03 -14.07 -17.50
N ALA B 287 14.46 -15.27 -17.39
CA ALA B 287 13.58 -15.57 -16.26
C ALA B 287 14.36 -15.42 -14.96
N LYS B 288 13.79 -14.68 -14.02
CA LYS B 288 14.49 -14.33 -12.79
C LYS B 288 14.51 -15.51 -11.82
N GLY B 289 15.65 -15.68 -11.15
CA GLY B 289 15.76 -16.69 -10.12
C GLY B 289 15.75 -18.12 -10.61
N LEU B 290 15.81 -18.34 -11.92
CA LEU B 290 15.75 -19.70 -12.44
C LEU B 290 16.93 -20.53 -11.97
N THR B 291 18.13 -19.95 -11.97
CA THR B 291 19.33 -20.63 -11.53
C THR B 291 19.61 -20.46 -10.04
N ALA B 292 18.80 -19.68 -9.34
CA ALA B 292 18.96 -19.53 -7.90
C ALA B 292 18.31 -20.72 -7.18
N ASP B 293 18.50 -20.78 -5.87
CA ASP B 293 17.98 -21.86 -5.04
C ASP B 293 16.66 -21.48 -4.38
N GLY B 294 15.86 -20.64 -5.03
CA GLY B 294 14.55 -20.31 -4.55
C GLY B 294 13.49 -21.26 -5.09
N PRO B 295 12.32 -21.25 -4.49
CA PRO B 295 11.24 -22.12 -4.98
C PRO B 295 10.68 -21.65 -6.31
N ILE B 296 10.01 -22.56 -7.00
CA ILE B 296 9.50 -22.33 -8.35
C ILE B 296 8.13 -21.69 -8.24
N GLN B 297 8.04 -20.40 -8.59
CA GLN B 297 6.79 -19.66 -8.45
C GLN B 297 5.93 -19.84 -9.71
N GLU B 298 4.88 -19.03 -9.85
CA GLU B 298 3.85 -19.28 -10.86
C GLU B 298 4.19 -18.65 -12.21
N ASN B 299 4.37 -17.34 -12.25
CA ASN B 299 4.49 -16.61 -13.51
C ASN B 299 5.63 -15.61 -13.42
N TYR B 300 5.92 -14.96 -14.55
CA TYR B 300 6.99 -14.00 -14.67
C TYR B 300 6.48 -12.73 -15.31
N ASN B 301 7.14 -11.62 -14.99
CA ASN B 301 6.84 -10.36 -15.65
C ASN B 301 7.40 -10.39 -17.08
N PRO B 302 6.59 -10.11 -18.10
CA PRO B 302 7.09 -10.20 -19.47
C PRO B 302 8.22 -9.22 -19.77
N LEU B 303 8.32 -8.13 -19.02
CA LEU B 303 9.30 -7.08 -19.27
C LEU B 303 10.50 -7.18 -18.34
N THR B 304 10.26 -7.27 -17.04
CA THR B 304 11.35 -7.34 -16.07
C THR B 304 11.76 -8.78 -15.75
N GLY B 305 10.87 -9.74 -15.94
CA GLY B 305 11.17 -11.12 -15.64
C GLY B 305 11.00 -11.51 -14.18
N ALA B 306 10.43 -10.65 -13.36
CA ALA B 306 10.31 -10.94 -11.94
C ALA B 306 9.26 -12.02 -11.70
N GLN B 307 9.51 -12.86 -10.69
CA GLN B 307 8.62 -13.96 -10.36
C GLN B 307 7.48 -13.48 -9.46
N GLN B 308 6.40 -14.24 -9.48
CA GLN B 308 5.27 -14.07 -8.55
C GLN B 308 4.48 -15.36 -8.50
N GLY B 309 3.77 -15.56 -7.40
CA GLY B 309 2.89 -16.70 -7.22
C GLY B 309 3.26 -17.52 -6.01
N ALA B 310 2.56 -18.64 -5.86
CA ALA B 310 2.83 -19.54 -4.75
C ALA B 310 4.25 -20.09 -4.85
N PRO B 311 4.94 -20.26 -3.73
CA PRO B 311 6.38 -20.59 -3.80
C PRO B 311 6.70 -21.88 -4.54
N ASN B 312 6.20 -23.03 -4.08
CA ASN B 312 6.56 -24.32 -4.65
C ASN B 312 5.43 -24.81 -5.54
N PHE B 313 5.41 -24.31 -6.77
CA PHE B 313 4.28 -24.50 -7.68
C PHE B 313 4.51 -25.73 -8.53
N SER B 314 3.68 -26.76 -8.34
CA SER B 314 3.85 -28.02 -9.07
C SER B 314 3.63 -27.82 -10.56
N TRP B 315 2.76 -26.89 -10.92
CA TRP B 315 2.41 -26.68 -12.32
C TRP B 315 3.56 -26.01 -13.09
N SER B 316 4.13 -24.96 -12.52
CA SER B 316 5.32 -24.34 -13.10
C SER B 316 6.50 -25.30 -13.08
N ALA B 317 6.66 -26.06 -11.99
CA ALA B 317 7.76 -27.03 -11.93
C ALA B 317 7.61 -28.09 -13.01
N ALA B 318 6.39 -28.58 -13.22
CA ALA B 318 6.16 -29.58 -14.26
C ALA B 318 6.53 -29.03 -15.63
N HIS B 319 6.09 -27.81 -15.93
CA HIS B 319 6.38 -27.29 -17.26
C HIS B 319 7.84 -26.88 -17.41
N LEU B 320 8.51 -26.52 -16.31
CA LEU B 320 9.95 -26.32 -16.38
C LEU B 320 10.68 -27.61 -16.65
N TYR B 321 10.24 -28.71 -16.06
CA TYR B 321 10.83 -30.00 -16.38
C TYR B 321 10.58 -30.37 -17.84
N MET B 322 9.38 -30.07 -18.36
CA MET B 322 9.12 -30.32 -19.77
C MET B 322 10.03 -29.49 -20.66
N LEU B 323 10.24 -28.22 -20.30
CA LEU B 323 11.18 -27.39 -21.05
C LEU B 323 12.58 -27.98 -21.02
N TYR B 324 13.02 -28.44 -19.85
CA TYR B 324 14.33 -29.06 -19.74
C TYR B 324 14.43 -30.27 -20.64
N ASN B 325 13.40 -31.11 -20.64
CA ASN B 325 13.43 -32.34 -21.41
C ASN B 325 13.27 -32.09 -22.91
N ASP B 326 12.76 -30.93 -23.29
CA ASP B 326 12.44 -30.64 -24.69
C ASP B 326 13.30 -29.57 -25.33
N PHE B 327 13.55 -28.45 -24.65
CA PHE B 327 14.10 -27.27 -25.30
C PHE B 327 15.36 -26.69 -24.66
N PHE B 328 15.65 -26.98 -23.40
CA PHE B 328 16.87 -26.47 -22.77
C PHE B 328 18.05 -27.28 -23.30
N ARG B 329 18.84 -26.67 -24.18
CA ARG B 329 20.05 -27.29 -24.70
C ARG B 329 21.18 -26.28 -24.66
N LYS B 330 22.40 -26.79 -24.60
CA LYS B 330 23.61 -25.99 -24.75
C LYS B 330 24.85 -26.85 -24.57
N ASN B 349 22.91 -39.45 -9.06
CA ASN B 349 23.46 -39.30 -7.72
C ASN B 349 22.90 -38.04 -7.05
N ALA B 350 22.17 -38.24 -5.95
CA ALA B 350 21.56 -37.11 -5.25
C ALA B 350 22.59 -36.19 -4.63
N ASP B 351 23.79 -36.68 -4.35
CA ASP B 351 24.81 -35.84 -3.74
C ASP B 351 25.32 -34.76 -4.69
N ASN B 352 25.12 -34.93 -6.00
CA ASN B 352 25.57 -33.93 -6.96
C ASN B 352 24.72 -32.67 -6.95
N TYR B 353 23.55 -32.70 -6.32
CA TYR B 353 22.63 -31.57 -6.31
C TYR B 353 22.31 -31.24 -4.86
N LYS B 354 23.10 -30.36 -4.26
CA LYS B 354 22.95 -29.96 -2.87
C LYS B 354 22.36 -28.56 -2.81
N ASN B 355 21.37 -28.39 -1.94
CA ASN B 355 20.71 -27.10 -1.76
C ASN B 355 20.12 -26.59 -3.06
N VAL B 356 19.45 -27.48 -3.80
CA VAL B 356 18.76 -27.06 -5.01
C VAL B 356 17.66 -26.06 -4.67
N ILE B 357 16.98 -26.28 -3.54
CA ILE B 357 15.99 -25.35 -3.01
C ILE B 357 16.39 -25.00 -1.59
N ASN B 358 16.25 -23.73 -1.22
CA ASN B 358 16.60 -23.27 0.11
C ASN B 358 15.58 -23.80 1.11
N ARG B 359 15.95 -24.88 1.80
CA ARG B 359 15.08 -25.52 2.78
C ARG B 359 15.42 -25.16 4.21
N THR B 360 16.26 -24.14 4.41
CA THR B 360 16.57 -23.70 5.76
C THR B 360 15.49 -22.76 6.27
N GLY B 361 15.37 -22.69 7.58
CA GLY B 361 14.40 -21.80 8.18
C GLY B 361 14.27 -22.07 9.66
N ALA B 362 13.52 -21.21 10.32
CA ALA B 362 13.26 -21.32 11.74
C ALA B 362 11.95 -20.61 12.06
N PRO B 363 10.81 -21.17 11.67
CA PRO B 363 9.55 -20.45 11.84
C PRO B 363 9.26 -20.14 13.30
N GLN B 364 8.69 -18.96 13.53
CA GLN B 364 8.27 -18.54 14.86
C GLN B 364 6.76 -18.41 14.99
N TYR B 365 6.02 -18.60 13.90
CA TYR B 365 4.57 -18.48 13.90
C TYR B 365 3.98 -19.70 13.23
N MET B 366 2.77 -20.09 13.67
CA MET B 366 2.07 -21.17 12.99
C MET B 366 1.82 -20.82 11.53
N LYS B 367 1.67 -19.54 11.23
CA LYS B 367 1.48 -19.03 9.88
C LYS B 367 2.59 -18.02 9.62
N ASP B 368 3.76 -18.51 9.21
CA ASP B 368 4.89 -17.66 8.90
C ASP B 368 4.84 -17.36 7.40
N TYR B 369 3.96 -16.44 7.03
CA TYR B 369 3.63 -16.17 5.64
C TYR B 369 4.59 -15.15 5.04
N ASP B 370 4.63 -15.15 3.70
CA ASP B 370 5.29 -14.13 2.92
C ASP B 370 4.26 -13.09 2.49
N TYR B 371 4.65 -12.19 1.60
CA TYR B 371 3.78 -11.09 1.20
C TYR B 371 2.47 -11.60 0.60
N ASP B 372 2.44 -12.82 0.09
CA ASP B 372 1.25 -13.37 -0.55
C ASP B 372 0.58 -14.48 0.25
N ASP B 373 0.78 -14.52 1.58
CA ASP B 373 0.10 -15.43 2.48
C ASP B 373 0.53 -16.88 2.31
N HIS B 374 1.64 -17.15 1.61
CA HIS B 374 2.20 -18.48 1.55
C HIS B 374 3.36 -18.59 2.54
N GLN B 375 3.57 -19.79 3.04
CA GLN B 375 4.68 -20.02 3.97
C GLN B 375 5.98 -19.61 3.30
N ARG B 376 6.78 -18.81 4.00
CA ARG B 376 8.01 -18.27 3.44
C ARG B 376 9.18 -19.26 3.55
N PHE B 377 8.96 -20.42 4.14
CA PHE B 377 9.95 -21.49 4.17
C PHE B 377 9.46 -22.64 3.31
N ASN B 378 10.40 -23.52 2.95
CA ASN B 378 10.14 -24.64 2.06
C ASN B 378 10.50 -25.93 2.78
N PRO B 379 9.61 -26.46 3.60
CA PRO B 379 9.92 -27.69 4.31
C PRO B 379 10.04 -28.86 3.35
N PHE B 380 10.81 -29.86 3.77
CA PHE B 380 11.08 -31.03 2.95
C PHE B 380 9.98 -32.07 3.18
N PHE B 381 9.17 -32.30 2.15
CA PHE B 381 8.17 -33.37 2.14
C PHE B 381 8.59 -34.42 1.13
N ASP B 382 8.32 -35.68 1.44
CA ASP B 382 8.66 -36.76 0.53
C ASP B 382 7.78 -37.96 0.85
N LEU B 383 7.58 -38.80 -0.16
CA LEU B 383 6.91 -40.08 -0.02
C LEU B 383 5.44 -39.93 0.34
N GLY B 384 4.86 -38.75 0.10
CA GLY B 384 3.46 -38.52 0.36
C GLY B 384 3.13 -38.14 1.78
N ALA B 385 4.13 -37.85 2.60
CA ALA B 385 3.90 -37.59 4.01
C ALA B 385 3.14 -36.27 4.20
N TRP B 386 2.59 -36.11 5.40
CA TRP B 386 1.78 -34.95 5.74
C TRP B 386 2.49 -34.05 6.75
N HIS B 387 3.80 -34.20 6.92
CA HIS B 387 4.62 -33.29 7.69
C HIS B 387 5.92 -33.06 6.96
N GLY B 388 6.50 -31.87 7.15
CA GLY B 388 7.74 -31.51 6.51
C GLY B 388 8.75 -30.99 7.51
N HIS B 389 10.00 -30.94 7.07
CA HIS B 389 11.11 -30.53 7.91
C HIS B 389 11.94 -29.46 7.21
N LEU B 390 12.55 -28.59 8.02
CA LEU B 390 13.41 -27.54 7.52
C LEU B 390 14.81 -27.73 8.07
N LEU B 391 15.78 -27.18 7.37
CA LEU B 391 17.16 -27.24 7.84
C LEU B 391 17.42 -26.15 8.87
N PRO B 392 18.40 -26.36 9.76
CA PRO B 392 18.77 -25.29 10.69
C PRO B 392 19.46 -24.15 9.97
N ASP B 393 18.97 -22.94 10.17
CA ASP B 393 19.50 -21.75 9.52
C ASP B 393 20.59 -21.07 10.32
N GLY B 394 20.93 -21.58 11.50
CA GLY B 394 21.95 -20.97 12.32
C GLY B 394 22.20 -21.72 13.61
N PRO B 395 23.03 -21.15 14.49
CA PRO B 395 23.33 -21.83 15.75
C PRO B 395 22.12 -22.04 16.63
N ASN B 396 21.11 -21.17 16.55
CA ASN B 396 19.94 -21.31 17.40
C ASN B 396 19.21 -22.61 17.12
N THR B 397 18.98 -22.93 15.85
CA THR B 397 18.29 -24.14 15.45
C THR B 397 19.26 -25.28 15.16
N MET B 398 20.56 -25.05 15.26
CA MET B 398 21.54 -26.10 15.02
C MET B 398 21.32 -27.25 15.99
N GLY B 399 21.53 -28.48 15.50
CA GLY B 399 21.34 -29.67 16.28
C GLY B 399 20.06 -30.42 15.98
N GLY B 400 19.11 -29.78 15.29
CA GLY B 400 17.88 -30.42 14.89
C GLY B 400 17.35 -29.74 13.65
N PHE B 401 16.26 -30.29 13.12
CA PHE B 401 15.63 -29.76 11.93
C PHE B 401 14.45 -28.90 12.36
N PRO B 402 14.60 -27.58 12.45
CA PRO B 402 13.66 -26.78 13.24
C PRO B 402 12.21 -26.90 12.82
N GLY B 403 11.92 -26.55 11.57
CA GLY B 403 10.54 -26.51 11.11
C GLY B 403 9.85 -27.85 11.21
N VAL B 404 8.64 -27.86 11.76
CA VAL B 404 7.77 -29.02 11.73
C VAL B 404 6.47 -28.55 11.10
N ALA B 405 6.35 -28.69 9.78
CA ALA B 405 5.22 -28.16 9.03
C ALA B 405 4.18 -29.25 8.91
N LEU B 406 3.23 -29.27 9.84
CA LEU B 406 2.14 -30.22 9.77
C LEU B 406 1.16 -29.82 8.69
N LEU B 407 0.80 -30.76 7.84
CA LEU B 407 -0.21 -30.53 6.80
C LEU B 407 -1.56 -30.90 7.38
N THR B 408 -2.18 -29.95 8.07
CA THR B 408 -3.56 -30.13 8.46
C THR B 408 -4.40 -30.40 7.21
N GLU B 409 -5.57 -30.97 7.42
CA GLU B 409 -6.30 -31.66 6.37
C GLU B 409 -6.25 -30.94 5.03
N GLU B 410 -6.25 -29.60 5.04
CA GLU B 410 -6.20 -28.85 3.79
C GLU B 410 -5.25 -27.66 3.84
N TYR B 411 -4.42 -27.52 4.87
CA TYR B 411 -3.56 -26.36 5.01
C TYR B 411 -2.25 -26.78 5.66
N ILE B 412 -1.23 -25.96 5.46
CA ILE B 412 0.09 -26.19 6.04
C ILE B 412 0.25 -25.25 7.23
N ASN B 413 0.64 -25.81 8.37
CA ASN B 413 0.80 -25.05 9.60
C ASN B 413 2.04 -25.54 10.33
N PHE B 414 2.83 -24.59 10.83
CA PHE B 414 4.05 -24.93 11.55
C PHE B 414 3.70 -25.25 13.01
N MET B 415 4.16 -26.40 13.48
CA MET B 415 3.87 -26.85 14.83
C MET B 415 4.91 -26.39 15.83
N ALA B 416 6.18 -26.30 15.42
CA ALA B 416 7.25 -25.97 16.34
C ALA B 416 8.35 -25.25 15.57
N SER B 417 9.17 -24.50 16.31
CA SER B 417 10.40 -23.94 15.78
C SER B 417 11.61 -24.82 16.08
N ASN B 418 11.68 -25.35 17.30
CA ASN B 418 12.67 -26.35 17.67
C ASN B 418 11.93 -27.53 18.27
N PHE B 419 12.18 -28.72 17.74
CA PHE B 419 11.55 -29.94 18.24
C PHE B 419 12.54 -31.08 18.09
N ASP B 420 12.84 -31.75 19.19
CA ASP B 420 13.82 -32.84 19.19
C ASP B 420 15.18 -32.33 18.73
N ARG B 421 15.58 -31.17 19.26
CA ARG B 421 16.84 -30.53 18.91
C ARG B 421 17.95 -31.10 19.80
N LEU B 422 18.91 -31.78 19.18
CA LEU B 422 19.98 -32.43 19.93
C LEU B 422 20.98 -31.41 20.44
N THR B 423 21.44 -31.62 21.67
CA THR B 423 22.53 -30.86 22.26
C THR B 423 23.42 -31.84 23.02
N VAL B 424 24.73 -31.72 22.83
CA VAL B 424 25.69 -32.68 23.36
C VAL B 424 26.47 -32.01 24.48
N TRP B 425 26.57 -32.70 25.61
CA TRP B 425 27.34 -32.24 26.76
C TRP B 425 28.42 -33.27 27.07
N GLN B 426 29.68 -32.83 27.05
CA GLN B 426 30.81 -33.69 27.35
C GLN B 426 31.48 -33.17 28.62
N ASP B 427 31.62 -34.04 29.61
CA ASP B 427 32.23 -33.67 30.90
C ASP B 427 31.49 -32.51 31.55
N GLY B 428 30.19 -32.41 31.32
CA GLY B 428 29.38 -31.39 31.94
C GLY B 428 29.39 -30.04 31.26
N LYS B 429 30.10 -29.88 30.16
CA LYS B 429 30.15 -28.63 29.41
C LYS B 429 29.62 -28.86 28.01
N LYS B 430 28.74 -27.96 27.56
CA LYS B 430 28.14 -28.10 26.25
C LYS B 430 29.21 -28.12 25.16
N VAL B 431 29.06 -29.05 24.23
CA VAL B 431 29.98 -29.16 23.11
C VAL B 431 29.60 -28.14 22.04
N ASP B 432 30.57 -27.35 21.60
CA ASP B 432 30.34 -26.35 20.56
C ASP B 432 30.58 -26.98 19.19
N PHE B 433 29.60 -26.83 18.31
CA PHE B 433 29.60 -27.48 17.01
C PHE B 433 29.64 -26.45 15.90
N THR B 434 30.21 -26.84 14.76
CA THR B 434 30.15 -26.07 13.53
C THR B 434 29.15 -26.75 12.61
N LEU B 435 28.15 -26.00 12.15
CA LEU B 435 27.05 -26.55 11.39
C LEU B 435 27.37 -26.60 9.90
N GLU B 436 26.99 -27.70 9.26
CA GLU B 436 27.04 -27.84 7.81
C GLU B 436 25.73 -28.52 7.41
N ALA B 437 24.70 -27.72 7.14
CA ALA B 437 23.38 -28.22 6.81
C ALA B 437 23.12 -28.04 5.33
N TYR B 438 22.68 -29.10 4.67
CA TYR B 438 22.35 -29.03 3.26
C TYR B 438 21.26 -30.05 2.95
N SER B 439 20.57 -29.82 1.84
CA SER B 439 19.51 -30.70 1.38
C SER B 439 19.91 -31.29 0.04
N ILE B 440 19.75 -32.61 -0.10
CA ILE B 440 19.91 -33.28 -1.37
C ILE B 440 18.54 -33.82 -1.77
N PRO B 441 18.32 -34.14 -3.05
CA PRO B 441 17.03 -34.73 -3.42
C PRO B 441 16.68 -35.92 -2.54
N GLY B 442 15.64 -35.78 -1.72
CA GLY B 442 15.13 -36.87 -0.93
C GLY B 442 15.68 -36.97 0.47
N ALA B 443 16.55 -36.07 0.89
CA ALA B 443 17.12 -36.14 2.23
C ALA B 443 17.50 -34.76 2.70
N LEU B 444 17.55 -34.60 4.02
CA LEU B 444 18.11 -33.43 4.68
C LEU B 444 19.29 -33.89 5.54
N VAL B 445 20.43 -33.24 5.37
CA VAL B 445 21.66 -33.63 6.04
C VAL B 445 22.22 -32.42 6.77
N GLN B 446 22.61 -32.60 8.03
CA GLN B 446 23.37 -31.60 8.75
C GLN B 446 24.47 -32.31 9.52
N LYS B 447 25.71 -31.85 9.32
CA LYS B 447 26.88 -32.41 9.99
C LYS B 447 27.37 -31.41 11.02
N LEU B 448 27.51 -31.88 12.26
CA LEU B 448 28.03 -31.08 13.35
C LEU B 448 29.42 -31.60 13.70
N THR B 449 30.42 -30.73 13.60
CA THR B 449 31.81 -31.10 13.81
C THR B 449 32.38 -30.31 14.97
N ALA B 450 32.98 -31.02 15.92
CA ALA B 450 33.67 -30.41 17.05
C ALA B 450 35.07 -31.04 17.13
N LYS B 451 35.82 -30.63 18.15
CA LYS B 451 37.19 -31.13 18.30
C LYS B 451 37.20 -32.64 18.50
N ASP B 452 36.29 -33.16 19.31
CA ASP B 452 36.25 -34.58 19.65
C ASP B 452 34.94 -35.27 19.27
N VAL B 453 33.84 -34.54 19.22
CA VAL B 453 32.52 -35.10 18.95
C VAL B 453 32.06 -34.63 17.58
N GLN B 454 31.64 -35.57 16.75
CA GLN B 454 31.04 -35.28 15.45
C GLN B 454 29.70 -35.97 15.35
N VAL B 455 28.71 -35.25 14.82
CA VAL B 455 27.36 -35.76 14.67
C VAL B 455 26.93 -35.56 13.23
N GLU B 456 26.48 -36.64 12.59
CA GLU B 456 25.90 -36.59 11.24
C GLU B 456 24.44 -36.97 11.33
N MET B 457 23.56 -36.07 10.91
CA MET B 457 22.12 -36.25 11.03
C MET B 457 21.53 -36.27 9.63
N THR B 458 21.07 -37.44 9.19
CA THR B 458 20.42 -37.60 7.89
C THR B 458 18.94 -37.85 8.11
N LEU B 459 18.11 -37.05 7.45
CA LEU B 459 16.66 -37.12 7.60
C LEU B 459 16.06 -37.54 6.26
N ARG B 460 15.49 -38.74 6.22
CA ARG B 460 14.78 -39.25 5.05
C ARG B 460 13.39 -39.67 5.48
N PHE B 461 12.53 -39.89 4.50
CA PHE B 461 11.16 -40.32 4.75
C PHE B 461 11.04 -41.81 4.53
N ALA B 462 10.47 -42.51 5.52
CA ALA B 462 10.38 -43.96 5.51
C ALA B 462 9.04 -44.47 5.00
N THR B 463 7.94 -43.90 5.45
CA THR B 463 6.62 -44.33 5.04
C THR B 463 5.75 -43.13 4.71
N PRO B 464 4.55 -43.33 4.16
CA PRO B 464 3.69 -42.19 3.82
C PRO B 464 3.24 -41.36 5.00
N ARG B 465 3.63 -41.71 6.23
CA ARG B 465 3.30 -40.92 7.41
C ARG B 465 4.49 -40.68 8.32
N THR B 466 5.63 -41.33 8.09
CA THR B 466 6.75 -41.30 9.01
C THR B 466 8.01 -40.81 8.29
N SER B 467 8.79 -39.99 8.98
CA SER B 467 10.11 -39.58 8.52
C SER B 467 11.14 -40.13 9.49
N LEU B 468 12.20 -40.72 8.94
CA LEU B 468 13.21 -41.41 9.73
C LEU B 468 14.46 -40.55 9.80
N LEU B 469 14.93 -40.30 11.01
CA LEU B 469 16.15 -39.53 11.25
C LEU B 469 17.24 -40.45 11.77
N GLU B 470 18.43 -40.32 11.20
CA GLU B 470 19.59 -41.11 11.60
C GLU B 470 20.62 -40.17 12.20
N THR B 471 20.82 -40.27 13.51
CA THR B 471 21.81 -39.49 14.23
C THR B 471 22.93 -40.42 14.66
N LYS B 472 24.10 -40.27 14.06
CA LYS B 472 25.27 -41.05 14.42
C LYS B 472 26.30 -40.11 15.05
N ILE B 473 26.68 -40.41 16.29
CA ILE B 473 27.62 -39.59 17.05
C ILE B 473 28.94 -40.33 17.12
N THR B 474 30.03 -39.64 16.78
CA THR B 474 31.37 -40.20 16.87
C THR B 474 32.12 -39.44 17.96
N SER B 475 32.47 -40.14 19.03
CA SER B 475 33.20 -39.53 20.14
C SER B 475 34.02 -40.60 20.84
N ASN B 476 35.08 -40.16 21.51
CA ASN B 476 35.95 -41.04 22.27
C ASN B 476 35.62 -41.09 23.75
N LYS B 477 34.67 -40.28 24.20
CA LYS B 477 34.31 -40.19 25.61
C LYS B 477 32.80 -40.24 25.75
N PRO B 478 32.29 -40.64 26.92
CA PRO B 478 30.84 -40.65 27.12
C PRO B 478 30.25 -39.26 26.97
N LEU B 479 29.03 -39.21 26.42
CA LEU B 479 28.34 -37.96 26.18
C LEU B 479 26.95 -38.02 26.81
N ASP B 480 26.46 -36.84 27.19
CA ASP B 480 25.10 -36.68 27.72
C ASP B 480 24.29 -35.94 26.67
N LEU B 481 23.51 -36.69 25.88
CA LEU B 481 22.67 -36.09 24.86
C LEU B 481 21.41 -35.51 25.49
N VAL B 482 21.04 -34.31 25.05
CA VAL B 482 19.84 -33.63 25.55
C VAL B 482 19.05 -33.12 24.36
N TRP B 483 17.80 -33.57 24.25
CA TRP B 483 16.88 -33.07 23.23
C TRP B 483 15.87 -32.14 23.89
N ASP B 484 15.61 -31.01 23.22
CA ASP B 484 14.67 -30.03 23.72
C ASP B 484 13.76 -29.60 22.58
N GLY B 485 12.55 -29.18 22.94
CA GLY B 485 11.59 -28.75 21.93
C GLY B 485 10.63 -27.73 22.48
N GLU B 486 10.03 -26.99 21.55
CA GLU B 486 9.04 -25.97 21.86
C GLU B 486 7.86 -26.13 20.92
N LEU B 487 6.71 -25.63 21.35
CA LEU B 487 5.56 -25.47 20.49
C LEU B 487 5.35 -23.98 20.23
N LEU B 488 5.08 -23.64 18.97
CA LEU B 488 4.89 -22.23 18.63
C LEU B 488 3.72 -21.67 19.41
N GLU B 489 3.85 -20.39 19.78
CA GLU B 489 2.80 -19.68 20.49
C GLU B 489 2.18 -18.57 19.67
N LYS B 490 2.98 -17.82 18.91
CA LYS B 490 2.46 -16.78 18.05
C LYS B 490 1.74 -17.40 16.86
N LEU B 491 0.72 -16.69 16.38
CA LEU B 491 -0.17 -17.25 15.36
C LEU B 491 0.33 -17.00 13.95
N GLU B 492 0.46 -15.74 13.55
CA GLU B 492 0.68 -15.41 12.16
C GLU B 492 1.59 -14.20 12.02
N ALA B 493 2.25 -14.12 10.88
CA ALA B 493 3.14 -13.02 10.55
C ALA B 493 3.26 -12.95 9.05
N LYS B 494 3.83 -11.84 8.57
CA LYS B 494 4.11 -11.68 7.14
C LYS B 494 5.51 -11.11 6.98
N GLU B 495 6.33 -11.81 6.21
CA GLU B 495 7.71 -11.40 5.97
C GLU B 495 8.48 -11.25 7.28
N GLY B 496 8.11 -12.05 8.28
CA GLY B 496 8.75 -12.02 9.57
C GLY B 496 8.15 -11.05 10.57
N LYS B 497 7.36 -10.09 10.11
CA LYS B 497 6.75 -9.10 11.00
C LYS B 497 5.40 -9.61 11.46
N PRO B 498 5.16 -9.78 12.76
CA PRO B 498 3.87 -10.31 13.21
C PRO B 498 2.73 -9.41 12.77
N LEU B 499 1.64 -10.05 12.33
CA LEU B 499 0.46 -9.30 11.93
C LEU B 499 -0.32 -8.77 13.13
N SER B 500 -0.34 -9.52 14.22
CA SER B 500 -1.05 -9.13 15.43
C SER B 500 -0.39 -9.82 16.61
N ASP B 501 -1.02 -9.72 17.77
CA ASP B 501 -0.56 -10.40 18.98
C ASP B 501 -1.35 -11.66 19.27
N LYS B 502 -2.12 -12.16 18.31
CA LYS B 502 -2.89 -13.37 18.51
C LYS B 502 -1.96 -14.56 18.73
N THR B 503 -2.40 -15.47 19.59
CA THR B 503 -1.68 -16.71 19.87
C THR B 503 -2.47 -17.89 19.32
N ILE B 504 -1.79 -19.02 19.18
CA ILE B 504 -2.45 -20.22 18.69
C ILE B 504 -3.52 -20.66 19.67
N ALA B 505 -3.22 -20.63 20.97
CA ALA B 505 -4.21 -21.00 21.97
C ALA B 505 -5.38 -20.02 21.97
N GLY B 506 -5.09 -18.72 21.84
CA GLY B 506 -6.16 -17.75 21.81
C GLY B 506 -7.03 -17.86 20.57
N GLU B 507 -6.41 -18.03 19.40
CA GLU B 507 -7.18 -18.09 18.16
C GLU B 507 -7.98 -19.37 18.07
N TYR B 508 -7.44 -20.48 18.57
CA TYR B 508 -8.07 -21.79 18.48
C TYR B 508 -8.11 -22.41 19.88
N PRO B 509 -9.04 -21.98 20.72
CA PRO B 509 -9.08 -22.53 22.09
C PRO B 509 -9.24 -24.04 22.14
N ASP B 510 -10.01 -24.63 21.23
CA ASP B 510 -10.16 -26.07 21.19
C ASP B 510 -8.92 -26.77 20.68
N TYR B 511 -7.95 -26.03 20.15
CA TYR B 511 -6.72 -26.61 19.61
C TYR B 511 -5.74 -26.82 20.77
N GLN B 512 -6.10 -27.77 21.62
CA GLN B 512 -5.41 -27.98 22.90
C GLN B 512 -4.22 -28.91 22.68
N ARG B 513 -3.12 -28.32 22.21
CA ARG B 513 -1.89 -29.06 22.07
C ARG B 513 -1.40 -29.51 23.44
N LYS B 514 -0.97 -30.77 23.53
CA LYS B 514 -0.45 -31.33 24.77
C LYS B 514 0.66 -32.30 24.43
N ILE B 515 1.87 -32.00 24.89
CA ILE B 515 3.00 -32.91 24.72
C ILE B 515 2.94 -33.96 25.82
N SER B 516 2.97 -35.23 25.43
CA SER B 516 2.86 -36.34 26.36
C SER B 516 4.04 -37.29 26.16
N ALA B 517 4.70 -37.65 27.25
CA ALA B 517 5.79 -38.61 27.18
C ALA B 517 5.26 -40.01 26.91
N THR B 518 6.13 -40.84 26.34
CA THR B 518 5.77 -42.20 25.95
C THR B 518 6.92 -43.11 26.32
N ARG B 519 6.64 -44.42 26.38
CA ARG B 519 7.68 -45.37 26.72
C ARG B 519 8.91 -45.18 25.86
N ASP B 520 8.71 -44.88 24.58
CA ASP B 520 9.79 -44.51 23.68
C ASP B 520 9.45 -43.18 23.04
N GLY B 521 10.33 -42.20 23.21
CA GLY B 521 10.14 -40.92 22.53
C GLY B 521 9.01 -40.10 23.13
N LEU B 522 8.21 -39.50 22.25
CA LEU B 522 7.30 -38.43 22.61
C LEU B 522 6.03 -38.55 21.78
N LYS B 523 5.06 -37.70 22.08
CA LYS B 523 3.88 -37.56 21.22
C LYS B 523 3.18 -36.26 21.58
N VAL B 524 2.60 -35.62 20.56
CA VAL B 524 1.84 -34.39 20.71
C VAL B 524 0.44 -34.65 20.18
N THR B 525 -0.57 -34.35 20.98
CA THR B 525 -1.96 -34.54 20.62
C THR B 525 -2.63 -33.20 20.38
N PHE B 526 -3.61 -33.21 19.47
CA PHE B 526 -4.30 -32.00 19.05
C PHE B 526 -5.80 -32.17 19.26
N GLY B 527 -6.46 -31.06 19.58
CA GLY B 527 -7.90 -31.06 19.69
C GLY B 527 -8.57 -30.93 18.34
N LYS B 528 -9.90 -31.02 18.34
CA LYS B 528 -10.68 -30.94 17.12
C LYS B 528 -10.92 -29.48 16.76
N VAL B 529 -10.34 -29.03 15.66
CA VAL B 529 -10.52 -27.68 15.16
C VAL B 529 -11.06 -27.76 13.75
N ARG B 530 -12.15 -27.03 13.49
CA ARG B 530 -12.76 -27.06 12.17
C ARG B 530 -12.77 -25.66 11.55
N ALA B 531 -11.63 -24.96 11.64
CA ALA B 531 -11.48 -23.69 10.96
C ALA B 531 -11.31 -23.96 9.47
N THR B 532 -12.41 -23.83 8.73
CA THR B 532 -12.43 -24.30 7.35
C THR B 532 -11.39 -23.61 6.48
N TRP B 533 -10.90 -22.44 6.88
CA TRP B 533 -10.00 -21.66 6.05
C TRP B 533 -8.59 -21.55 6.61
N ASP B 534 -8.35 -22.00 7.83
CA ASP B 534 -7.05 -21.80 8.46
C ASP B 534 -6.44 -23.07 9.01
N LEU B 535 -7.24 -23.95 9.59
CA LEU B 535 -6.71 -25.08 10.35
C LEU B 535 -7.81 -26.11 10.54
N LEU B 536 -7.51 -27.37 10.19
CA LEU B 536 -8.47 -28.46 10.30
C LEU B 536 -7.86 -29.62 11.04
N THR B 537 -8.55 -30.08 12.08
CA THR B 537 -8.10 -31.23 12.85
C THR B 537 -9.31 -32.06 13.24
N SER B 538 -9.11 -33.37 13.35
CA SER B 538 -10.19 -34.29 13.67
C SER B 538 -10.33 -34.57 15.15
N GLY B 539 -9.48 -33.98 15.99
CA GLY B 539 -9.43 -34.32 17.40
C GLY B 539 -8.68 -35.58 17.72
N GLU B 540 -8.26 -36.33 16.70
CA GLU B 540 -7.47 -37.54 16.88
C GLU B 540 -6.09 -37.41 16.26
N SER B 541 -5.76 -36.26 15.69
CA SER B 541 -4.47 -36.05 15.07
C SER B 541 -3.35 -36.09 16.11
N GLU B 542 -2.17 -36.53 15.68
CA GLU B 542 -1.04 -36.65 16.58
C GLU B 542 0.24 -36.41 15.82
N TYR B 543 1.28 -36.06 16.57
CA TYR B 543 2.65 -35.99 16.05
C TYR B 543 3.53 -36.79 16.99
N GLN B 544 3.91 -37.99 16.58
CA GLN B 544 4.60 -38.94 17.44
C GLN B 544 6.09 -38.94 17.11
N VAL B 545 6.91 -38.80 18.14
CA VAL B 545 8.36 -38.94 18.01
C VAL B 545 8.76 -40.22 18.72
N HIS B 546 9.38 -41.13 17.97
CA HIS B 546 9.85 -42.40 18.51
C HIS B 546 11.35 -42.49 18.32
N LYS B 547 12.04 -42.94 19.36
CA LYS B 547 13.50 -42.97 19.39
C LYS B 547 13.99 -44.39 19.62
N SER B 548 15.17 -44.68 19.04
CA SER B 548 15.79 -45.98 19.26
C SER B 548 16.36 -46.10 20.67
N LEU B 549 16.79 -44.99 21.26
CA LEU B 549 17.35 -44.98 22.60
C LEU B 549 16.25 -44.88 23.65
N PRO B 550 16.49 -45.39 24.85
CA PRO B 550 15.62 -45.05 25.97
C PRO B 550 16.02 -43.72 26.59
N VAL B 551 15.09 -42.77 26.69
CA VAL B 551 15.38 -41.43 27.15
C VAL B 551 14.46 -41.08 28.31
N GLN B 552 14.90 -40.12 29.12
CA GLN B 552 14.11 -39.60 30.23
C GLN B 552 13.56 -38.25 29.80
N THR B 553 12.24 -38.17 29.64
CA THR B 553 11.58 -36.98 29.12
C THR B 553 10.88 -36.23 30.24
N GLU B 554 10.97 -34.91 30.18
CA GLU B 554 10.29 -34.02 31.12
C GLU B 554 9.50 -32.99 30.34
N ILE B 555 8.21 -32.88 30.64
CA ILE B 555 7.30 -31.98 29.94
C ILE B 555 6.97 -30.82 30.87
N ASN B 556 7.11 -29.59 30.36
CA ASN B 556 6.74 -28.38 31.08
C ASN B 556 5.85 -27.56 30.15
N GLY B 557 4.56 -27.85 30.16
CA GLY B 557 3.61 -27.13 29.34
C GLY B 557 3.77 -27.42 27.86
N ASN B 558 4.24 -26.42 27.11
CA ASN B 558 4.40 -26.55 25.66
C ASN B 558 5.83 -26.85 25.26
N ARG B 559 6.70 -27.22 26.20
CA ARG B 559 8.07 -27.57 25.90
C ARG B 559 8.44 -28.85 26.63
N PHE B 560 9.40 -29.59 26.06
CA PHE B 560 9.86 -30.85 26.60
C PHE B 560 11.38 -30.86 26.62
N THR B 561 11.92 -31.86 27.30
CA THR B 561 13.37 -32.06 27.36
C THR B 561 13.66 -33.53 27.62
N SER B 562 14.41 -34.15 26.73
CA SER B 562 14.77 -35.56 26.84
C SER B 562 16.28 -35.65 27.03
N LYS B 563 16.71 -36.45 28.00
CA LYS B 563 18.11 -36.62 28.33
C LYS B 563 18.50 -38.08 28.19
N ALA B 564 19.67 -38.32 27.59
CA ALA B 564 20.20 -39.66 27.44
C ALA B 564 21.71 -39.63 27.67
N HIS B 565 22.25 -40.78 28.02
CA HIS B 565 23.67 -40.94 28.27
C HIS B 565 24.20 -42.09 27.42
N ILE B 566 25.31 -41.85 26.72
CA ILE B 566 25.93 -42.85 25.87
C ILE B 566 27.39 -42.99 26.28
N ASN B 567 27.90 -44.21 26.23
CA ASN B 567 29.28 -44.49 26.63
C ASN B 567 30.28 -44.26 25.52
N GLY B 568 29.84 -43.82 24.34
CA GLY B 568 30.76 -43.60 23.24
C GLY B 568 30.02 -43.35 21.94
N SER B 569 30.69 -43.64 20.84
CA SER B 569 30.12 -43.44 19.53
C SER B 569 28.98 -44.43 19.30
N THR B 570 27.80 -43.91 18.99
CA THR B 570 26.64 -44.76 18.73
C THR B 570 25.76 -44.08 17.69
N THR B 571 24.90 -44.88 17.06
CA THR B 571 23.92 -44.39 16.10
C THR B 571 22.52 -44.61 16.67
N LEU B 572 21.73 -43.55 16.71
CA LEU B 572 20.38 -43.61 17.21
C LEU B 572 19.43 -43.13 16.12
N TYR B 573 18.25 -43.74 16.08
CA TYR B 573 17.27 -43.47 15.04
C TYR B 573 16.01 -42.89 15.66
N THR B 574 15.50 -41.82 15.05
CA THR B 574 14.29 -41.15 15.50
C THR B 574 13.31 -41.08 14.35
N THR B 575 12.07 -41.51 14.59
CA THR B 575 11.02 -41.46 13.60
C THR B 575 10.00 -40.41 13.99
N TYR B 576 9.74 -39.47 13.08
CA TYR B 576 8.73 -38.44 13.27
C TYR B 576 7.51 -38.79 12.42
N SER B 577 6.34 -38.86 13.07
CA SER B 577 5.14 -39.33 12.42
C SER B 577 3.98 -38.40 12.74
N HIS B 578 3.40 -37.79 11.71
CA HIS B 578 2.19 -37.00 11.85
C HIS B 578 1.02 -37.85 11.39
N LEU B 579 0.14 -38.20 12.33
CA LEU B 579 -0.99 -39.09 12.08
C LEU B 579 -2.27 -38.31 12.29
N LEU B 580 -3.14 -38.29 11.28
CA LEU B 580 -4.29 -37.41 11.26
C LEU B 580 -5.58 -38.07 11.74
N THR B 581 -5.57 -39.37 11.99
CA THR B 581 -6.77 -40.06 12.46
C THR B 581 -6.36 -41.19 13.40
N ALA B 582 -7.32 -41.64 14.20
CA ALA B 582 -7.06 -42.73 15.12
C ALA B 582 -6.71 -44.01 14.36
N GLN B 583 -7.39 -44.26 13.25
CA GLN B 583 -7.05 -45.41 12.43
C GLN B 583 -5.62 -45.32 11.92
N GLU B 584 -5.20 -44.12 11.51
CA GLU B 584 -3.82 -43.93 11.07
C GLU B 584 -2.84 -44.22 12.19
N VAL B 585 -3.14 -43.76 13.40
CA VAL B 585 -2.26 -44.01 14.54
C VAL B 585 -2.12 -45.52 14.77
N SER B 586 -3.25 -46.21 14.81
CA SER B 586 -3.22 -47.66 15.07
C SER B 586 -2.45 -48.38 13.98
N LYS B 587 -2.67 -48.01 12.71
CA LYS B 587 -1.98 -48.68 11.62
C LYS B 587 -0.49 -48.39 11.65
N GLU B 588 -0.10 -47.15 12.00
CA GLU B 588 1.28 -46.75 11.91
C GLU B 588 2.10 -47.15 13.13
N GLN B 589 1.48 -47.58 14.22
CA GLN B 589 2.27 -48.09 15.34
C GLN B 589 3.15 -49.27 14.89
N MET B 590 2.56 -50.21 14.16
CA MET B 590 3.34 -51.35 13.67
C MET B 590 4.40 -50.90 12.69
N GLN B 591 4.07 -49.97 11.80
CA GLN B 591 5.04 -49.48 10.83
C GLN B 591 6.23 -48.83 11.54
N ILE B 592 5.96 -48.05 12.58
CA ILE B 592 7.04 -47.42 13.34
C ILE B 592 7.89 -48.48 14.03
N ARG B 593 7.25 -49.46 14.67
CA ARG B 593 8.04 -50.53 15.29
C ARG B 593 8.92 -51.23 14.26
N ASP B 594 8.45 -51.37 13.03
CA ASP B 594 9.25 -52.02 12.00
C ASP B 594 10.39 -51.13 11.52
N ILE B 595 10.13 -49.82 11.39
CA ILE B 595 11.16 -48.91 10.87
C ILE B 595 12.37 -48.90 11.80
N LEU B 596 12.13 -48.78 13.11
CA LEU B 596 13.22 -48.76 14.06
C LEU B 596 13.93 -50.10 14.15
N ALA B 597 13.28 -51.19 13.71
CA ALA B 597 13.93 -52.48 13.68
C ALA B 597 14.92 -52.58 12.52
N ARG B 598 14.56 -52.00 11.37
CA ARG B 598 15.42 -52.00 10.18
C ARG B 598 15.52 -50.59 9.62
N PRO B 599 16.06 -49.65 10.38
CA PRO B 599 16.16 -48.27 9.86
C PRO B 599 17.03 -48.18 8.62
N ALA B 600 18.08 -49.00 8.54
CA ALA B 600 18.94 -48.99 7.37
C ALA B 600 18.17 -49.37 6.11
N PHE B 601 17.26 -50.34 6.23
CA PHE B 601 16.46 -50.76 5.09
C PHE B 601 15.66 -49.60 4.53
N TYR B 602 15.00 -48.85 5.41
CA TYR B 602 14.18 -47.74 4.93
C TYR B 602 15.03 -46.59 4.40
N LEU B 603 16.16 -46.32 5.04
CA LEU B 603 17.04 -45.27 4.54
C LEU B 603 17.54 -45.60 3.14
N THR B 604 18.00 -46.85 2.93
CA THR B 604 18.48 -47.23 1.62
C THR B 604 17.34 -47.31 0.61
N ALA B 605 16.14 -47.66 1.06
CA ALA B 605 14.99 -47.64 0.14
C ALA B 605 14.71 -46.24 -0.36
N SER B 606 14.71 -45.26 0.54
CA SER B 606 14.51 -43.87 0.12
C SER B 606 15.63 -43.42 -0.81
N GLN B 607 16.88 -43.75 -0.46
CA GLN B 607 18.02 -43.36 -1.29
C GLN B 607 17.89 -43.94 -2.69
N GLN B 608 17.56 -45.22 -2.79
CA GLN B 608 17.38 -45.83 -4.10
C GLN B 608 16.23 -45.18 -4.85
N ARG B 609 15.08 -45.04 -4.21
CA ARG B 609 13.92 -44.44 -4.87
C ARG B 609 14.30 -43.11 -5.51
N TRP B 610 15.05 -42.28 -4.79
CA TRP B 610 15.46 -41.02 -5.38
C TRP B 610 16.52 -41.22 -6.45
N GLU B 611 17.31 -42.29 -6.36
CA GLU B 611 18.25 -42.57 -7.44
C GLU B 611 17.53 -42.86 -8.74
N GLU B 612 16.47 -43.68 -8.70
CA GLU B 612 15.66 -43.88 -9.91
C GLU B 612 14.92 -42.61 -10.32
N TYR B 613 14.46 -41.80 -9.36
CA TYR B 613 13.86 -40.53 -9.73
C TYR B 613 14.82 -39.72 -10.59
N LEU B 614 16.06 -39.58 -10.14
CA LEU B 614 17.04 -38.77 -10.88
C LEU B 614 17.45 -39.46 -12.18
N LYS B 615 17.58 -40.78 -12.17
CA LYS B 615 17.99 -41.50 -13.37
C LYS B 615 16.95 -41.39 -14.47
N LYS B 616 15.68 -41.54 -14.13
CA LYS B 616 14.61 -41.44 -15.12
C LYS B 616 14.40 -39.99 -15.54
N GLY B 617 14.37 -39.07 -14.56
CA GLY B 617 14.04 -37.69 -14.88
C GLY B 617 15.10 -37.01 -15.72
N LEU B 618 16.38 -37.22 -15.39
CA LEU B 618 17.48 -36.52 -16.04
C LEU B 618 17.97 -37.36 -17.21
N THR B 619 17.29 -37.22 -18.34
CA THR B 619 17.62 -37.94 -19.56
C THR B 619 17.97 -36.99 -20.70
N ASN B 620 18.39 -35.77 -20.39
CA ASN B 620 18.78 -34.81 -21.41
C ASN B 620 20.29 -34.74 -21.44
N PRO B 621 20.96 -35.29 -22.47
CA PRO B 621 22.42 -35.32 -22.45
C PRO B 621 23.05 -33.98 -22.80
N ASP B 622 22.44 -33.25 -23.72
CA ASP B 622 22.98 -31.96 -24.16
C ASP B 622 22.33 -30.82 -23.40
N ALA B 623 22.47 -30.86 -22.08
CA ALA B 623 21.99 -29.82 -21.20
C ALA B 623 23.10 -29.39 -20.25
N THR B 624 23.21 -28.08 -20.03
CA THR B 624 24.23 -27.56 -19.14
C THR B 624 23.90 -27.88 -17.69
N PRO B 625 24.88 -27.83 -16.80
CA PRO B 625 24.60 -28.16 -15.38
C PRO B 625 23.52 -27.30 -14.77
N GLU B 626 23.41 -26.03 -15.15
CA GLU B 626 22.36 -25.17 -14.60
C GLU B 626 20.98 -25.67 -14.99
N GLN B 627 20.82 -26.09 -16.25
CA GLN B 627 19.52 -26.60 -16.68
C GLN B 627 19.20 -27.92 -15.98
N THR B 628 20.20 -28.78 -15.79
CA THR B 628 19.97 -30.00 -15.03
C THR B 628 19.57 -29.69 -13.60
N ARG B 629 20.17 -28.66 -13.01
CA ARG B 629 19.79 -28.25 -11.66
C ARG B 629 18.36 -27.74 -11.63
N VAL B 630 17.94 -27.02 -12.67
CA VAL B 630 16.55 -26.59 -12.76
C VAL B 630 15.63 -27.80 -12.85
N ALA B 631 16.02 -28.81 -13.62
CA ALA B 631 15.22 -30.03 -13.72
C ALA B 631 15.12 -30.73 -12.36
N VAL B 632 16.23 -30.80 -11.63
CA VAL B 632 16.21 -31.42 -10.32
C VAL B 632 15.33 -30.64 -9.36
N LYS B 633 15.37 -29.31 -9.45
CA LYS B 633 14.48 -28.48 -8.64
C LYS B 633 13.02 -28.79 -8.96
N ALA B 634 12.70 -28.94 -10.25
CA ALA B 634 11.34 -29.27 -10.64
C ALA B 634 10.93 -30.63 -10.08
N ILE B 635 11.82 -31.62 -10.17
CA ILE B 635 11.52 -32.96 -9.65
C ILE B 635 11.27 -32.90 -8.15
N GLU B 636 12.13 -32.19 -7.42
CA GLU B 636 11.97 -32.08 -5.98
C GLU B 636 10.65 -31.38 -5.63
N THR B 637 10.32 -30.30 -6.35
CA THR B 637 9.08 -29.60 -6.08
C THR B 637 7.88 -30.50 -6.34
N LEU B 638 7.90 -31.23 -7.45
CA LEU B 638 6.78 -32.11 -7.77
C LEU B 638 6.62 -33.22 -6.74
N ASN B 639 7.73 -33.83 -6.31
CA ASN B 639 7.67 -34.89 -5.32
C ASN B 639 7.33 -34.36 -3.93
N GLY B 640 7.60 -33.10 -3.65
CA GLY B 640 7.25 -32.53 -2.37
C GLY B 640 5.80 -32.14 -2.29
N ASN B 641 5.20 -31.85 -3.43
CA ASN B 641 3.79 -31.50 -3.52
C ASN B 641 2.90 -32.73 -3.67
N TRP B 642 3.47 -33.90 -3.45
CA TRP B 642 2.75 -35.17 -3.51
C TRP B 642 2.29 -35.64 -2.13
N ARG B 643 1.01 -35.98 -2.04
CA ARG B 643 0.34 -36.32 -0.80
C ARG B 643 -0.15 -37.75 -0.85
N SER B 644 -0.16 -38.39 0.32
CA SER B 644 -0.72 -39.72 0.45
C SER B 644 -2.24 -39.63 0.46
N PRO B 645 -2.93 -40.76 0.30
CA PRO B 645 -4.39 -40.75 0.43
C PRO B 645 -4.83 -40.17 1.76
N GLY B 646 -5.86 -39.35 1.73
CA GLY B 646 -6.34 -38.70 2.93
C GLY B 646 -7.78 -38.23 2.83
N GLY B 647 -8.59 -38.58 3.82
CA GLY B 647 -9.97 -38.14 3.83
C GLY B 647 -10.73 -38.64 2.62
N ALA B 648 -11.47 -37.72 1.99
CA ALA B 648 -12.29 -38.09 0.84
C ALA B 648 -11.43 -38.60 -0.30
N VAL B 649 -10.30 -37.95 -0.55
CA VAL B 649 -9.40 -38.38 -1.62
C VAL B 649 -8.71 -39.67 -1.16
N LYS B 650 -9.05 -40.78 -1.80
CA LYS B 650 -8.54 -42.09 -1.42
C LYS B 650 -7.40 -42.55 -2.32
N PHE B 651 -6.83 -41.65 -3.11
CA PHE B 651 -5.75 -41.98 -4.01
C PHE B 651 -4.59 -41.03 -3.78
N ASN B 652 -3.38 -41.52 -4.02
CA ASN B 652 -2.20 -40.67 -3.99
C ASN B 652 -2.39 -39.53 -4.98
N THR B 653 -2.07 -38.31 -4.54
CA THR B 653 -2.37 -37.12 -5.34
C THR B 653 -1.25 -36.10 -5.19
N VAL B 654 -1.21 -35.17 -6.14
CA VAL B 654 -0.24 -34.09 -6.17
C VAL B 654 -1.01 -32.77 -6.20
N THR B 655 -0.63 -31.84 -5.32
CA THR B 655 -1.31 -30.56 -5.22
C THR B 655 -0.46 -29.47 -5.85
N PRO B 656 -1.06 -28.31 -6.16
CA PRO B 656 -0.28 -27.24 -6.81
C PRO B 656 0.91 -26.77 -5.99
N SER B 657 0.79 -26.74 -4.67
CA SER B 657 1.88 -26.26 -3.83
C SER B 657 1.68 -26.72 -2.39
N VAL B 658 2.69 -27.38 -1.82
CA VAL B 658 2.58 -27.84 -0.45
C VAL B 658 2.57 -26.66 0.52
N THR B 659 3.32 -25.61 0.23
CA THR B 659 3.40 -24.44 1.09
C THR B 659 2.41 -23.35 0.69
N GLY B 660 1.60 -23.56 -0.34
CA GLY B 660 0.65 -22.55 -0.75
C GLY B 660 -0.45 -22.34 0.27
N ARG B 661 -1.01 -21.14 0.27
CA ARG B 661 -2.09 -20.81 1.20
C ARG B 661 -3.33 -21.65 0.92
N TRP B 662 -3.74 -21.70 -0.35
CA TRP B 662 -4.96 -22.40 -0.75
C TRP B 662 -4.66 -23.60 -1.63
N PHE B 663 -3.42 -24.09 -1.62
CA PHE B 663 -3.02 -25.23 -2.41
C PHE B 663 -2.52 -26.40 -1.58
N SER B 664 -2.37 -26.24 -0.27
CA SER B 664 -1.73 -27.26 0.55
C SER B 664 -2.72 -28.38 0.84
N GLY B 665 -2.36 -29.26 1.77
CA GLY B 665 -3.18 -30.43 1.99
C GLY B 665 -3.16 -31.32 0.77
N ASN B 666 -4.26 -32.03 0.55
CA ASN B 666 -4.44 -32.83 -0.66
C ASN B 666 -5.45 -32.18 -1.60
N GLN B 667 -5.48 -30.86 -1.65
CA GLN B 667 -6.36 -30.14 -2.56
C GLN B 667 -5.89 -30.36 -3.99
N THR B 668 -6.66 -31.12 -4.76
CA THR B 668 -6.27 -31.54 -6.10
C THR B 668 -7.19 -30.88 -7.13
N TRP B 669 -6.59 -30.29 -8.16
CA TRP B 669 -7.29 -29.73 -9.29
C TRP B 669 -7.07 -30.60 -10.53
N PRO B 670 -8.02 -30.65 -11.46
CA PRO B 670 -7.81 -31.47 -12.66
C PRO B 670 -6.89 -30.80 -13.66
N TRP B 671 -7.00 -29.47 -13.79
CA TRP B 671 -6.14 -28.75 -14.72
C TRP B 671 -4.68 -28.89 -14.35
N ASP B 672 -4.34 -28.63 -13.09
CA ASP B 672 -2.97 -28.83 -12.64
C ASP B 672 -2.57 -30.29 -12.74
N THR B 673 -3.50 -31.19 -12.46
CA THR B 673 -3.19 -32.62 -12.44
C THR B 673 -2.78 -33.12 -13.82
N TRP B 674 -3.44 -32.63 -14.87
CA TRP B 674 -3.07 -33.08 -16.21
C TRP B 674 -1.58 -32.82 -16.47
N LYS B 675 -1.14 -31.60 -16.20
CA LYS B 675 0.25 -31.24 -16.48
C LYS B 675 1.21 -31.91 -15.51
N GLN B 676 0.81 -32.04 -14.25
CA GLN B 676 1.65 -32.72 -13.27
C GLN B 676 1.86 -34.17 -13.65
N ALA B 677 0.81 -34.84 -14.12
CA ALA B 677 0.95 -36.23 -14.55
C ALA B 677 1.74 -36.33 -15.84
N PHE B 678 1.60 -35.34 -16.72
CA PHE B 678 2.41 -35.32 -17.93
C PHE B 678 3.90 -35.24 -17.60
N ALA B 679 4.26 -34.39 -16.63
CA ALA B 679 5.66 -34.23 -16.27
C ALA B 679 6.17 -35.40 -15.44
N MET B 680 5.46 -35.75 -14.37
CA MET B 680 5.91 -36.79 -13.46
C MET B 680 5.93 -38.17 -14.12
N ALA B 681 5.26 -38.34 -15.24
CA ALA B 681 5.29 -39.63 -15.93
C ALA B 681 6.72 -40.03 -16.29
N HIS B 682 7.58 -39.05 -16.56
CA HIS B 682 8.93 -39.35 -17.03
C HIS B 682 9.87 -39.78 -15.92
N PHE B 683 9.55 -39.48 -14.66
CA PHE B 683 10.37 -39.91 -13.54
C PHE B 683 9.58 -40.56 -12.42
N ASN B 684 8.26 -40.51 -12.45
CA ASN B 684 7.43 -41.09 -11.39
C ASN B 684 6.10 -41.54 -11.98
N PRO B 685 6.09 -42.49 -12.91
CA PRO B 685 4.83 -42.87 -13.55
C PRO B 685 3.76 -43.33 -12.57
N ASP B 686 4.16 -44.04 -11.51
CA ASP B 686 3.17 -44.53 -10.56
C ASP B 686 2.41 -43.38 -9.93
N ILE B 687 3.10 -42.31 -9.57
CA ILE B 687 2.45 -41.16 -8.93
C ILE B 687 1.61 -40.38 -9.93
N ALA B 688 2.03 -40.30 -11.19
CA ALA B 688 1.19 -39.67 -12.20
C ALA B 688 -0.11 -40.44 -12.36
N LYS B 689 -0.01 -41.77 -12.43
CA LYS B 689 -1.21 -42.60 -12.52
C LYS B 689 -2.10 -42.39 -11.30
N GLU B 690 -1.51 -42.35 -10.11
CA GLU B 690 -2.28 -42.17 -8.90
C GLU B 690 -2.97 -40.81 -8.87
N ASN B 691 -2.28 -39.77 -9.35
CA ASN B 691 -2.89 -38.44 -9.38
C ASN B 691 -4.07 -38.39 -10.34
N ILE B 692 -3.92 -38.98 -11.53
CA ILE B 692 -5.03 -39.02 -12.47
C ILE B 692 -6.19 -39.82 -11.87
N ARG B 693 -5.89 -40.95 -11.23
CA ARG B 693 -6.93 -41.74 -10.59
C ARG B 693 -7.62 -40.96 -9.50
N ALA B 694 -6.86 -40.19 -8.72
CA ALA B 694 -7.46 -39.37 -7.67
C ALA B 694 -8.42 -38.36 -8.25
N VAL B 695 -8.04 -37.71 -9.35
CA VAL B 695 -8.93 -36.73 -9.98
C VAL B 695 -10.20 -37.42 -10.46
N PHE B 696 -10.06 -38.56 -11.12
CA PHE B 696 -11.22 -39.22 -11.73
C PHE B 696 -12.02 -40.06 -10.75
N SER B 697 -11.55 -40.23 -9.52
CA SER B 697 -12.29 -41.04 -8.56
C SER B 697 -13.60 -40.39 -8.16
N TRP B 698 -13.66 -39.06 -8.16
CA TRP B 698 -14.88 -38.33 -7.84
C TRP B 698 -15.60 -37.84 -9.08
N GLN B 699 -15.26 -38.37 -10.25
CA GLN B 699 -16.04 -38.11 -11.45
C GLN B 699 -17.48 -38.53 -11.21
N ILE B 700 -18.42 -37.66 -11.58
CA ILE B 700 -19.82 -37.92 -11.31
C ILE B 700 -20.26 -39.16 -12.08
N GLN B 701 -20.80 -40.13 -11.38
CA GLN B 701 -21.27 -41.38 -11.95
C GLN B 701 -22.78 -41.34 -12.14
N PRO B 702 -23.32 -42.14 -13.06
CA PRO B 702 -24.77 -42.16 -13.23
C PRO B 702 -25.48 -42.54 -11.94
N GLY B 703 -26.60 -41.88 -11.68
CA GLY B 703 -27.30 -42.07 -10.42
C GLY B 703 -26.75 -41.24 -9.28
N ASP B 704 -26.06 -40.15 -9.58
CA ASP B 704 -25.49 -39.30 -8.54
C ASP B 704 -26.58 -38.70 -7.69
N SER B 705 -26.23 -38.36 -6.44
CA SER B 705 -27.19 -37.79 -5.51
C SER B 705 -27.28 -36.26 -5.63
N VAL B 706 -26.15 -35.58 -5.81
CA VAL B 706 -26.14 -34.13 -5.85
C VAL B 706 -26.44 -33.62 -7.25
N ARG B 707 -25.72 -34.10 -8.25
CA ARG B 707 -25.87 -33.65 -9.64
C ARG B 707 -25.95 -34.85 -10.56
N PRO B 708 -27.10 -35.53 -10.58
CA PRO B 708 -27.26 -36.67 -11.50
C PRO B 708 -27.15 -36.27 -12.97
N GLN B 709 -27.42 -35.01 -13.31
CA GLN B 709 -27.35 -34.61 -14.71
C GLN B 709 -25.92 -34.44 -15.20
N ASP B 710 -24.97 -34.25 -14.31
CA ASP B 710 -23.57 -34.01 -14.70
C ASP B 710 -22.77 -35.30 -14.74
N VAL B 711 -23.27 -36.32 -15.44
CA VAL B 711 -22.55 -37.60 -15.51
C VAL B 711 -21.28 -37.42 -16.32
N GLY B 712 -20.15 -37.85 -15.76
CA GLY B 712 -18.85 -37.66 -16.36
C GLY B 712 -18.16 -36.38 -15.96
N PHE B 713 -18.82 -35.51 -15.20
CA PHE B 713 -18.22 -34.26 -14.75
C PHE B 713 -17.11 -34.54 -13.75
N VAL B 714 -15.98 -33.86 -13.92
CA VAL B 714 -14.83 -33.99 -13.03
C VAL B 714 -14.81 -32.77 -12.12
N PRO B 715 -14.98 -32.92 -10.81
CA PRO B 715 -15.03 -31.74 -9.93
C PRO B 715 -13.78 -30.88 -10.05
N ASP B 716 -13.98 -29.57 -9.98
CA ASP B 716 -12.86 -28.63 -10.11
C ASP B 716 -11.85 -28.81 -8.99
N LEU B 717 -12.31 -29.15 -7.78
CA LEU B 717 -11.43 -29.27 -6.62
C LEU B 717 -11.92 -30.41 -5.76
N ILE B 718 -11.02 -31.33 -5.41
CA ILE B 718 -11.28 -32.37 -4.44
C ILE B 718 -10.24 -32.27 -3.35
N ALA B 719 -10.67 -32.35 -2.09
CA ALA B 719 -9.79 -32.16 -0.96
C ALA B 719 -10.13 -33.20 0.10
N TRP B 720 -9.52 -33.04 1.28
CA TRP B 720 -9.73 -34.00 2.36
C TRP B 720 -11.19 -34.04 2.78
N ASN B 721 -11.83 -32.88 2.87
CA ASN B 721 -13.17 -32.75 3.40
C ASN B 721 -14.16 -32.51 2.26
N LEU B 722 -15.24 -33.27 2.25
CA LEU B 722 -16.28 -33.09 1.26
C LEU B 722 -17.05 -31.80 1.51
N SER B 723 -17.79 -31.37 0.50
CA SER B 723 -18.63 -30.19 0.64
C SER B 723 -19.80 -30.50 1.56
N PRO B 724 -20.44 -29.46 2.13
CA PRO B 724 -21.62 -29.71 2.96
C PRO B 724 -22.70 -30.48 2.24
N GLU B 725 -22.89 -30.24 0.94
CA GLU B 725 -23.91 -30.96 0.18
C GLU B 725 -23.61 -32.45 0.09
N ARG B 726 -22.35 -32.85 0.21
CA ARG B 726 -21.96 -34.25 0.15
C ARG B 726 -21.75 -34.86 1.53
N GLY B 727 -22.11 -34.15 2.60
CA GLY B 727 -22.07 -34.68 3.93
C GLY B 727 -20.90 -34.20 4.77
N GLY B 728 -19.92 -33.54 4.17
CA GLY B 728 -18.75 -33.07 4.89
C GLY B 728 -18.92 -31.66 5.40
N ASP B 729 -17.80 -31.05 5.78
CA ASP B 729 -17.75 -29.67 6.21
C ASP B 729 -16.54 -28.98 5.61
N GLY B 730 -16.22 -29.30 4.36
CA GLY B 730 -14.97 -28.88 3.76
C GLY B 730 -14.86 -27.40 3.49
N GLY B 731 -15.66 -26.89 2.57
CA GLY B 731 -15.59 -25.50 2.16
C GLY B 731 -14.64 -25.24 1.01
N ASN B 732 -13.72 -26.16 0.73
CA ASN B 732 -12.85 -26.06 -0.44
C ASN B 732 -13.34 -26.90 -1.61
N TRP B 733 -13.96 -28.04 -1.33
CA TRP B 733 -14.55 -28.87 -2.36
C TRP B 733 -15.40 -28.04 -3.30
N ASN B 734 -15.00 -27.99 -4.57
CA ASN B 734 -15.69 -27.19 -5.58
C ASN B 734 -16.26 -28.11 -6.64
N GLU B 735 -17.58 -28.06 -6.82
CA GLU B 735 -18.25 -28.69 -7.95
C GLU B 735 -19.01 -27.67 -8.78
N ARG B 736 -18.76 -26.37 -8.55
CA ARG B 736 -19.42 -25.34 -9.32
C ARG B 736 -19.01 -25.35 -10.78
N ASN B 737 -17.94 -26.04 -11.12
CA ASN B 737 -17.44 -26.07 -12.49
C ASN B 737 -16.33 -27.11 -12.57
N THR B 738 -15.78 -27.25 -13.77
CA THR B 738 -14.60 -28.05 -14.04
C THR B 738 -13.52 -27.13 -14.59
N LYS B 739 -12.45 -27.72 -15.12
CA LYS B 739 -11.39 -26.95 -15.75
C LYS B 739 -11.22 -27.42 -17.19
N PRO B 740 -10.39 -26.77 -18.01
CA PRO B 740 -10.26 -27.19 -19.40
C PRO B 740 -9.79 -28.63 -19.51
N SER B 741 -10.31 -29.33 -20.50
CA SER B 741 -10.10 -30.77 -20.64
C SER B 741 -8.75 -31.02 -21.31
N LEU B 742 -7.81 -31.59 -20.56
CA LEU B 742 -6.54 -32.05 -21.10
C LEU B 742 -6.19 -33.42 -20.54
N ALA B 743 -7.21 -34.20 -20.18
CA ALA B 743 -6.99 -35.48 -19.50
C ALA B 743 -6.41 -36.51 -20.45
N ALA B 744 -6.97 -36.63 -21.65
CA ALA B 744 -6.48 -37.61 -22.61
C ALA B 744 -5.01 -37.36 -22.93
N TRP B 745 -4.60 -36.10 -22.98
CA TRP B 745 -3.21 -35.75 -23.23
C TRP B 745 -2.29 -36.39 -22.19
N SER B 746 -2.58 -36.17 -20.91
CA SER B 746 -1.71 -36.70 -19.86
C SER B 746 -1.81 -38.22 -19.76
N VAL B 747 -3.01 -38.77 -19.97
CA VAL B 747 -3.17 -40.22 -19.93
C VAL B 747 -2.34 -40.86 -21.03
N MET B 748 -2.37 -40.27 -22.23
CA MET B 748 -1.55 -40.78 -23.33
C MET B 748 -0.07 -40.64 -23.03
N GLU B 749 0.33 -39.55 -22.39
CA GLU B 749 1.73 -39.40 -22.01
C GLU B 749 2.15 -40.50 -21.04
N VAL B 750 1.31 -40.79 -20.05
CA VAL B 750 1.61 -41.85 -19.10
C VAL B 750 1.71 -43.19 -19.82
N TYR B 751 0.79 -43.45 -20.75
CA TYR B 751 0.87 -44.69 -21.51
C TYR B 751 2.15 -44.76 -22.33
N ASN B 752 2.53 -43.66 -22.97
CA ASN B 752 3.75 -43.65 -23.76
C ASN B 752 4.97 -43.96 -22.90
N VAL B 753 5.03 -43.36 -21.72
CA VAL B 753 6.18 -43.61 -20.84
C VAL B 753 6.18 -45.05 -20.36
N THR B 754 5.03 -45.56 -19.92
CA THR B 754 4.96 -46.89 -19.34
C THR B 754 4.56 -47.97 -20.33
N GLN B 755 3.95 -47.61 -21.46
CA GLN B 755 3.52 -48.58 -22.46
C GLN B 755 2.63 -49.65 -21.83
N ASP B 756 1.76 -49.23 -20.93
CA ASP B 756 0.87 -50.13 -20.20
C ASP B 756 -0.52 -50.06 -20.83
N LYS B 757 -0.97 -51.17 -21.41
CA LYS B 757 -2.30 -51.20 -22.03
C LYS B 757 -3.42 -51.25 -21.01
N THR B 758 -3.17 -51.86 -19.85
CA THR B 758 -4.19 -51.89 -18.81
C THR B 758 -4.52 -50.50 -18.29
N TRP B 759 -3.51 -49.62 -18.23
CA TRP B 759 -3.77 -48.24 -17.83
C TRP B 759 -4.71 -47.55 -18.80
N VAL B 760 -4.47 -47.73 -20.09
CA VAL B 760 -5.35 -47.14 -21.10
C VAL B 760 -6.74 -47.75 -21.01
N ALA B 761 -6.83 -49.06 -20.80
CA ALA B 761 -8.13 -49.69 -20.67
C ALA B 761 -8.90 -49.13 -19.49
N GLU B 762 -8.22 -48.92 -18.36
CA GLU B 762 -8.87 -48.36 -17.19
C GLU B 762 -9.32 -46.92 -17.44
N MET B 763 -8.48 -46.11 -18.08
CA MET B 763 -8.76 -44.69 -18.19
C MET B 763 -9.67 -44.33 -19.36
N TYR B 764 -9.82 -45.23 -20.33
CA TYR B 764 -10.61 -44.88 -21.52
C TYR B 764 -12.06 -44.59 -21.19
N PRO B 765 -12.80 -45.42 -20.44
CA PRO B 765 -14.20 -45.07 -20.15
C PRO B 765 -14.35 -43.75 -19.42
N LYS B 766 -13.43 -43.43 -18.51
CA LYS B 766 -13.53 -42.18 -17.78
C LYS B 766 -13.35 -40.98 -18.70
N LEU B 767 -12.35 -41.04 -19.58
CA LEU B 767 -12.14 -39.96 -20.54
C LEU B 767 -13.33 -39.83 -21.48
N VAL B 768 -13.88 -40.96 -21.92
CA VAL B 768 -15.04 -40.91 -22.81
C VAL B 768 -16.22 -40.25 -22.11
N ALA B 769 -16.45 -40.61 -20.85
CA ALA B 769 -17.55 -40.01 -20.10
C ALA B 769 -17.34 -38.51 -19.93
N TYR B 770 -16.11 -38.09 -19.62
CA TYR B 770 -15.83 -36.67 -19.44
C TYR B 770 -16.03 -35.90 -20.74
N HIS B 771 -15.59 -36.47 -21.86
CA HIS B 771 -15.81 -35.85 -23.17
C HIS B 771 -17.31 -35.75 -23.48
N ASP B 772 -18.06 -36.82 -23.19
CA ASP B 772 -19.50 -36.79 -23.41
C ASP B 772 -20.16 -35.70 -22.57
N TRP B 773 -19.73 -35.55 -21.32
CA TRP B 773 -20.26 -34.48 -20.50
C TRP B 773 -19.96 -33.12 -21.11
N TRP B 774 -18.74 -32.92 -21.60
CA TRP B 774 -18.41 -31.66 -22.25
C TRP B 774 -19.34 -31.39 -23.42
N LEU B 775 -19.65 -32.42 -24.21
CA LEU B 775 -20.59 -32.24 -25.32
C LEU B 775 -22.01 -31.98 -24.85
N ARG B 776 -22.43 -32.50 -23.71
CA ARG B 776 -23.82 -32.31 -23.27
C ARG B 776 -24.02 -30.97 -22.57
N ASN B 777 -23.31 -30.73 -21.47
CA ASN B 777 -23.62 -29.64 -20.56
C ASN B 777 -22.86 -28.35 -20.88
N ARG B 778 -22.09 -28.31 -21.95
CA ARG B 778 -21.28 -27.14 -22.25
C ARG B 778 -21.34 -26.78 -23.73
N ASP B 779 -22.41 -27.14 -24.42
CA ASP B 779 -22.59 -26.81 -25.83
C ASP B 779 -23.98 -26.20 -25.98
N HIS B 780 -24.06 -24.88 -25.82
CA HIS B 780 -25.34 -24.19 -25.94
C HIS B 780 -25.88 -24.30 -27.36
N ASN B 781 -25.04 -24.03 -28.36
CA ASN B 781 -25.50 -24.07 -29.75
C ASN B 781 -25.89 -25.48 -30.17
N GLY B 782 -25.11 -26.47 -29.77
CA GLY B 782 -25.27 -27.80 -30.31
C GLY B 782 -24.43 -28.08 -31.53
N ASN B 783 -23.42 -27.26 -31.79
CA ASN B 783 -22.56 -27.41 -32.96
C ASN B 783 -21.34 -28.27 -32.69
N GLY B 784 -21.25 -28.87 -31.51
CA GLY B 784 -20.11 -29.69 -31.15
C GLY B 784 -18.92 -28.92 -30.64
N VAL B 785 -18.99 -27.61 -30.57
CA VAL B 785 -17.91 -26.76 -30.07
C VAL B 785 -18.29 -26.29 -28.67
N PRO B 786 -17.60 -26.73 -27.63
CA PRO B 786 -18.05 -26.41 -26.27
C PRO B 786 -17.65 -25.00 -25.85
N GLU B 787 -18.33 -24.52 -24.82
CA GLU B 787 -18.06 -23.23 -24.22
C GLU B 787 -17.80 -23.41 -22.73
N TYR B 788 -16.97 -22.53 -22.18
CA TYR B 788 -16.75 -22.54 -20.74
C TYR B 788 -18.02 -22.11 -20.03
N GLY B 789 -18.23 -22.63 -18.84
CA GLY B 789 -19.44 -22.34 -18.12
C GLY B 789 -19.39 -22.84 -16.70
N ALA B 790 -20.57 -22.96 -16.10
CA ALA B 790 -20.71 -23.39 -14.73
C ALA B 790 -21.83 -24.43 -14.63
N THR B 791 -21.76 -25.25 -13.59
CA THR B 791 -22.74 -26.31 -13.41
C THR B 791 -23.99 -25.77 -12.74
N ARG B 792 -24.92 -26.68 -12.42
CA ARG B 792 -26.14 -26.34 -11.70
C ARG B 792 -25.86 -26.53 -10.20
N ASP B 793 -25.28 -25.51 -9.60
CA ASP B 793 -24.86 -25.54 -8.21
C ASP B 793 -25.75 -24.63 -7.37
N LYS B 794 -25.77 -24.91 -6.06
CA LYS B 794 -26.55 -24.07 -5.15
C LYS B 794 -26.06 -22.65 -5.12
N ALA B 795 -24.80 -22.40 -5.50
CA ALA B 795 -24.27 -21.05 -5.55
C ALA B 795 -24.64 -20.32 -6.84
N HIS B 796 -25.27 -21.01 -7.80
CA HIS B 796 -25.60 -20.42 -9.08
C HIS B 796 -27.08 -20.15 -9.27
N ASN B 797 -27.95 -20.93 -8.64
CA ASN B 797 -29.38 -20.82 -8.87
C ASN B 797 -30.13 -21.32 -7.65
N THR B 798 -31.41 -20.96 -7.60
CA THR B 798 -32.30 -21.45 -6.55
C THR B 798 -32.66 -22.91 -6.81
N GLU B 799 -33.27 -23.54 -5.80
CA GLU B 799 -33.67 -24.94 -5.94
C GLU B 799 -34.64 -25.12 -7.10
N SER B 800 -35.46 -24.11 -7.39
CA SER B 800 -36.37 -24.19 -8.52
C SER B 800 -35.61 -24.31 -9.83
N GLY B 801 -34.53 -23.54 -9.98
CA GLY B 801 -33.73 -23.57 -11.18
C GLY B 801 -33.54 -22.20 -11.81
N GLU B 802 -33.78 -21.15 -11.03
CA GLU B 802 -33.64 -19.78 -11.52
C GLU B 802 -32.23 -19.28 -11.25
N MET B 803 -31.58 -18.76 -12.30
CA MET B 803 -30.22 -18.26 -12.15
C MET B 803 -30.16 -17.16 -11.11
N LEU B 804 -29.20 -17.27 -10.20
CA LEU B 804 -28.99 -16.25 -9.18
C LEU B 804 -28.01 -15.21 -9.68
N PHE B 805 -28.22 -13.97 -9.25
CA PHE B 805 -27.27 -12.90 -9.51
C PHE B 805 -27.41 -11.87 -8.41
N THR B 806 -26.27 -11.33 -7.97
CA THR B 806 -26.22 -10.38 -6.88
C THR B 806 -26.14 -8.97 -7.47
N VAL B 807 -27.10 -8.12 -7.11
CA VAL B 807 -27.10 -6.72 -7.53
C VAL B 807 -26.42 -5.92 -6.43
N LYS B 808 -25.34 -5.23 -6.80
CA LYS B 808 -24.54 -4.46 -5.85
C LYS B 808 -24.88 -2.98 -5.99
N LYS B 809 -25.04 -2.32 -4.84
CA LYS B 809 -25.40 -0.91 -4.80
C LYS B 809 -24.24 -0.08 -4.30
N SER B 810 -24.18 1.16 -4.76
CA SER B 810 -23.13 2.09 -4.36
C SER B 810 -23.56 2.88 -3.11
N LEU B 811 -22.59 3.58 -2.53
CA LEU B 811 -22.81 4.39 -1.34
C LEU B 811 -22.38 5.81 -1.62
N ARG B 812 -23.17 6.77 -1.15
CA ARG B 812 -22.92 8.19 -1.37
C ARG B 812 -23.03 8.93 -0.04
N LEU B 813 -21.90 9.14 0.61
CA LEU B 813 -21.87 9.93 1.83
C LEU B 813 -22.08 11.41 1.53
N SER B 814 -22.57 12.13 2.53
CA SER B 814 -22.80 13.56 2.40
C SER B 814 -22.32 14.25 3.68
N CYS B 815 -22.01 15.54 3.54
CA CYS B 815 -21.48 16.31 4.68
C CYS B 815 -21.89 17.76 4.46
N THR B 816 -22.92 18.19 5.17
CA THR B 816 -23.42 19.56 5.06
C THR B 816 -22.80 20.41 6.16
N ALA B 817 -22.28 21.57 5.78
CA ALA B 817 -21.65 22.50 6.71
C ALA B 817 -22.60 23.68 6.94
N SER B 818 -22.79 24.04 8.20
CA SER B 818 -23.68 25.13 8.58
C SER B 818 -22.90 26.18 9.34
N GLY B 819 -23.26 27.44 9.14
CA GLY B 819 -22.61 28.54 9.83
C GLY B 819 -21.16 28.74 9.44
N ALA B 820 -20.85 28.66 8.15
CA ALA B 820 -19.48 28.83 7.68
C ALA B 820 -19.51 29.43 6.29
N ILE B 821 -18.40 30.07 5.92
CA ILE B 821 -18.20 30.50 4.55
C ILE B 821 -17.63 29.30 3.80
N PHE B 822 -18.52 28.43 3.30
CA PHE B 822 -18.12 27.14 2.78
C PHE B 822 -17.21 27.26 1.56
N SER B 823 -17.20 28.42 0.91
CA SER B 823 -16.42 28.59 -0.31
C SER B 823 -14.92 28.71 -0.05
N THR B 824 -14.50 28.83 1.20
CA THR B 824 -13.10 29.05 1.55
C THR B 824 -12.44 27.84 2.20
N TYR B 825 -13.13 26.70 2.25
CA TYR B 825 -12.65 25.54 2.99
C TYR B 825 -12.18 24.46 2.04
N ASP B 826 -11.10 23.77 2.44
CA ASP B 826 -10.64 22.57 1.73
C ASP B 826 -11.27 21.37 2.40
N VAL B 827 -12.51 21.09 1.99
CA VAL B 827 -13.25 19.97 2.57
C VAL B 827 -12.59 18.66 2.17
N SER B 828 -12.74 17.66 3.03
CA SER B 828 -12.05 16.39 2.85
C SER B 828 -12.83 15.28 3.53
N TRP B 829 -12.49 14.05 3.19
CA TRP B 829 -13.10 12.87 3.78
C TRP B 829 -12.01 11.97 4.31
N TYR B 830 -12.06 11.66 5.61
CA TYR B 830 -11.15 10.73 6.24
C TYR B 830 -11.91 9.49 6.67
N ARG B 831 -11.21 8.37 6.76
CA ARG B 831 -11.79 7.15 7.27
C ARG B 831 -10.83 6.51 8.27
N GLN B 832 -11.40 5.95 9.34
CA GLN B 832 -10.63 5.30 10.40
C GLN B 832 -11.15 3.88 10.54
N ALA B 833 -10.52 2.94 9.83
CA ALA B 833 -10.88 1.55 9.97
C ALA B 833 -10.58 1.07 11.38
N PRO B 834 -11.34 0.09 11.88
CA PRO B 834 -11.11 -0.38 13.25
C PRO B 834 -9.67 -0.86 13.45
N GLU B 835 -9.10 -0.51 14.59
CA GLU B 835 -7.74 -0.88 14.95
C GLU B 835 -6.71 -0.27 14.01
N LYS B 836 -7.04 0.82 13.33
CA LYS B 836 -6.13 1.49 12.42
C LYS B 836 -6.30 3.00 12.57
N PRO B 837 -5.27 3.77 12.25
CA PRO B 837 -5.40 5.23 12.30
C PRO B 837 -6.26 5.76 11.16
N ARG B 838 -6.81 6.95 11.38
CA ARG B 838 -7.62 7.58 10.34
C ARG B 838 -6.72 7.99 9.18
N GLU B 839 -7.19 7.70 7.96
CA GLU B 839 -6.42 7.96 6.75
C GLU B 839 -7.26 8.80 5.80
N LEU B 840 -6.61 9.74 5.13
CA LEU B 840 -7.29 10.57 4.15
C LEU B 840 -7.86 9.69 3.04
N VAL B 841 -9.11 9.93 2.68
CA VAL B 841 -9.77 9.23 1.59
C VAL B 841 -9.82 10.09 0.33
N ALA B 842 -10.24 11.34 0.47
CA ALA B 842 -10.28 12.27 -0.64
C ALA B 842 -10.31 13.68 -0.10
N ILE B 843 -9.96 14.64 -0.95
CA ILE B 843 -9.95 16.04 -0.57
C ILE B 843 -10.17 16.88 -1.82
N ILE B 844 -11.04 17.88 -1.70
CA ILE B 844 -11.29 18.84 -2.76
C ILE B 844 -11.03 20.23 -2.20
N THR B 845 -10.02 20.91 -2.72
CA THR B 845 -9.63 22.20 -2.20
C THR B 845 -10.64 23.27 -2.62
N ARG B 846 -10.53 24.45 -2.00
CA ARG B 846 -11.45 25.53 -2.33
C ARG B 846 -11.34 25.96 -3.78
N GLY B 847 -10.21 25.70 -4.42
CA GLY B 847 -10.06 25.94 -5.84
C GLY B 847 -10.59 24.83 -6.72
N GLY B 848 -11.11 23.75 -6.13
CA GLY B 848 -11.65 22.64 -6.87
C GLY B 848 -10.69 21.52 -7.14
N ASN B 849 -9.40 21.71 -6.90
CA ASN B 849 -8.44 20.64 -7.12
C ASN B 849 -8.78 19.44 -6.24
N THR B 850 -8.78 18.25 -6.83
CA THR B 850 -9.23 17.05 -6.16
C THR B 850 -8.09 16.05 -6.08
N HIS B 851 -7.95 15.41 -4.92
CA HIS B 851 -6.96 14.38 -4.68
C HIS B 851 -7.62 13.19 -4.00
N TYR B 852 -7.15 11.99 -4.33
CA TYR B 852 -7.69 10.76 -3.78
C TYR B 852 -6.55 9.90 -3.25
N ALA B 853 -6.85 9.14 -2.19
CA ALA B 853 -5.90 8.16 -1.71
C ALA B 853 -5.69 7.07 -2.76
N ASP B 854 -4.47 6.54 -2.81
CA ASP B 854 -4.14 5.57 -3.84
C ASP B 854 -5.06 4.37 -3.79
N THR B 855 -5.60 4.05 -2.62
CA THR B 855 -6.46 2.88 -2.47
C THR B 855 -7.90 3.13 -2.87
N VAL B 856 -8.28 4.37 -3.18
CA VAL B 856 -9.66 4.70 -3.51
C VAL B 856 -9.71 5.49 -4.81
N LYS B 857 -8.57 5.64 -5.47
CA LYS B 857 -8.55 6.38 -6.73
C LYS B 857 -9.49 5.71 -7.74
N GLY B 858 -10.29 6.53 -8.41
CA GLY B 858 -11.25 6.00 -9.39
C GLY B 858 -12.51 5.42 -8.78
N ARG B 859 -12.36 4.59 -7.75
CA ARG B 859 -13.53 4.01 -7.09
C ARG B 859 -14.36 5.09 -6.40
N PHE B 860 -13.71 6.03 -5.71
CA PHE B 860 -14.39 7.08 -4.98
C PHE B 860 -14.30 8.39 -5.74
N THR B 861 -15.37 9.19 -5.66
CA THR B 861 -15.41 10.50 -6.28
C THR B 861 -15.95 11.51 -5.27
N ILE B 862 -15.22 12.60 -5.08
CA ILE B 862 -15.58 13.64 -4.12
C ILE B 862 -15.96 14.90 -4.89
N SER B 863 -17.07 15.50 -4.50
CA SER B 863 -17.53 16.75 -5.10
C SER B 863 -18.05 17.65 -3.99
N ARG B 864 -18.10 18.95 -4.27
CA ARG B 864 -18.60 19.94 -3.35
C ARG B 864 -19.59 20.84 -4.06
N ASP B 865 -20.60 21.30 -3.32
CA ASP B 865 -21.61 22.21 -3.82
C ASP B 865 -21.63 23.43 -2.91
N ASN B 866 -20.94 24.49 -3.33
CA ASN B 866 -20.87 25.69 -2.49
C ASN B 866 -22.25 26.30 -2.27
N ALA B 867 -23.17 26.12 -3.22
CA ALA B 867 -24.51 26.64 -3.05
C ALA B 867 -25.23 25.92 -1.91
N LYS B 868 -25.22 24.59 -1.93
CA LYS B 868 -25.84 23.81 -0.86
C LYS B 868 -24.94 23.64 0.35
N LYS B 869 -23.66 24.02 0.23
CA LYS B 869 -22.71 23.87 1.34
C LYS B 869 -22.62 22.42 1.78
N THR B 870 -22.48 21.51 0.82
CA THR B 870 -22.39 20.09 1.07
C THR B 870 -21.17 19.51 0.39
N VAL B 871 -20.69 18.39 0.93
CA VAL B 871 -19.60 17.63 0.36
C VAL B 871 -20.05 16.19 0.24
N ASN B 872 -19.88 15.60 -0.93
CA ASN B 872 -20.36 14.25 -1.21
C ASN B 872 -19.21 13.36 -1.60
N LEU B 873 -19.23 12.12 -1.10
CA LEU B 873 -18.26 11.09 -1.48
C LEU B 873 -19.04 9.97 -2.15
N GLN B 874 -18.93 9.88 -3.48
CA GLN B 874 -19.59 8.84 -4.25
C GLN B 874 -18.69 7.62 -4.23
N MET B 875 -19.04 6.63 -3.41
CA MET B 875 -18.24 5.43 -3.23
C MET B 875 -18.79 4.33 -4.12
N ASN B 876 -17.96 3.82 -5.02
CA ASN B 876 -18.33 2.76 -5.94
C ASN B 876 -17.33 1.62 -5.83
N SER B 877 -17.78 0.43 -6.21
CA SER B 877 -16.97 -0.78 -6.12
C SER B 877 -16.45 -0.96 -4.70
N LEU B 878 -17.37 -0.82 -3.74
CA LEU B 878 -17.02 -1.00 -2.33
C LEU B 878 -16.49 -2.41 -2.10
N LYS B 879 -15.49 -2.51 -1.24
CA LYS B 879 -14.89 -3.77 -0.85
C LYS B 879 -14.74 -3.81 0.66
N PRO B 880 -14.59 -5.00 1.25
CA PRO B 880 -14.57 -5.08 2.71
C PRO B 880 -13.53 -4.18 3.36
N GLU B 881 -12.43 -3.89 2.67
CA GLU B 881 -11.44 -2.96 3.21
C GLU B 881 -12.01 -1.56 3.40
N ASP B 882 -13.08 -1.22 2.68
CA ASP B 882 -13.68 0.11 2.82
C ASP B 882 -14.53 0.24 4.07
N THR B 883 -14.75 -0.84 4.81
CA THR B 883 -15.50 -0.76 6.06
C THR B 883 -14.70 0.04 7.08
N ALA B 884 -15.25 1.17 7.53
CA ALA B 884 -14.57 2.05 8.47
C ALA B 884 -15.55 3.14 8.87
N VAL B 885 -15.10 4.01 9.77
CA VAL B 885 -15.83 5.20 10.16
C VAL B 885 -15.30 6.35 9.33
N TYR B 886 -16.17 6.96 8.53
CA TYR B 886 -15.77 8.01 7.60
C TYR B 886 -16.03 9.37 8.22
N TYR B 887 -15.00 10.21 8.24
CA TYR B 887 -15.05 11.51 8.88
C TYR B 887 -14.93 12.61 7.83
N CYS B 888 -15.89 13.52 7.82
CA CYS B 888 -15.81 14.71 7.01
C CYS B 888 -14.94 15.74 7.72
N HIS B 889 -14.10 16.42 6.96
CA HIS B 889 -13.19 17.43 7.50
C HIS B 889 -13.25 18.68 6.65
N ALA B 890 -13.32 19.83 7.32
CA ALA B 890 -13.31 21.13 6.66
C ALA B 890 -12.17 21.94 7.25
N GLY B 891 -11.27 22.40 6.39
CA GLY B 891 -10.13 23.17 6.85
C GLY B 891 -9.68 24.19 5.83
N VAL B 892 -9.53 25.44 6.25
CA VAL B 892 -9.02 26.48 5.37
C VAL B 892 -7.52 26.30 5.17
N GLN B 893 -7.00 26.93 4.13
CA GLN B 893 -5.59 26.85 3.80
C GLN B 893 -5.10 28.24 3.45
N GLY B 894 -4.16 28.75 4.24
CA GLY B 894 -3.68 30.11 4.08
C GLY B 894 -3.85 30.89 5.37
N ALA B 895 -2.87 31.74 5.70
CA ALA B 895 -2.92 32.48 6.95
C ALA B 895 -4.06 33.48 6.97
N MET B 896 -4.52 33.97 5.82
CA MET B 896 -5.58 34.97 5.81
C MET B 896 -6.88 34.40 6.35
N LEU B 897 -7.14 33.11 6.11
CA LEU B 897 -8.41 32.50 6.47
C LEU B 897 -8.46 32.06 7.93
N GLY B 898 -7.33 32.00 8.62
CA GLY B 898 -7.30 31.69 10.03
C GLY B 898 -7.16 30.21 10.31
N PRO B 899 -7.19 29.84 11.59
CA PRO B 899 -7.00 28.45 11.99
C PRO B 899 -8.31 27.65 12.00
N ARG B 900 -9.05 27.71 10.90
CA ARG B 900 -10.34 27.04 10.82
C ARG B 900 -10.11 25.56 10.50
N ASN B 901 -10.40 24.70 11.46
CA ASN B 901 -10.20 23.26 11.32
C ASN B 901 -11.34 22.56 12.04
N TYR B 902 -12.24 21.95 11.28
CA TYR B 902 -13.45 21.34 11.82
C TYR B 902 -13.54 19.89 11.38
N TRP B 903 -13.96 19.03 12.30
CA TRP B 903 -14.12 17.61 12.06
C TRP B 903 -15.56 17.21 12.27
N GLY B 904 -16.06 16.33 11.40
CA GLY B 904 -17.38 15.78 11.59
C GLY B 904 -17.39 14.70 12.65
N GLN B 905 -18.59 14.39 13.14
CA GLN B 905 -18.73 13.39 14.18
C GLN B 905 -18.28 12.02 13.67
N GLY B 906 -18.61 11.70 12.43
CA GLY B 906 -18.25 10.43 11.84
C GLY B 906 -19.47 9.57 11.58
N THR B 907 -19.41 8.81 10.48
CA THR B 907 -20.48 7.91 10.10
C THR B 907 -19.89 6.55 9.78
N GLN B 908 -20.64 5.50 10.13
CA GLN B 908 -20.18 4.13 9.96
C GLN B 908 -20.55 3.63 8.56
N VAL B 909 -19.56 3.07 7.86
CA VAL B 909 -19.77 2.45 6.56
C VAL B 909 -19.31 1.00 6.68
N THR B 910 -20.21 0.06 6.40
CA THR B 910 -19.91 -1.35 6.47
C THR B 910 -20.35 -2.03 5.18
N VAL B 911 -19.52 -2.94 4.67
CA VAL B 911 -19.80 -3.65 3.44
C VAL B 911 -19.40 -5.11 3.61
N SER B 912 -20.24 -6.01 3.10
CA SER B 912 -19.98 -7.44 3.20
C SER B 912 -19.82 -7.86 4.66
#